data_8QOG
#
_entry.id   8QOG
#
loop_
_entity.id
_entity.type
_entity.pdbx_description
1 polymer 'ORM2 isoform 1'
2 polymer 'Serine palmitoyltransferase 1'
3 polymer 'Serine palmitoyltransferase 2'
4 polymer 'Serine palmitoyltransferase-regulating protein TSC3'
5 non-polymer ~{N}-[(2~{S},3~{S},4~{R})-1,3,4-tris(oxidanyl)octadecan-2-yl]heptacosanamide
6 non-polymer "PYRIDOXAL-5'-PHOSPHATE"
7 non-polymer '2-{[(4-O-alpha-D-glucopyranosyl-alpha-D-glucopyranosyl)oxy]methyl}-4-{[(3beta,9beta,14beta,17beta,25R)-spirost-5-en-3-yl]oxy}butyl 4-O-alpha-D-glucopyranosyl-alpha-D-glucopyranoside'
#
loop_
_entity_poly.entity_id
_entity_poly.type
_entity_poly.pdbx_seq_one_letter_code
_entity_poly.pdbx_strand_id
1 'polypeptide(L)'
;MIDRTKNESPAFEESPLTPNVSNLKPFPSQSNKISTPVTDHRRRRAAAVISHVEQETFEDENDQQMLPNMNATWVDQRGA
WLIHIVVIVLLRLFYSLFGSTPKWTWTLTNMTYIIGFYIMFHLVKGTPFDFNGGAYDNLTMWEQINDETLYTPTRKFLLI
VPIVLFLISNQYYRNDMTLFLSNLAVTVLIGVVPKLGITHRLRISIPGITGRAQIS
;
A
2 'polypeptide(L)'
;MAHIPEVLPDYKDHDGDYKDHDIDYKDDDDKKSIPIPAFIVTTSSYLWYYFNLVLTQIPGGQFIVSYIKKSHHDDPYRTT
VEIGLILYGIIYYLSKPQQKKSLQAQKPNLSPQEIDALIEDWEPEPLVDPSATDEQSWRVAKTPVTMEMPIQNHITITRN
NLQEKYTNVFNLASNNFLQLSATEPVKEVVKTTIKNYGVGACGPAGFYGNQDVHYTLEYDLAQFFGTQGSVLYGQDFCAA
PSVLPAFTKRGDVIVADDQVSLPVQNALQLSRSTVYYFNHNDMNSLECLLNELTEQEKLEKLPAIPRKFIVTEGIFHNSG
DLAPLPELTKLKNKYKFRLFVDETFSIGVLGATGRGLSEHFNMDRATAIDITVGSMATALGSTGGFVLGDSVMCLHQRIG
SNAYCFSACLPAYTVTSVSKVLKLMDSNNDAVQTLQKLSKSLHDSFASDDSLRSYVIVTSSPVSAVLHLQLTPAYRSRKF
GYTCEQLFETMSALQKKSQTNKFIEPYEEEEKFLQSIVDHALINYNVLITRNTIVLKQETLPIVPSLKICCNAAMSPEEL
KNACESVKQSILACCQESNK
;
B
3 'polypeptide(L)'
;MSTPANYTRVPLCEPEELPDDIQKENEYGTLDSPGHLYQVKSRHGKPLPEPVVDTPPYYISLLTYLNYLILIILGHVHDF
LGMTFQKNKHLDLLEHDGLAPWFSNFESFYVRRIKMRIDDCFSRPTTGVPGRFIRCIDRISHNINEYFTYSGAVYPCMNL
SSYNYLGFAQSKGQCTDAALESVDKYSIQSGGPRAQIGTTDLHIKAEKLVARFIGKEDALVFSMGYGTNANLFNAFLDKK
CLVISDELNHTSIRTGVRLSGAAVRTFKHGDMVGLEKLIREQIVLGQPKTNRPWKKILICAEGLFSMEGTLCNLPKLVEL
KKKYKCYLFIDEAHSIGAMGPTGRGVCEIFGVDPKDVDILMGTFTKSFGAAGGYIAADQWIIDRLRLDLTTVSYSESMPA
PVLAQTISSLQTISGEICPGQGTERLQRIAFNSRYLRLALQRLGFIVYGVADSPVIPLLLYCPSKMPAFSRMMLQRRIAV
VVVAYPATPLIESRVRFCMSASLTKEDIDYLLRHVSEVGDKLNLKSNSGKSSYDGKRQRWDIEEVIRRTPEDCKDDKYFV
N
;
C
4 'polypeptide(L)' MTQHKSSMVYIPTTKEAKRRNGKSEGILNTIEEVVEKLYWTYYIHLPFYLMASFDSFFLHVFFLTIFSLSFFGILKYCFL D
#
# COMPACT_ATOMS: atom_id res chain seq x y z
N PRO A 37 -26.71 3.41 15.87
CA PRO A 37 -25.58 3.19 14.96
C PRO A 37 -25.64 4.10 13.74
N VAL A 38 -24.50 4.67 13.36
CA VAL A 38 -24.43 5.54 12.18
C VAL A 38 -23.98 4.79 10.94
N THR A 39 -23.55 3.54 11.05
CA THR A 39 -23.14 2.74 9.91
C THR A 39 -24.00 1.50 9.72
N ASP A 40 -24.28 0.76 10.81
CA ASP A 40 -25.12 -0.43 10.79
C ASP A 40 -24.54 -1.47 9.82
N HIS A 41 -23.37 -1.95 10.19
CA HIS A 41 -22.68 -3.03 9.46
C HIS A 41 -22.66 -4.25 10.37
N ARG A 42 -23.71 -5.05 10.29
CA ARG A 42 -23.87 -6.23 11.13
C ARG A 42 -24.21 -7.43 10.28
N ARG A 43 -23.81 -8.61 10.74
CA ARG A 43 -24.07 -9.87 10.07
C ARG A 43 -25.21 -10.60 10.78
N ARG A 44 -26.23 -10.98 10.03
CA ARG A 44 -27.39 -11.65 10.60
C ARG A 44 -27.23 -13.15 10.54
N ARG A 45 -27.89 -13.84 11.48
CA ARG A 45 -27.85 -15.29 11.63
C ARG A 45 -29.26 -15.84 11.80
N ALA A 46 -30.16 -15.45 10.91
CA ALA A 46 -31.55 -15.86 11.01
C ALA A 46 -31.66 -17.39 10.92
N ALA A 47 -32.60 -17.94 11.70
CA ALA A 47 -32.75 -19.38 11.83
C ALA A 47 -34.02 -19.84 11.11
N ALA A 48 -33.85 -20.70 10.12
CA ALA A 48 -34.96 -21.33 9.42
C ALA A 48 -34.43 -22.60 8.76
N VAL A 49 -35.35 -23.52 8.47
CA VAL A 49 -34.95 -24.80 7.90
C VAL A 49 -34.32 -24.59 6.52
N ILE A 50 -34.95 -23.76 5.69
CA ILE A 50 -34.46 -23.42 4.37
C ILE A 50 -34.37 -21.91 4.27
N SER A 51 -33.21 -21.40 3.83
CA SER A 51 -33.02 -19.97 3.75
C SER A 51 -32.10 -19.63 2.58
N HIS A 52 -32.02 -18.34 2.26
CA HIS A 52 -31.19 -17.84 1.18
C HIS A 52 -30.39 -16.65 1.66
N VAL A 53 -29.27 -16.39 0.99
CA VAL A 53 -28.44 -15.24 1.30
C VAL A 53 -28.97 -13.96 0.66
N GLU A 54 -29.08 -12.91 1.46
CA GLU A 54 -29.63 -11.64 0.96
C GLU A 54 -28.79 -10.97 -0.10
N GLN A 55 -29.45 -10.21 -0.96
CA GLN A 55 -28.77 -9.47 -2.01
C GLN A 55 -27.98 -8.36 -1.30
N GLU A 56 -26.76 -8.12 -1.78
CA GLU A 56 -25.89 -7.12 -1.19
C GLU A 56 -26.38 -5.71 -1.52
N THR A 57 -26.08 -4.77 -0.62
CA THR A 57 -26.47 -3.38 -0.80
C THR A 57 -25.55 -2.71 -1.82
N PHE A 58 -25.81 -1.42 -2.06
CA PHE A 58 -25.01 -0.68 -3.05
C PHE A 58 -23.56 -0.56 -2.61
N GLU A 59 -23.32 -0.24 -1.33
CA GLU A 59 -21.95 -0.11 -0.85
C GLU A 59 -21.22 -1.44 -0.88
N ASP A 60 -21.89 -2.52 -0.47
CA ASP A 60 -21.23 -3.82 -0.39
C ASP A 60 -20.97 -4.41 -1.77
N GLU A 61 -21.93 -4.30 -2.68
CA GLU A 61 -21.84 -4.99 -3.96
C GLU A 61 -21.10 -4.16 -5.00
N ASN A 62 -21.62 -2.96 -5.30
CA ASN A 62 -21.10 -2.19 -6.43
C ASN A 62 -19.70 -1.65 -6.16
N ASP A 63 -19.34 -1.44 -4.89
CA ASP A 63 -18.10 -0.75 -4.58
C ASP A 63 -17.00 -1.66 -4.02
N GLN A 64 -17.35 -2.69 -3.27
CA GLN A 64 -16.36 -3.53 -2.61
C GLN A 64 -15.95 -4.74 -3.44
N GLN A 65 -16.47 -4.88 -4.66
CA GLN A 65 -16.05 -5.94 -5.58
C GLN A 65 -15.62 -5.26 -6.88
N MET A 66 -14.38 -4.83 -6.93
CA MET A 66 -13.81 -4.12 -8.07
C MET A 66 -12.50 -4.71 -8.56
N LEU A 67 -11.66 -5.21 -7.64
CA LEU A 67 -10.36 -5.77 -7.97
C LEU A 67 -10.50 -7.27 -8.24
N PRO A 68 -9.51 -7.87 -8.92
CA PRO A 68 -9.57 -9.32 -9.18
C PRO A 68 -9.64 -10.11 -7.88
N ASN A 69 -10.41 -11.21 -7.91
CA ASN A 69 -10.64 -11.99 -6.70
C ASN A 69 -9.40 -12.76 -6.28
N MET A 70 -8.59 -13.20 -7.24
CA MET A 70 -7.35 -13.94 -6.98
C MET A 70 -7.61 -15.28 -6.31
N ASN A 71 -8.88 -15.65 -6.15
CA ASN A 71 -9.27 -16.94 -5.59
C ASN A 71 -9.93 -17.86 -6.60
N ALA A 72 -10.74 -17.31 -7.51
CA ALA A 72 -11.37 -18.08 -8.57
C ALA A 72 -10.90 -17.65 -9.95
N THR A 73 -9.88 -16.79 -10.04
CA THR A 73 -9.37 -16.37 -11.33
C THR A 73 -8.52 -17.44 -11.99
N TRP A 74 -7.88 -18.30 -11.21
CA TRP A 74 -6.98 -19.32 -11.75
C TRP A 74 -7.72 -20.43 -12.48
N VAL A 75 -9.05 -20.49 -12.39
CA VAL A 75 -9.79 -21.59 -13.01
C VAL A 75 -9.64 -21.56 -14.53
N ASP A 76 -9.71 -20.38 -15.13
CA ASP A 76 -9.59 -20.23 -16.58
C ASP A 76 -8.19 -19.74 -16.91
N GLN A 77 -7.25 -20.68 -16.99
CA GLN A 77 -5.87 -20.37 -17.31
C GLN A 77 -5.32 -21.50 -18.19
N ARG A 78 -4.00 -21.51 -18.37
CA ARG A 78 -3.35 -22.50 -19.21
C ARG A 78 -3.15 -23.79 -18.43
N GLY A 79 -3.61 -24.91 -18.98
CA GLY A 79 -3.42 -26.19 -18.35
C GLY A 79 -4.26 -26.42 -17.12
N ALA A 80 -5.37 -25.68 -16.96
CA ALA A 80 -6.23 -25.82 -15.80
C ALA A 80 -7.37 -26.81 -16.01
N TRP A 81 -7.43 -27.47 -17.16
CA TRP A 81 -8.47 -28.45 -17.43
C TRP A 81 -7.95 -29.87 -17.55
N LEU A 82 -6.68 -30.07 -17.85
CA LEU A 82 -6.09 -31.41 -17.89
C LEU A 82 -5.68 -31.92 -16.51
N ILE A 83 -5.60 -31.03 -15.51
CA ILE A 83 -5.15 -31.43 -14.19
C ILE A 83 -6.13 -32.42 -13.56
N HIS A 84 -7.42 -32.28 -13.83
CA HIS A 84 -8.39 -33.23 -13.30
C HIS A 84 -8.17 -34.63 -13.84
N ILE A 85 -7.94 -34.74 -15.15
CA ILE A 85 -7.68 -36.05 -15.77
C ILE A 85 -6.38 -36.63 -15.23
N VAL A 86 -5.34 -35.79 -15.09
CA VAL A 86 -4.07 -36.27 -14.56
C VAL A 86 -4.25 -36.79 -13.14
N VAL A 87 -5.00 -36.07 -12.32
CA VAL A 87 -5.25 -36.50 -10.95
C VAL A 87 -6.00 -37.82 -10.92
N ILE A 88 -7.01 -37.97 -11.78
CA ILE A 88 -7.77 -39.23 -11.82
C ILE A 88 -6.87 -40.39 -12.21
N VAL A 89 -6.02 -40.20 -13.22
CA VAL A 89 -5.13 -41.28 -13.66
C VAL A 89 -4.15 -41.65 -12.55
N LEU A 90 -3.57 -40.63 -11.89
CA LEU A 90 -2.62 -40.92 -10.81
C LEU A 90 -3.29 -41.64 -9.66
N LEU A 91 -4.51 -41.25 -9.30
CA LEU A 91 -5.25 -41.92 -8.23
C LEU A 91 -5.53 -43.37 -8.60
N ARG A 92 -5.93 -43.63 -9.85
CA ARG A 92 -6.19 -45.00 -10.26
C ARG A 92 -4.92 -45.84 -10.18
N LEU A 93 -3.79 -45.30 -10.64
CA LEU A 93 -2.54 -46.04 -10.57
C LEU A 93 -2.14 -46.32 -9.12
N PHE A 94 -2.27 -45.32 -8.25
CA PHE A 94 -1.90 -45.50 -6.85
C PHE A 94 -2.76 -46.55 -6.19
N TYR A 95 -4.07 -46.54 -6.44
CA TYR A 95 -4.93 -47.56 -5.86
C TYR A 95 -4.73 -48.93 -6.48
N SER A 96 -4.26 -48.99 -7.74
CA SER A 96 -3.97 -50.27 -8.36
C SER A 96 -2.67 -50.88 -7.84
N LEU A 97 -1.72 -50.05 -7.38
CA LEU A 97 -0.45 -50.58 -6.92
C LEU A 97 -0.61 -51.43 -5.67
N PHE A 98 -1.69 -51.24 -4.91
CA PHE A 98 -1.92 -52.06 -3.72
C PHE A 98 -2.22 -53.51 -4.08
N GLY A 99 -2.90 -53.75 -5.20
CA GLY A 99 -3.21 -55.09 -5.62
C GLY A 99 -4.59 -55.57 -5.20
N SER A 100 -5.60 -54.73 -5.42
CA SER A 100 -6.96 -55.08 -5.08
C SER A 100 -7.70 -55.63 -6.31
N THR A 101 -8.93 -56.08 -6.07
CA THR A 101 -9.78 -56.55 -7.15
C THR A 101 -10.20 -55.38 -8.04
N PRO A 102 -10.55 -55.64 -9.29
CA PRO A 102 -10.86 -54.54 -10.21
C PRO A 102 -12.00 -53.64 -9.76
N LYS A 103 -13.03 -54.20 -9.11
CA LYS A 103 -14.17 -53.38 -8.69
C LYS A 103 -13.75 -52.36 -7.65
N TRP A 104 -12.98 -52.79 -6.65
CA TRP A 104 -12.68 -51.93 -5.51
C TRP A 104 -11.77 -50.77 -5.90
N THR A 105 -10.86 -50.98 -6.85
CA THR A 105 -10.03 -49.88 -7.33
C THR A 105 -10.88 -48.75 -7.89
N TRP A 106 -11.83 -49.08 -8.76
CA TRP A 106 -12.68 -48.07 -9.37
C TRP A 106 -13.60 -47.42 -8.35
N THR A 107 -14.18 -48.21 -7.44
CA THR A 107 -15.03 -47.61 -6.42
C THR A 107 -14.24 -46.64 -5.56
N LEU A 108 -13.03 -47.04 -5.15
CA LEU A 108 -12.21 -46.19 -4.30
C LEU A 108 -11.82 -44.90 -5.01
N THR A 109 -11.42 -44.99 -6.28
CA THR A 109 -11.02 -43.77 -6.98
C THR A 109 -12.21 -42.84 -7.18
N ASN A 110 -13.38 -43.39 -7.52
CA ASN A 110 -14.57 -42.55 -7.66
C ASN A 110 -14.89 -41.82 -6.37
N MET A 111 -14.98 -42.56 -5.26
CA MET A 111 -15.35 -41.94 -3.99
C MET A 111 -14.31 -40.92 -3.56
N THR A 112 -13.02 -41.24 -3.70
CA THR A 112 -11.99 -40.31 -3.23
C THR A 112 -11.97 -39.05 -4.07
N TYR A 113 -12.14 -39.16 -5.39
CA TYR A 113 -12.14 -37.96 -6.22
C TYR A 113 -13.34 -37.07 -5.91
N ILE A 114 -14.53 -37.67 -5.77
CA ILE A 114 -15.72 -36.87 -5.51
C ILE A 114 -15.63 -36.22 -4.13
N ILE A 115 -15.18 -36.96 -3.12
CA ILE A 115 -15.05 -36.41 -1.78
C ILE A 115 -14.02 -35.27 -1.75
N GLY A 116 -12.89 -35.46 -2.43
CA GLY A 116 -11.89 -34.41 -2.48
C GLY A 116 -12.39 -33.15 -3.15
N PHE A 117 -13.10 -33.31 -4.28
CA PHE A 117 -13.66 -32.14 -4.96
C PHE A 117 -14.66 -31.42 -4.07
N TYR A 118 -15.53 -32.17 -3.39
CA TYR A 118 -16.51 -31.53 -2.51
C TYR A 118 -15.82 -30.80 -1.36
N ILE A 119 -14.77 -31.40 -0.78
CA ILE A 119 -14.07 -30.76 0.32
C ILE A 119 -13.38 -29.48 -0.14
N MET A 120 -12.71 -29.52 -1.29
CA MET A 120 -11.98 -28.34 -1.76
C MET A 120 -12.93 -27.22 -2.17
N PHE A 121 -14.01 -27.54 -2.86
CA PHE A 121 -14.84 -26.50 -3.47
C PHE A 121 -16.05 -26.11 -2.63
N HIS A 122 -16.88 -27.06 -2.22
CA HIS A 122 -18.20 -26.77 -1.68
C HIS A 122 -18.25 -26.68 -0.16
N LEU A 123 -17.13 -26.79 0.53
CA LEU A 123 -17.14 -26.85 1.99
C LEU A 123 -16.82 -25.50 2.64
N VAL A 124 -15.66 -24.94 2.34
CA VAL A 124 -15.22 -23.72 3.02
C VAL A 124 -16.01 -22.53 2.49
N LYS A 125 -16.27 -21.56 3.37
CA LYS A 125 -17.02 -20.35 3.04
C LYS A 125 -16.16 -19.15 3.42
N GLY A 126 -15.55 -18.53 2.43
CA GLY A 126 -14.75 -17.34 2.66
C GLY A 126 -13.56 -17.31 1.73
N THR A 127 -12.56 -16.53 2.13
CA THR A 127 -11.34 -16.34 1.37
C THR A 127 -10.13 -16.38 2.31
N PRO A 128 -9.01 -16.96 1.87
CA PRO A 128 -7.86 -17.13 2.77
C PRO A 128 -7.10 -15.85 3.09
N PHE A 129 -7.48 -14.72 2.49
CA PHE A 129 -6.81 -13.45 2.74
C PHE A 129 -7.81 -12.33 2.61
N ASP A 130 -7.68 -11.30 3.45
CA ASP A 130 -8.64 -10.21 3.47
C ASP A 130 -8.74 -9.56 2.10
N PHE A 131 -9.97 -9.37 1.64
CA PHE A 131 -10.19 -8.87 0.28
C PHE A 131 -10.34 -7.34 0.28
N ASN A 132 -11.42 -6.85 0.89
CA ASN A 132 -11.52 -5.43 1.22
C ASN A 132 -11.79 -5.24 2.70
N GLY A 133 -12.87 -5.85 3.18
CA GLY A 133 -13.21 -5.83 4.59
C GLY A 133 -13.92 -7.10 5.01
N GLY A 134 -13.90 -8.11 4.14
CA GLY A 134 -14.65 -9.32 4.36
C GLY A 134 -15.92 -9.37 3.54
N ALA A 135 -15.82 -8.97 2.27
CA ALA A 135 -17.00 -8.92 1.41
C ALA A 135 -17.43 -10.31 0.96
N TYR A 136 -16.50 -11.25 0.87
CA TYR A 136 -16.77 -12.62 0.40
C TYR A 136 -16.85 -13.62 1.54
N ASP A 137 -17.43 -13.22 2.67
CA ASP A 137 -17.49 -14.08 3.85
C ASP A 137 -18.65 -15.06 3.81
N ASN A 138 -19.51 -15.01 2.79
CA ASN A 138 -20.69 -15.86 2.73
C ASN A 138 -20.77 -16.71 1.48
N LEU A 139 -19.74 -16.71 0.63
CA LEU A 139 -19.79 -17.41 -0.65
C LEU A 139 -18.64 -18.40 -0.76
N THR A 140 -18.95 -19.60 -1.26
CA THR A 140 -17.93 -20.61 -1.52
C THR A 140 -17.23 -20.31 -2.84
N MET A 141 -16.19 -21.10 -3.13
CA MET A 141 -15.43 -20.90 -4.37
C MET A 141 -16.30 -21.17 -5.61
N TRP A 142 -17.17 -22.18 -5.53
CA TRP A 142 -18.04 -22.48 -6.66
C TRP A 142 -18.96 -21.31 -6.97
N GLU A 143 -19.41 -20.59 -5.94
CA GLU A 143 -20.23 -19.41 -6.15
C GLU A 143 -19.41 -18.18 -6.52
N GLN A 144 -18.10 -18.20 -6.31
CA GLN A 144 -17.23 -17.11 -6.73
C GLN A 144 -16.65 -17.31 -8.11
N ILE A 145 -16.81 -18.48 -8.71
CA ILE A 145 -16.27 -18.73 -10.05
C ILE A 145 -16.96 -17.83 -11.06
N ASN A 146 -16.16 -17.15 -11.88
CA ASN A 146 -16.64 -16.34 -13.00
C ASN A 146 -17.62 -15.26 -12.57
N ASP A 147 -17.39 -14.68 -11.40
CA ASP A 147 -18.14 -13.52 -10.90
C ASP A 147 -19.65 -13.81 -10.92
N GLU A 148 -20.01 -14.98 -10.39
CA GLU A 148 -21.41 -15.37 -10.22
C GLU A 148 -22.16 -15.43 -11.56
N THR A 149 -21.53 -16.06 -12.55
CA THR A 149 -22.18 -16.34 -13.82
C THR A 149 -22.61 -17.81 -13.85
N LEU A 150 -23.88 -18.05 -14.13
CA LEU A 150 -24.47 -19.36 -13.87
C LEU A 150 -23.97 -20.43 -14.84
N TYR A 151 -23.92 -20.13 -16.13
CA TYR A 151 -23.61 -21.13 -17.15
C TYR A 151 -22.43 -20.64 -18.00
N THR A 152 -21.23 -21.03 -17.60
CA THR A 152 -20.00 -20.77 -18.32
C THR A 152 -19.36 -22.07 -18.76
N PRO A 153 -18.50 -22.04 -19.79
CA PRO A 153 -17.91 -23.30 -20.28
C PRO A 153 -17.18 -24.10 -19.22
N THR A 154 -16.48 -23.43 -18.30
CA THR A 154 -15.75 -24.17 -17.27
C THR A 154 -16.70 -24.88 -16.31
N ARG A 155 -17.83 -24.26 -15.99
CA ARG A 155 -18.82 -24.93 -15.15
C ARG A 155 -19.41 -26.13 -15.87
N LYS A 156 -19.67 -25.99 -17.17
CA LYS A 156 -20.17 -27.11 -17.96
C LYS A 156 -19.18 -28.27 -17.96
N PHE A 157 -17.89 -27.97 -18.13
CA PHE A 157 -16.88 -29.01 -18.11
C PHE A 157 -16.80 -29.68 -16.74
N LEU A 158 -16.82 -28.88 -15.67
CA LEU A 158 -16.70 -29.43 -14.33
C LEU A 158 -17.94 -30.24 -13.92
N LEU A 159 -19.08 -29.97 -14.53
CA LEU A 159 -20.25 -30.83 -14.29
C LEU A 159 -20.27 -32.05 -15.18
N ILE A 160 -19.74 -31.93 -16.41
CA ILE A 160 -19.72 -33.08 -17.33
C ILE A 160 -18.75 -34.15 -16.84
N VAL A 161 -17.63 -33.73 -16.24
CA VAL A 161 -16.60 -34.71 -15.85
C VAL A 161 -17.13 -35.84 -14.96
N PRO A 162 -17.88 -35.56 -13.88
CA PRO A 162 -18.35 -36.68 -13.04
C PRO A 162 -19.24 -37.67 -13.77
N ILE A 163 -20.07 -37.19 -14.69
CA ILE A 163 -20.97 -38.11 -15.42
C ILE A 163 -20.16 -39.07 -16.27
N VAL A 164 -19.16 -38.56 -16.99
CA VAL A 164 -18.31 -39.41 -17.81
C VAL A 164 -17.52 -40.38 -16.94
N LEU A 165 -17.02 -39.90 -15.80
CA LEU A 165 -16.29 -40.77 -14.89
C LEU A 165 -17.15 -41.92 -14.41
N PHE A 166 -18.40 -41.63 -14.01
CA PHE A 166 -19.29 -42.68 -13.55
C PHE A 166 -19.62 -43.65 -14.67
N LEU A 167 -19.88 -43.13 -15.88
CA LEU A 167 -20.23 -44.01 -16.99
C LEU A 167 -19.06 -44.93 -17.35
N ILE A 168 -17.84 -44.42 -17.28
CA ILE A 168 -16.67 -45.27 -17.55
C ILE A 168 -16.50 -46.31 -16.44
N SER A 169 -16.65 -45.88 -15.18
CA SER A 169 -16.31 -46.75 -14.06
C SER A 169 -17.34 -47.83 -13.78
N ASN A 170 -18.63 -47.58 -14.10
CA ASN A 170 -19.65 -48.53 -13.67
C ASN A 170 -19.61 -49.86 -14.40
N GLN A 171 -18.79 -49.98 -15.46
CA GLN A 171 -18.72 -51.24 -16.21
C GLN A 171 -18.00 -52.35 -15.45
N TYR A 172 -17.37 -52.04 -14.32
CA TYR A 172 -16.57 -53.02 -13.59
C TYR A 172 -17.24 -53.54 -12.33
N TYR A 173 -18.38 -53.00 -11.92
CA TYR A 173 -19.11 -53.47 -10.76
C TYR A 173 -20.60 -53.57 -11.05
N ARG A 174 -20.95 -53.95 -12.28
CA ARG A 174 -22.35 -54.10 -12.64
C ARG A 174 -23.01 -55.24 -11.88
N ASN A 175 -22.28 -56.34 -11.67
CA ASN A 175 -22.86 -57.52 -11.05
C ASN A 175 -23.29 -57.25 -9.61
N ASP A 176 -22.46 -56.54 -8.85
CA ASP A 176 -22.77 -56.27 -7.44
C ASP A 176 -23.70 -55.07 -7.34
N MET A 177 -24.89 -55.29 -6.78
CA MET A 177 -25.87 -54.23 -6.70
C MET A 177 -25.56 -53.21 -5.60
N THR A 178 -24.99 -53.66 -4.48
CA THR A 178 -24.69 -52.75 -3.38
C THR A 178 -23.66 -51.69 -3.80
N LEU A 179 -22.61 -52.12 -4.49
CA LEU A 179 -21.61 -51.16 -4.97
C LEU A 179 -22.22 -50.21 -5.98
N PHE A 180 -23.09 -50.72 -6.86
CA PHE A 180 -23.76 -49.86 -7.83
C PHE A 180 -24.58 -48.78 -7.13
N LEU A 181 -25.38 -49.18 -6.15
CA LEU A 181 -26.22 -48.20 -5.44
C LEU A 181 -25.37 -47.19 -4.68
N SER A 182 -24.32 -47.65 -3.99
CA SER A 182 -23.48 -46.73 -3.24
C SER A 182 -22.79 -45.73 -4.15
N ASN A 183 -22.24 -46.20 -5.27
CA ASN A 183 -21.58 -45.30 -6.20
C ASN A 183 -22.56 -44.31 -6.82
N LEU A 184 -23.76 -44.78 -7.17
CA LEU A 184 -24.76 -43.88 -7.72
C LEU A 184 -25.16 -42.81 -6.73
N ALA A 185 -25.35 -43.19 -5.46
CA ALA A 185 -25.71 -42.21 -4.44
C ALA A 185 -24.59 -41.20 -4.24
N VAL A 186 -23.34 -41.66 -4.19
CA VAL A 186 -22.23 -40.74 -4.01
C VAL A 186 -22.11 -39.78 -5.19
N THR A 187 -22.30 -40.29 -6.41
CA THR A 187 -22.20 -39.45 -7.59
C THR A 187 -23.31 -38.41 -7.64
N VAL A 188 -24.54 -38.81 -7.31
CA VAL A 188 -25.68 -37.90 -7.50
C VAL A 188 -25.79 -36.92 -6.33
N LEU A 189 -25.81 -37.42 -5.10
CA LEU A 189 -26.08 -36.56 -3.95
C LEU A 189 -24.94 -35.62 -3.60
N ILE A 190 -23.72 -35.85 -4.12
CA ILE A 190 -22.57 -35.03 -3.79
C ILE A 190 -21.99 -34.35 -5.02
N GLY A 191 -21.89 -35.06 -6.14
CA GLY A 191 -21.22 -34.54 -7.31
C GLY A 191 -22.09 -33.84 -8.33
N VAL A 192 -23.41 -33.90 -8.16
CA VAL A 192 -24.36 -33.31 -9.12
C VAL A 192 -25.30 -32.32 -8.43
N VAL A 193 -25.86 -32.70 -7.28
CA VAL A 193 -26.86 -31.85 -6.63
C VAL A 193 -26.30 -30.48 -6.25
N PRO A 194 -25.10 -30.35 -5.66
CA PRO A 194 -24.59 -29.00 -5.36
C PRO A 194 -24.39 -28.13 -6.59
N LYS A 195 -24.24 -28.71 -7.77
CA LYS A 195 -24.07 -27.96 -9.01
C LYS A 195 -25.42 -27.95 -9.73
N LEU A 196 -26.25 -26.96 -9.39
CA LEU A 196 -27.59 -26.87 -9.96
C LEU A 196 -27.98 -25.40 -10.06
N GLY A 197 -28.95 -25.12 -10.94
CA GLY A 197 -29.52 -23.79 -10.98
C GLY A 197 -30.22 -23.43 -9.69
N ILE A 198 -31.04 -24.36 -9.18
CA ILE A 198 -31.58 -24.28 -7.82
C ILE A 198 -30.46 -24.65 -6.87
N THR A 199 -30.70 -24.48 -5.56
CA THR A 199 -29.68 -24.69 -4.53
C THR A 199 -28.46 -23.79 -4.76
N HIS A 200 -28.70 -22.60 -5.29
CA HIS A 200 -27.69 -21.56 -5.38
C HIS A 200 -27.98 -20.53 -4.29
N ARG A 201 -26.98 -20.24 -3.46
CA ARG A 201 -27.16 -19.41 -2.27
C ARG A 201 -28.24 -19.99 -1.36
N LEU A 202 -28.26 -21.31 -1.24
CA LEU A 202 -29.23 -22.02 -0.42
C LEU A 202 -28.54 -22.51 0.85
N ARG A 203 -29.19 -22.29 1.99
CA ARG A 203 -28.63 -22.68 3.28
C ARG A 203 -29.65 -23.45 4.09
N ILE A 204 -29.17 -24.44 4.84
CA ILE A 204 -29.99 -25.29 5.70
C ILE A 204 -29.40 -25.23 7.11
N SER A 205 -30.27 -25.07 8.11
CA SER A 205 -29.84 -24.85 9.49
C SER A 205 -29.74 -26.13 10.30
N ILE A 206 -29.86 -27.30 9.66
CA ILE A 206 -29.71 -28.56 10.39
C ILE A 206 -28.31 -28.70 11.01
N PRO A 207 -27.21 -28.51 10.28
CA PRO A 207 -25.89 -28.68 10.92
C PRO A 207 -25.40 -27.46 11.68
N GLY A 208 -26.13 -26.36 11.65
CA GLY A 208 -25.74 -25.16 12.37
C GLY A 208 -26.44 -23.92 11.84
N ILE A 209 -26.78 -23.00 12.73
CA ILE A 209 -27.46 -21.77 12.32
C ILE A 209 -26.47 -20.95 11.50
N THR A 210 -26.71 -20.87 10.19
CA THR A 210 -25.78 -20.19 9.30
C THR A 210 -25.98 -18.68 9.35
N GLY A 211 -24.96 -17.95 8.90
CA GLY A 211 -25.02 -16.51 8.85
C GLY A 211 -25.26 -15.99 7.45
N ARG A 212 -26.46 -15.46 7.20
CA ARG A 212 -26.84 -14.95 5.90
C ARG A 212 -26.86 -13.42 5.95
N ALA A 213 -26.19 -12.79 4.99
CA ALA A 213 -26.06 -11.34 4.92
C ALA A 213 -25.49 -10.76 6.22
N PRO B 76 -32.44 -53.18 -18.27
CA PRO B 76 -33.72 -52.61 -17.84
C PRO B 76 -33.54 -51.49 -16.80
N TYR B 77 -33.54 -51.85 -15.51
CA TYR B 77 -33.37 -50.86 -14.47
C TYR B 77 -32.00 -50.18 -14.56
N ARG B 78 -30.95 -50.95 -14.80
CA ARG B 78 -29.61 -50.38 -14.89
C ARG B 78 -29.47 -49.49 -16.12
N THR B 79 -30.06 -49.91 -17.25
CA THR B 79 -29.95 -49.13 -18.48
C THR B 79 -30.66 -47.79 -18.36
N THR B 80 -31.83 -47.77 -17.72
CA THR B 80 -32.61 -46.54 -17.63
C THR B 80 -31.86 -45.47 -16.84
N VAL B 81 -31.19 -45.86 -15.76
CA VAL B 81 -30.46 -44.89 -14.94
C VAL B 81 -29.35 -44.24 -15.75
N GLU B 82 -28.64 -45.02 -16.56
CA GLU B 82 -27.57 -44.46 -17.39
C GLU B 82 -28.11 -43.44 -18.38
N ILE B 83 -29.26 -43.72 -18.99
CA ILE B 83 -29.84 -42.80 -19.95
C ILE B 83 -30.29 -41.51 -19.26
N GLY B 84 -30.79 -41.60 -18.03
CA GLY B 84 -31.24 -40.41 -17.34
C GLY B 84 -30.14 -39.39 -17.10
N LEU B 85 -28.95 -39.87 -16.70
CA LEU B 85 -27.85 -38.95 -16.48
C LEU B 85 -27.33 -38.36 -17.79
N ILE B 86 -27.32 -39.16 -18.85
CA ILE B 86 -26.84 -38.68 -20.14
C ILE B 86 -27.75 -37.57 -20.67
N LEU B 87 -29.06 -37.75 -20.55
CA LEU B 87 -30.00 -36.78 -21.11
C LEU B 87 -29.87 -35.43 -20.42
N TYR B 88 -29.66 -35.41 -19.10
CA TYR B 88 -29.52 -34.14 -18.40
C TYR B 88 -28.22 -33.43 -18.77
N GLY B 89 -27.17 -34.20 -19.09
CA GLY B 89 -25.92 -33.57 -19.49
C GLY B 89 -26.05 -32.77 -20.78
N ILE B 90 -26.91 -33.22 -21.70
CA ILE B 90 -27.14 -32.48 -22.93
C ILE B 90 -27.90 -31.19 -22.64
N ILE B 91 -28.88 -31.25 -21.75
CA ILE B 91 -29.66 -30.05 -21.41
C ILE B 91 -28.77 -29.00 -20.76
N TYR B 92 -27.92 -29.42 -19.82
CA TYR B 92 -27.02 -28.47 -19.17
C TYR B 92 -26.02 -27.88 -20.15
N TYR B 93 -25.53 -28.68 -21.09
CA TYR B 93 -24.61 -28.16 -22.10
C TYR B 93 -25.29 -27.12 -22.98
N LEU B 94 -26.53 -27.38 -23.39
CA LEU B 94 -27.31 -26.42 -24.17
C LEU B 94 -28.15 -25.54 -23.26
N SER B 95 -27.51 -24.89 -22.29
CA SER B 95 -28.20 -24.04 -21.33
C SER B 95 -28.37 -22.65 -21.91
N LYS B 96 -28.79 -21.70 -21.06
CA LYS B 96 -28.98 -20.33 -21.50
C LYS B 96 -27.64 -19.69 -21.84
N PRO B 97 -27.70 -18.59 -22.59
CA PRO B 97 -26.50 -17.95 -23.08
C PRO B 97 -25.78 -17.19 -21.97
N GLN B 98 -25.20 -17.91 -21.01
CA GLN B 98 -24.39 -17.34 -19.94
C GLN B 98 -25.18 -16.30 -19.15
N GLN B 99 -26.20 -16.80 -18.45
CA GLN B 99 -27.06 -15.96 -17.64
C GLN B 99 -26.24 -15.15 -16.64
N LYS B 100 -26.48 -13.84 -16.61
CA LYS B 100 -25.70 -12.92 -15.81
C LYS B 100 -26.24 -12.87 -14.38
N LYS B 101 -25.74 -11.91 -13.60
CA LYS B 101 -26.18 -11.70 -12.23
C LYS B 101 -27.08 -10.48 -12.16
N SER B 102 -28.17 -10.59 -11.41
CA SER B 102 -29.12 -9.49 -11.27
C SER B 102 -28.47 -8.34 -10.53
N LEU B 103 -28.15 -7.27 -11.24
CA LEU B 103 -27.50 -6.11 -10.66
C LEU B 103 -28.55 -5.12 -10.17
N GLN B 104 -28.12 -3.95 -9.73
CA GLN B 104 -29.02 -2.94 -9.19
C GLN B 104 -29.67 -2.07 -10.26
N ALA B 105 -29.17 -2.12 -11.50
CA ALA B 105 -29.74 -1.33 -12.59
C ALA B 105 -29.86 -2.20 -13.83
N GLN B 106 -30.95 -2.02 -14.57
CA GLN B 106 -31.16 -2.77 -15.80
C GLN B 106 -32.20 -2.04 -16.65
N LYS B 107 -32.03 -2.16 -17.96
CA LYS B 107 -32.94 -1.55 -18.93
C LYS B 107 -33.21 -2.58 -20.03
N PRO B 108 -34.46 -2.73 -20.49
CA PRO B 108 -34.75 -3.73 -21.52
C PRO B 108 -34.16 -3.37 -22.87
N ASN B 109 -34.30 -4.28 -23.83
CA ASN B 109 -33.73 -4.09 -25.16
C ASN B 109 -34.45 -2.98 -25.91
N LEU B 110 -33.68 -2.27 -26.75
CA LEU B 110 -34.22 -1.23 -27.61
C LEU B 110 -33.37 -1.16 -28.87
N SER B 111 -33.89 -0.49 -29.89
CA SER B 111 -33.28 -0.52 -31.21
C SER B 111 -31.92 0.15 -31.20
N PRO B 112 -30.88 -0.49 -31.77
CA PRO B 112 -29.59 0.17 -31.91
C PRO B 112 -29.65 1.59 -32.45
N GLN B 113 -30.56 1.90 -33.38
CA GLN B 113 -30.50 3.17 -34.09
C GLN B 113 -30.77 4.36 -33.18
N GLU B 114 -31.55 4.17 -32.12
CA GLU B 114 -31.85 5.26 -31.20
C GLU B 114 -30.88 5.33 -30.02
N ILE B 115 -29.91 4.43 -29.95
CA ILE B 115 -28.91 4.50 -28.89
C ILE B 115 -28.04 5.74 -29.05
N ASP B 116 -27.65 6.05 -30.28
CA ASP B 116 -26.74 7.17 -30.52
C ASP B 116 -27.34 8.50 -30.08
N ALA B 117 -28.66 8.63 -30.08
CA ALA B 117 -29.29 9.84 -29.58
C ALA B 117 -29.01 10.04 -28.10
N LEU B 118 -29.08 8.96 -27.32
CA LEU B 118 -28.77 9.05 -25.89
C LEU B 118 -27.31 9.42 -25.67
N ILE B 119 -26.41 8.85 -26.48
CA ILE B 119 -24.99 9.17 -26.35
C ILE B 119 -24.74 10.64 -26.67
N GLU B 120 -25.37 11.15 -27.74
CA GLU B 120 -25.16 12.52 -28.16
C GLU B 120 -25.87 13.53 -27.26
N ASP B 121 -26.88 13.09 -26.49
CA ASP B 121 -27.61 14.00 -25.62
C ASP B 121 -26.99 14.13 -24.23
N TRP B 122 -25.96 13.35 -23.92
CA TRP B 122 -25.36 13.40 -22.60
C TRP B 122 -24.53 14.68 -22.45
N GLU B 123 -24.69 15.33 -21.30
CA GLU B 123 -23.95 16.55 -20.98
C GLU B 123 -23.34 16.41 -19.59
N PRO B 124 -22.02 16.29 -19.47
CA PRO B 124 -21.41 16.13 -18.16
C PRO B 124 -21.19 17.46 -17.47
N GLU B 125 -20.76 17.38 -16.21
CA GLU B 125 -20.48 18.54 -15.38
C GLU B 125 -18.99 18.85 -15.39
N PRO B 126 -18.61 20.08 -15.05
CA PRO B 126 -17.19 20.43 -14.97
C PRO B 126 -16.48 19.61 -13.89
N LEU B 127 -15.18 19.39 -14.10
CA LEU B 127 -14.41 18.59 -13.16
C LEU B 127 -14.39 19.21 -11.77
N VAL B 128 -14.20 20.52 -11.68
CA VAL B 128 -14.21 21.24 -10.42
C VAL B 128 -15.04 22.50 -10.60
N ASP B 129 -15.84 22.84 -9.58
CA ASP B 129 -16.74 23.99 -9.68
C ASP B 129 -15.95 25.28 -9.52
N PRO B 130 -15.95 26.17 -10.51
CA PRO B 130 -15.25 27.47 -10.38
C PRO B 130 -16.13 28.64 -9.95
N SER B 131 -17.39 28.39 -9.57
CA SER B 131 -18.31 29.48 -9.28
C SER B 131 -17.87 30.29 -8.06
N ALA B 132 -17.52 29.60 -6.98
CA ALA B 132 -17.25 30.25 -5.70
C ALA B 132 -15.77 30.43 -5.41
N THR B 133 -14.90 30.24 -6.41
CA THR B 133 -13.47 30.39 -6.19
C THR B 133 -13.10 31.81 -5.82
N ASP B 134 -13.68 32.80 -6.51
CA ASP B 134 -13.32 34.19 -6.29
C ASP B 134 -13.68 34.66 -4.89
N GLU B 135 -14.86 34.28 -4.40
CA GLU B 135 -15.31 34.75 -3.10
C GLU B 135 -14.56 34.07 -1.95
N GLN B 136 -14.06 32.85 -2.17
CA GLN B 136 -13.36 32.10 -1.14
C GLN B 136 -11.85 32.16 -1.28
N SER B 137 -11.33 33.06 -2.13
CA SER B 137 -9.91 33.11 -2.42
C SER B 137 -9.13 34.02 -1.48
N TRP B 138 -9.79 34.66 -0.51
CA TRP B 138 -9.08 35.52 0.43
C TRP B 138 -8.21 34.74 1.41
N ARG B 139 -8.42 33.43 1.55
CA ARG B 139 -7.62 32.65 2.47
C ARG B 139 -6.18 32.49 1.97
N VAL B 140 -6.01 32.37 0.65
CA VAL B 140 -4.68 32.16 0.09
C VAL B 140 -3.83 33.41 0.22
N ALA B 141 -4.42 34.58 -0.03
CA ALA B 141 -3.67 35.83 0.02
C ALA B 141 -3.24 36.22 1.43
N LYS B 142 -3.79 35.59 2.46
CA LYS B 142 -3.49 35.91 3.85
C LYS B 142 -2.48 34.95 4.48
N THR B 143 -1.93 34.03 3.71
CA THR B 143 -0.99 33.06 4.26
C THR B 143 0.40 33.68 4.36
N PRO B 144 1.01 33.68 5.54
CA PRO B 144 2.35 34.27 5.68
C PRO B 144 3.43 33.35 5.12
N VAL B 145 4.46 33.96 4.54
CA VAL B 145 5.56 33.24 3.91
C VAL B 145 6.86 33.72 4.53
N THR B 146 7.66 32.78 5.03
CA THR B 146 8.96 33.10 5.61
C THR B 146 9.99 33.31 4.49
N MET B 147 10.91 34.25 4.73
CA MET B 147 11.87 34.68 3.70
C MET B 147 13.28 34.32 4.14
N GLU B 148 13.78 33.18 3.64
CA GLU B 148 15.19 32.82 3.72
C GLU B 148 15.72 32.79 5.16
N MET B 149 14.96 32.15 6.04
CA MET B 149 15.38 31.93 7.42
C MET B 149 14.52 30.83 8.01
N PRO B 150 15.04 30.08 8.99
CA PRO B 150 14.24 29.05 9.63
C PRO B 150 13.12 29.65 10.47
N ILE B 151 12.09 28.83 10.69
CA ILE B 151 10.95 29.26 11.50
C ILE B 151 11.38 29.31 12.96
N GLN B 152 11.36 30.51 13.54
CA GLN B 152 11.80 30.71 14.92
C GLN B 152 10.89 31.76 15.56
N ASN B 153 11.31 32.26 16.72
CA ASN B 153 10.51 33.24 17.44
C ASN B 153 10.40 34.55 16.67
N HIS B 154 11.51 35.02 16.10
CA HIS B 154 11.54 36.26 15.34
C HIS B 154 11.79 35.94 13.88
N ILE B 155 10.87 36.36 13.01
CA ILE B 155 10.94 36.06 11.58
C ILE B 155 10.58 37.30 10.78
N THR B 156 10.95 37.27 9.50
CA THR B 156 10.58 38.29 8.53
C THR B 156 9.70 37.63 7.47
N ILE B 157 8.52 38.20 7.23
CA ILE B 157 7.51 37.56 6.39
C ILE B 157 7.07 38.51 5.29
N THR B 158 6.53 37.92 4.23
CA THR B 158 5.91 38.65 3.13
C THR B 158 4.58 38.01 2.78
N ARG B 159 3.63 38.84 2.36
CA ARG B 159 2.29 38.39 2.05
C ARG B 159 1.80 39.05 0.77
N ASN B 160 0.87 38.35 0.10
CA ASN B 160 0.18 38.81 -1.11
C ASN B 160 1.16 38.99 -2.26
N ASN B 161 1.89 37.91 -2.56
CA ASN B 161 2.86 37.88 -3.66
C ASN B 161 3.87 39.02 -3.52
N LEU B 162 4.49 39.09 -2.34
CA LEU B 162 5.54 40.06 -2.03
C LEU B 162 5.01 41.50 -2.04
N GLN B 163 3.70 41.69 -1.98
CA GLN B 163 3.16 43.05 -1.97
C GLN B 163 3.31 43.71 -0.61
N GLU B 164 3.26 42.95 0.48
CA GLU B 164 3.47 43.53 1.81
C GLU B 164 4.55 42.74 2.54
N LYS B 165 5.39 43.45 3.29
CA LYS B 165 6.52 42.83 3.96
C LYS B 165 6.62 43.35 5.40
N TYR B 166 6.83 42.44 6.34
CA TYR B 166 6.99 42.79 7.75
C TYR B 166 8.27 42.17 8.28
N THR B 167 8.98 42.94 9.11
CA THR B 167 10.28 42.54 9.64
C THR B 167 10.25 42.56 11.16
N ASN B 168 10.94 41.60 11.78
CA ASN B 168 11.04 41.49 13.23
C ASN B 168 9.66 41.34 13.87
N VAL B 169 9.00 40.24 13.53
CA VAL B 169 7.64 39.95 13.98
C VAL B 169 7.69 38.84 15.02
N PHE B 170 7.14 39.11 16.20
CA PHE B 170 7.00 38.06 17.20
C PHE B 170 6.01 37.01 16.72
N ASN B 171 6.33 35.75 16.97
CA ASN B 171 5.58 34.61 16.44
C ASN B 171 4.91 33.86 17.57
N LEU B 172 3.65 33.45 17.34
CA LEU B 172 2.94 32.61 18.30
C LEU B 172 2.16 31.51 17.59
N ALA B 173 2.65 31.01 16.45
CA ALA B 173 1.92 30.05 15.65
C ALA B 173 2.81 28.90 15.20
N SER B 174 3.73 28.46 16.04
CA SER B 174 4.65 27.37 15.72
C SER B 174 4.35 26.17 16.63
N ASN B 175 4.20 24.99 16.02
CA ASN B 175 3.90 23.79 16.78
C ASN B 175 5.09 23.24 17.54
N ASN B 176 6.31 23.63 17.18
CA ASN B 176 7.49 23.15 17.87
C ASN B 176 7.54 23.71 19.29
N PHE B 177 7.58 22.83 20.28
CA PHE B 177 7.51 23.21 21.68
C PHE B 177 8.86 23.16 22.39
N LEU B 178 9.56 22.03 22.33
CA LEU B 178 10.81 21.89 23.06
C LEU B 178 11.93 22.70 22.43
N GLN B 179 11.94 22.84 21.11
CA GLN B 179 12.98 23.57 20.37
C GLN B 179 14.36 23.00 20.62
N LEU B 180 14.45 21.69 20.85
CA LEU B 180 15.73 21.02 21.08
C LEU B 180 16.39 20.54 19.80
N SER B 181 15.73 20.66 18.66
CA SER B 181 16.27 20.19 17.39
C SER B 181 17.15 21.22 16.69
N ALA B 182 17.22 22.44 17.21
CA ALA B 182 18.05 23.48 16.62
C ALA B 182 19.39 23.64 17.33
N THR B 183 19.69 22.79 18.32
CA THR B 183 20.94 22.88 19.05
C THR B 183 22.10 22.35 18.21
N GLU B 184 23.31 22.67 18.64
CA GLU B 184 24.51 22.28 17.89
C GLU B 184 24.70 20.77 17.76
N PRO B 185 24.59 19.98 18.84
CA PRO B 185 24.84 18.53 18.68
C PRO B 185 23.92 17.86 17.67
N VAL B 186 22.65 18.25 17.65
CA VAL B 186 21.72 17.66 16.68
C VAL B 186 22.12 18.03 15.25
N LYS B 187 22.56 19.28 15.05
CA LYS B 187 23.01 19.69 13.73
C LYS B 187 24.24 18.90 13.30
N GLU B 188 25.18 18.68 14.22
CA GLU B 188 26.38 17.91 13.89
C GLU B 188 26.03 16.47 13.56
N VAL B 189 25.11 15.87 14.31
CA VAL B 189 24.69 14.50 14.04
C VAL B 189 24.01 14.41 12.67
N VAL B 190 23.17 15.39 12.35
CA VAL B 190 22.50 15.41 11.05
C VAL B 190 23.51 15.53 9.93
N LYS B 191 24.50 16.41 10.10
CA LYS B 191 25.52 16.58 9.06
C LYS B 191 26.32 15.31 8.86
N THR B 192 26.71 14.64 9.94
CA THR B 192 27.48 13.40 9.82
C THR B 192 26.65 12.32 9.15
N THR B 193 25.38 12.19 9.53
CA THR B 193 24.52 11.19 8.90
C THR B 193 24.34 11.47 7.42
N ILE B 194 24.15 12.74 7.05
CA ILE B 194 24.01 13.07 5.63
C ILE B 194 25.29 12.74 4.87
N LYS B 195 26.45 13.04 5.47
CA LYS B 195 27.71 12.75 4.80
C LYS B 195 27.92 11.26 4.60
N ASN B 196 27.57 10.45 5.61
CA ASN B 196 27.90 9.03 5.58
C ASN B 196 26.79 8.14 5.05
N TYR B 197 25.60 8.67 4.78
CA TYR B 197 24.48 7.81 4.41
C TYR B 197 23.73 8.31 3.18
N GLY B 198 23.75 9.60 2.93
CA GLY B 198 22.98 10.18 1.84
C GLY B 198 21.70 10.84 2.30
N VAL B 199 20.80 11.05 1.35
CA VAL B 199 19.56 11.77 1.62
C VAL B 199 18.34 10.89 1.34
N GLY B 200 18.48 9.95 0.43
CA GLY B 200 17.37 9.12 -0.04
C GLY B 200 17.48 7.70 0.46
N ALA B 201 16.34 7.12 0.84
CA ALA B 201 16.31 5.72 1.27
C ALA B 201 16.42 4.79 0.07
N CYS B 202 15.69 5.09 -1.02
CA CYS B 202 15.76 4.34 -2.27
C CYS B 202 15.44 2.85 -2.06
N GLY B 203 14.20 2.60 -1.64
CA GLY B 203 13.74 1.24 -1.49
C GLY B 203 12.52 1.12 -0.59
N PRO B 204 11.74 0.07 -0.80
CA PRO B 204 10.56 -0.18 0.04
C PRO B 204 10.98 -0.77 1.38
N ALA B 205 9.98 -1.05 2.21
CA ALA B 205 10.24 -1.56 3.56
C ALA B 205 10.86 -2.96 3.52
N GLY B 206 10.41 -3.79 2.60
CA GLY B 206 10.85 -5.19 2.58
C GLY B 206 11.96 -5.50 1.61
N PHE B 207 12.31 -4.57 0.73
CA PHE B 207 13.34 -4.78 -0.29
C PHE B 207 14.53 -3.88 0.03
N TYR B 208 15.41 -4.36 0.91
CA TYR B 208 16.67 -3.69 1.22
C TYR B 208 16.46 -2.24 1.63
N GLY B 209 15.45 -2.00 2.45
CA GLY B 209 15.10 -0.65 2.82
C GLY B 209 15.65 -0.20 4.16
N ASN B 210 15.75 -1.12 5.11
CA ASN B 210 16.21 -0.77 6.45
C ASN B 210 17.71 -0.51 6.46
N GLN B 211 18.10 0.63 7.03
CA GLN B 211 19.48 1.08 7.07
C GLN B 211 20.05 1.03 8.49
N ASP B 212 19.71 -0.04 9.22
CA ASP B 212 20.21 -0.38 10.57
C ASP B 212 20.31 0.84 11.48
N VAL B 213 19.45 1.82 11.27
CA VAL B 213 19.28 2.94 12.19
C VAL B 213 17.81 2.99 12.57
N HIS B 214 16.97 2.46 11.69
CA HIS B 214 15.55 2.31 12.01
C HIS B 214 15.37 1.33 13.17
N TYR B 215 16.14 0.24 13.18
CA TYR B 215 16.08 -0.69 14.30
C TYR B 215 16.50 -0.03 15.61
N THR B 216 17.57 0.76 15.56
CA THR B 216 18.02 1.47 16.76
C THR B 216 16.97 2.45 17.25
N LEU B 217 16.33 3.18 16.33
CA LEU B 217 15.28 4.12 16.72
C LEU B 217 14.09 3.38 17.34
N GLU B 218 13.70 2.25 16.76
CA GLU B 218 12.60 1.48 17.31
C GLU B 218 12.93 1.00 18.72
N TYR B 219 14.14 0.48 18.92
CA TYR B 219 14.55 0.02 20.25
C TYR B 219 14.56 1.17 21.24
N ASP B 220 15.07 2.34 20.83
CA ASP B 220 15.12 3.48 21.72
C ASP B 220 13.72 3.94 22.11
N LEU B 221 12.80 4.00 21.15
CA LEU B 221 11.43 4.38 21.47
C LEU B 221 10.78 3.40 22.43
N ALA B 222 10.95 2.09 22.16
CA ALA B 222 10.36 1.08 23.02
C ALA B 222 10.91 1.16 24.44
N GLN B 223 12.22 1.39 24.58
CA GLN B 223 12.81 1.47 25.91
C GLN B 223 12.41 2.77 26.61
N PHE B 224 12.28 3.87 25.88
CA PHE B 224 11.97 5.15 26.50
C PHE B 224 10.54 5.22 26.97
N PHE B 225 9.60 4.73 26.16
CA PHE B 225 8.18 4.86 26.50
C PHE B 225 7.65 3.67 27.28
N GLY B 226 8.51 2.73 27.67
CA GLY B 226 8.09 1.63 28.52
C GLY B 226 7.14 0.65 27.89
N THR B 227 7.37 0.28 26.63
CA THR B 227 6.52 -0.69 25.95
C THR B 227 7.36 -1.84 25.39
N GLN B 228 6.75 -2.72 24.60
CA GLN B 228 7.45 -3.86 24.04
C GLN B 228 7.96 -3.63 22.63
N GLY B 229 7.35 -2.73 21.87
CA GLY B 229 7.78 -2.48 20.51
C GLY B 229 7.07 -1.30 19.90
N SER B 230 7.66 -0.80 18.82
CA SER B 230 7.12 0.34 18.09
C SER B 230 7.35 0.15 16.60
N VAL B 231 6.47 0.74 15.80
CA VAL B 231 6.54 0.67 14.35
C VAL B 231 6.54 2.10 13.81
N LEU B 232 7.43 2.37 12.86
CA LEU B 232 7.57 3.69 12.27
C LEU B 232 6.64 3.86 11.07
N TYR B 233 6.35 5.12 10.75
CA TYR B 233 5.48 5.45 9.63
C TYR B 233 5.98 6.75 9.00
N GLY B 234 5.88 6.81 7.67
CA GLY B 234 6.45 7.94 6.95
C GLY B 234 5.80 9.26 7.27
N GLN B 235 4.46 9.28 7.38
CA GLN B 235 3.72 10.50 7.65
C GLN B 235 2.72 10.26 8.76
N ASP B 236 2.54 11.28 9.61
CA ASP B 236 1.64 11.14 10.75
C ASP B 236 0.18 11.16 10.33
N PHE B 237 -0.17 11.91 9.28
CA PHE B 237 -1.55 11.99 8.83
C PHE B 237 -2.06 10.67 8.25
N CYS B 238 -1.15 9.75 7.90
CA CYS B 238 -1.53 8.47 7.30
C CYS B 238 -1.16 7.30 8.21
N ALA B 239 -1.17 7.52 9.52
CA ALA B 239 -0.89 6.47 10.49
C ALA B 239 -2.17 5.86 11.07
N ALA B 240 -3.06 6.69 11.60
CA ALA B 240 -4.33 6.18 12.11
C ALA B 240 -5.19 5.52 11.05
N PRO B 241 -5.37 6.06 9.84
CA PRO B 241 -6.19 5.36 8.83
C PRO B 241 -5.56 4.08 8.30
N SER B 242 -4.34 3.72 8.72
CA SER B 242 -3.69 2.52 8.22
C SER B 242 -3.61 1.40 9.26
N VAL B 243 -3.70 1.72 10.55
CA VAL B 243 -3.60 0.70 11.59
C VAL B 243 -4.97 0.22 12.04
N LEU B 244 -5.95 1.13 12.16
CA LEU B 244 -7.27 0.72 12.62
C LEU B 244 -7.98 -0.21 11.64
N PRO B 245 -8.01 0.03 10.33
CA PRO B 245 -8.65 -0.94 9.42
C PRO B 245 -8.00 -2.30 9.41
N ALA B 246 -6.73 -2.41 9.81
CA ALA B 246 -6.05 -3.69 9.75
C ALA B 246 -6.55 -4.66 10.82
N PHE B 247 -7.14 -4.14 11.90
CA PHE B 247 -7.58 -4.97 13.02
C PHE B 247 -9.10 -5.02 13.16
N THR B 248 -9.84 -4.48 12.19
CA THR B 248 -11.30 -4.49 12.26
C THR B 248 -11.88 -4.86 10.90
N LYS B 249 -13.07 -5.43 10.93
CA LYS B 249 -13.80 -5.81 9.72
C LYS B 249 -15.29 -5.75 10.03
N ARG B 250 -16.11 -6.19 9.08
CA ARG B 250 -17.55 -6.20 9.29
C ARG B 250 -17.92 -7.17 10.40
N GLY B 251 -18.86 -6.76 11.25
CA GLY B 251 -19.27 -7.56 12.39
C GLY B 251 -18.65 -7.18 13.70
N ASP B 252 -17.79 -6.17 13.73
CA ASP B 252 -17.14 -5.71 14.96
C ASP B 252 -17.88 -4.50 15.51
N VAL B 253 -17.48 -4.10 16.72
CA VAL B 253 -18.11 -2.98 17.42
C VAL B 253 -17.02 -1.98 17.80
N ILE B 254 -17.26 -0.71 17.48
CA ILE B 254 -16.36 0.38 17.83
C ILE B 254 -17.16 1.47 18.50
N VAL B 255 -16.71 1.90 19.69
CA VAL B 255 -17.33 2.99 20.44
C VAL B 255 -16.33 4.13 20.48
N ALA B 256 -16.72 5.29 19.95
CA ALA B 256 -15.83 6.42 19.80
C ALA B 256 -16.48 7.69 20.34
N ASP B 257 -15.64 8.60 20.82
CA ASP B 257 -16.11 9.88 21.32
C ASP B 257 -16.62 10.74 20.16
N ASP B 258 -17.47 11.71 20.49
CA ASP B 258 -18.08 12.58 19.48
C ASP B 258 -17.28 13.85 19.25
N GLN B 259 -15.96 13.83 19.52
CA GLN B 259 -15.12 15.00 19.29
C GLN B 259 -13.77 14.63 18.69
N VAL B 260 -13.67 13.49 18.01
CA VAL B 260 -12.42 13.03 17.43
C VAL B 260 -12.05 13.91 16.24
N SER B 261 -10.80 13.79 15.78
CA SER B 261 -10.29 14.62 14.71
C SER B 261 -10.58 13.99 13.35
N LEU B 262 -10.15 14.69 12.29
CA LEU B 262 -10.43 14.22 10.93
C LEU B 262 -9.76 12.89 10.60
N PRO B 263 -8.47 12.67 10.89
CA PRO B 263 -7.88 11.34 10.58
C PRO B 263 -8.59 10.20 11.28
N VAL B 264 -9.05 10.40 12.51
CA VAL B 264 -9.80 9.36 13.20
C VAL B 264 -11.12 9.09 12.49
N GLN B 265 -11.77 10.14 12.00
CA GLN B 265 -13.01 9.96 11.24
C GLN B 265 -12.77 9.19 9.96
N ASN B 266 -11.67 9.49 9.26
CA ASN B 266 -11.33 8.74 8.05
C ASN B 266 -11.05 7.29 8.36
N ALA B 267 -10.34 7.02 9.46
CA ALA B 267 -10.08 5.64 9.86
C ALA B 267 -11.38 4.90 10.18
N LEU B 268 -12.30 5.56 10.88
CA LEU B 268 -13.57 4.94 11.20
C LEU B 268 -14.38 4.65 9.93
N GLN B 269 -14.35 5.58 8.97
CA GLN B 269 -15.08 5.36 7.72
C GLN B 269 -14.48 4.20 6.93
N LEU B 270 -13.15 4.10 6.90
CA LEU B 270 -12.50 3.01 6.17
C LEU B 270 -12.51 1.70 6.93
N SER B 271 -12.87 1.70 8.22
CA SER B 271 -12.84 0.48 9.00
C SER B 271 -13.91 -0.53 8.56
N ARG B 272 -15.07 -0.05 8.10
CA ARG B 272 -16.21 -0.89 7.74
C ARG B 272 -16.66 -1.74 8.93
N SER B 273 -17.09 -1.06 9.98
CA SER B 273 -17.57 -1.72 11.19
C SER B 273 -18.58 -0.82 11.87
N THR B 274 -19.36 -1.41 12.77
CA THR B 274 -20.40 -0.66 13.48
C THR B 274 -19.77 0.38 14.40
N VAL B 275 -20.28 1.60 14.35
CA VAL B 275 -19.74 2.73 15.10
C VAL B 275 -20.83 3.34 15.95
N TYR B 276 -20.54 3.56 17.23
CA TYR B 276 -21.42 4.27 18.14
C TYR B 276 -20.72 5.53 18.66
N TYR B 277 -21.52 6.47 19.16
CA TYR B 277 -21.01 7.72 19.68
C TYR B 277 -21.60 7.98 21.06
N PHE B 278 -20.76 8.48 21.97
CA PHE B 278 -21.19 8.85 23.31
C PHE B 278 -20.79 10.30 23.58
N ASN B 279 -21.39 10.87 24.62
CA ASN B 279 -21.21 12.30 24.90
C ASN B 279 -19.76 12.59 25.29
N HIS B 280 -19.34 13.83 25.03
CA HIS B 280 -17.97 14.25 25.26
C HIS B 280 -17.66 14.24 26.74
N ASN B 281 -16.80 13.31 27.17
CA ASN B 281 -16.34 13.20 28.55
C ASN B 281 -17.52 13.06 29.52
N ASP B 282 -18.27 11.98 29.32
CA ASP B 282 -19.42 11.67 30.18
C ASP B 282 -19.37 10.17 30.46
N MET B 283 -19.10 9.81 31.72
CA MET B 283 -18.91 8.40 32.06
C MET B 283 -20.24 7.65 32.14
N ASN B 284 -21.33 8.33 32.51
CA ASN B 284 -22.61 7.65 32.60
C ASN B 284 -23.08 7.13 31.25
N SER B 285 -22.94 7.94 30.19
CA SER B 285 -23.33 7.51 28.87
C SER B 285 -22.51 6.32 28.39
N LEU B 286 -21.18 6.38 28.62
CA LEU B 286 -20.33 5.27 28.23
C LEU B 286 -20.70 3.99 28.98
N GLU B 287 -20.95 4.10 30.29
CA GLU B 287 -21.33 2.94 31.07
C GLU B 287 -22.64 2.35 30.59
N CYS B 288 -23.64 3.19 30.33
CA CYS B 288 -24.93 2.70 29.86
C CYS B 288 -24.81 2.03 28.49
N LEU B 289 -24.06 2.65 27.58
CA LEU B 289 -23.88 2.06 26.25
C LEU B 289 -23.18 0.71 26.34
N LEU B 290 -22.11 0.63 27.14
CA LEU B 290 -21.41 -0.63 27.28
C LEU B 290 -22.29 -1.71 27.90
N ASN B 291 -23.08 -1.34 28.90
CA ASN B 291 -23.97 -2.31 29.54
C ASN B 291 -25.00 -2.84 28.55
N GLU B 292 -25.62 -1.94 27.78
CA GLU B 292 -26.63 -2.38 26.81
C GLU B 292 -26.02 -3.28 25.74
N LEU B 293 -24.84 -2.90 25.23
CA LEU B 293 -24.20 -3.71 24.21
C LEU B 293 -23.83 -5.09 24.75
N THR B 294 -23.30 -5.14 25.98
CA THR B 294 -22.93 -6.42 26.57
C THR B 294 -24.15 -7.31 26.78
N GLU B 295 -25.25 -6.72 27.27
CA GLU B 295 -26.46 -7.51 27.47
C GLU B 295 -26.99 -8.06 26.14
N GLN B 296 -27.01 -7.23 25.10
CA GLN B 296 -27.48 -7.70 23.81
C GLN B 296 -26.58 -8.82 23.26
N GLU B 297 -25.26 -8.65 23.39
CA GLU B 297 -24.34 -9.66 22.90
C GLU B 297 -24.50 -10.97 23.66
N LYS B 298 -24.69 -10.89 24.98
CA LYS B 298 -24.92 -12.10 25.77
C LYS B 298 -26.22 -12.78 25.37
N LEU B 299 -27.27 -12.00 25.10
CA LEU B 299 -28.54 -12.59 24.68
C LEU B 299 -28.44 -13.23 23.30
N GLU B 300 -27.60 -12.68 22.41
CA GLU B 300 -27.52 -13.20 21.05
C GLU B 300 -26.93 -14.61 21.01
N LYS B 301 -26.05 -14.96 21.95
CA LYS B 301 -25.39 -16.26 22.00
C LYS B 301 -24.61 -16.54 20.71
N LEU B 302 -23.62 -15.69 20.46
CA LEU B 302 -22.80 -15.83 19.27
C LEU B 302 -21.80 -16.98 19.42
N PRO B 303 -21.48 -17.67 18.33
CA PRO B 303 -20.46 -18.73 18.41
C PRO B 303 -19.08 -18.24 18.81
N ALA B 304 -18.71 -17.01 18.44
CA ALA B 304 -17.40 -16.46 18.73
C ALA B 304 -17.54 -15.03 19.21
N ILE B 305 -16.52 -14.56 19.91
CA ILE B 305 -16.51 -13.21 20.48
C ILE B 305 -15.93 -12.27 19.43
N PRO B 306 -16.68 -11.25 19.00
CA PRO B 306 -16.13 -10.28 18.04
C PRO B 306 -15.15 -9.32 18.72
N ARG B 307 -14.39 -8.62 17.90
CA ARG B 307 -13.41 -7.66 18.39
C ARG B 307 -14.11 -6.35 18.74
N LYS B 308 -13.69 -5.75 19.86
CA LYS B 308 -14.28 -4.52 20.36
C LYS B 308 -13.17 -3.54 20.70
N PHE B 309 -13.49 -2.25 20.56
CA PHE B 309 -12.50 -1.19 20.77
C PHE B 309 -13.18 0.05 21.35
N ILE B 310 -12.37 0.89 21.98
CA ILE B 310 -12.79 2.20 22.45
C ILE B 310 -11.81 3.23 21.90
N VAL B 311 -12.34 4.27 21.27
CA VAL B 311 -11.53 5.25 20.54
C VAL B 311 -11.64 6.60 21.24
N THR B 312 -10.49 7.20 21.52
CA THR B 312 -10.41 8.53 22.14
C THR B 312 -9.04 9.11 21.82
N GLU B 313 -8.68 10.20 22.50
CA GLU B 313 -7.36 10.79 22.33
C GLU B 313 -7.00 11.55 23.60
N GLY B 314 -5.70 11.80 23.76
CA GLY B 314 -5.19 12.43 24.96
C GLY B 314 -5.61 13.88 25.11
N ILE B 315 -5.11 14.74 24.22
CA ILE B 315 -5.50 16.15 24.18
C ILE B 315 -6.12 16.42 22.81
N PHE B 316 -7.34 16.94 22.83
CA PHE B 316 -8.07 17.15 21.59
C PHE B 316 -7.48 18.32 20.80
N HIS B 317 -7.36 18.14 19.49
CA HIS B 317 -6.79 19.18 18.63
C HIS B 317 -7.78 20.31 18.38
N ASN B 318 -9.08 20.02 18.38
CA ASN B 318 -10.08 21.05 18.11
C ASN B 318 -10.58 21.74 19.36
N SER B 319 -10.48 21.09 20.53
CA SER B 319 -10.98 21.66 21.78
C SER B 319 -9.86 21.97 22.76
N GLY B 320 -9.06 20.98 23.12
CA GLY B 320 -7.97 21.17 24.05
C GLY B 320 -8.18 20.65 25.46
N ASP B 321 -9.14 19.76 25.67
CA ASP B 321 -9.41 19.23 27.00
C ASP B 321 -8.53 18.00 27.27
N LEU B 322 -8.79 17.32 28.39
CA LEU B 322 -8.01 16.18 28.82
C LEU B 322 -8.93 14.99 29.02
N ALA B 323 -8.34 13.79 29.03
CA ALA B 323 -9.13 12.57 29.14
C ALA B 323 -8.97 11.92 30.52
N PRO B 324 -10.07 11.46 31.12
CA PRO B 324 -9.98 10.76 32.41
C PRO B 324 -9.52 9.32 32.27
N LEU B 325 -8.19 9.11 32.23
CA LEU B 325 -7.66 7.77 32.01
C LEU B 325 -8.09 6.73 33.03
N PRO B 326 -8.09 6.98 34.36
CA PRO B 326 -8.46 5.92 35.30
C PRO B 326 -9.86 5.36 35.08
N GLU B 327 -10.84 6.22 34.78
CA GLU B 327 -12.19 5.74 34.56
C GLU B 327 -12.27 4.86 33.32
N LEU B 328 -11.59 5.28 32.24
CA LEU B 328 -11.56 4.47 31.03
C LEU B 328 -10.91 3.12 31.28
N THR B 329 -9.81 3.11 32.06
CA THR B 329 -9.16 1.85 32.39
C THR B 329 -10.08 0.93 33.18
N LYS B 330 -10.78 1.48 34.17
CA LYS B 330 -11.70 0.67 34.97
C LYS B 330 -12.82 0.11 34.10
N LEU B 331 -13.38 0.93 33.21
CA LEU B 331 -14.47 0.45 32.36
C LEU B 331 -14.00 -0.62 31.38
N LYS B 332 -12.83 -0.42 30.78
CA LYS B 332 -12.33 -1.42 29.82
C LYS B 332 -11.94 -2.71 30.53
N ASN B 333 -11.53 -2.63 31.79
CA ASN B 333 -11.25 -3.85 32.54
C ASN B 333 -12.55 -4.56 32.93
N LYS B 334 -13.60 -3.78 33.23
CA LYS B 334 -14.85 -4.39 33.67
C LYS B 334 -15.61 -5.03 32.51
N TYR B 335 -15.65 -4.37 31.36
CA TYR B 335 -16.50 -4.82 30.25
C TYR B 335 -15.72 -5.49 29.13
N LYS B 336 -14.42 -5.76 29.33
CA LYS B 336 -13.60 -6.51 28.37
C LYS B 336 -13.55 -5.83 27.01
N PHE B 337 -13.00 -4.63 26.99
CA PHE B 337 -12.79 -3.86 25.77
C PHE B 337 -11.30 -3.61 25.59
N ARG B 338 -10.96 -2.80 24.57
CA ARG B 338 -9.58 -2.43 24.29
C ARG B 338 -9.52 -0.93 24.04
N LEU B 339 -8.35 -0.34 24.27
CA LEU B 339 -8.18 1.10 24.27
C LEU B 339 -7.25 1.53 23.14
N PHE B 340 -7.70 2.48 22.33
CA PHE B 340 -6.91 3.12 21.29
C PHE B 340 -6.81 4.60 21.61
N VAL B 341 -5.58 5.12 21.65
CA VAL B 341 -5.33 6.49 22.09
C VAL B 341 -4.39 7.16 21.10
N ASP B 342 -4.75 8.39 20.70
CA ASP B 342 -3.90 9.25 19.90
C ASP B 342 -3.22 10.25 20.82
N GLU B 343 -1.89 10.34 20.74
CA GLU B 343 -1.09 11.19 21.62
C GLU B 343 -0.23 12.14 20.81
N THR B 344 -0.83 12.77 19.80
CA THR B 344 -0.08 13.70 18.95
C THR B 344 0.35 14.93 19.72
N PHE B 345 -0.52 15.48 20.56
CA PHE B 345 -0.26 16.73 21.26
C PHE B 345 0.10 16.54 22.73
N SER B 346 0.19 15.30 23.21
CA SER B 346 0.49 15.06 24.62
C SER B 346 1.90 14.55 24.86
N ILE B 347 2.50 13.85 23.90
CA ILE B 347 3.85 13.34 24.08
C ILE B 347 4.84 14.49 24.04
N GLY B 348 5.70 14.56 25.06
CA GLY B 348 6.69 15.62 25.16
C GLY B 348 6.23 16.85 25.90
N VAL B 349 4.97 16.91 26.33
CA VAL B 349 4.47 18.08 27.05
C VAL B 349 3.83 17.72 28.39
N LEU B 350 3.37 16.48 28.59
CA LEU B 350 2.73 16.08 29.83
C LEU B 350 3.64 15.16 30.64
N GLY B 351 3.55 15.28 31.95
CA GLY B 351 4.35 14.48 32.85
C GLY B 351 5.56 15.24 33.37
N ALA B 352 6.15 14.69 34.44
CA ALA B 352 7.33 15.33 35.02
C ALA B 352 8.50 15.33 34.05
N THR B 353 8.69 14.23 33.32
CA THR B 353 9.75 14.13 32.34
C THR B 353 9.26 14.33 30.91
N GLY B 354 8.09 13.82 30.58
CA GLY B 354 7.55 13.96 29.24
C GLY B 354 7.25 12.63 28.58
N ARG B 355 7.04 11.59 29.40
CA ARG B 355 6.73 10.28 28.86
C ARG B 355 5.40 10.27 28.13
N GLY B 356 4.42 10.98 28.65
CA GLY B 356 3.13 11.06 28.00
C GLY B 356 2.01 11.24 29.02
N LEU B 357 0.83 10.75 28.65
CA LEU B 357 -0.35 10.89 29.51
C LEU B 357 -0.27 9.97 30.72
N SER B 358 0.34 8.79 30.57
CA SER B 358 0.39 7.84 31.68
C SER B 358 1.17 8.39 32.87
N GLU B 359 2.29 9.08 32.60
CA GLU B 359 3.07 9.66 33.69
C GLU B 359 2.29 10.73 34.44
N HIS B 360 1.37 11.41 33.76
CA HIS B 360 0.60 12.46 34.42
C HIS B 360 -0.25 11.90 35.55
N PHE B 361 -0.87 10.74 35.33
CA PHE B 361 -1.74 10.11 36.32
C PHE B 361 -1.01 9.06 37.14
N ASN B 362 0.30 8.90 36.95
CA ASN B 362 1.11 7.92 37.68
C ASN B 362 0.60 6.50 37.46
N MET B 363 0.62 6.08 36.20
CA MET B 363 0.19 4.75 35.79
C MET B 363 1.26 4.11 34.93
N ASP B 364 0.99 2.89 34.46
CA ASP B 364 1.90 2.14 33.63
C ASP B 364 1.29 1.96 32.24
N ARG B 365 2.03 2.34 31.21
CA ARG B 365 1.53 2.27 29.84
C ARG B 365 1.36 0.84 29.35
N ALA B 366 2.04 -0.12 29.98
CA ALA B 366 1.97 -1.50 29.51
C ALA B 366 0.56 -2.06 29.62
N THR B 367 -0.16 -1.76 30.70
CA THR B 367 -1.49 -2.29 30.92
C THR B 367 -2.60 -1.27 30.72
N ALA B 368 -2.31 0.03 30.86
CA ALA B 368 -3.35 1.04 30.79
C ALA B 368 -3.89 1.20 29.36
N ILE B 369 -2.99 1.29 28.38
CA ILE B 369 -3.35 1.58 27.01
C ILE B 369 -2.88 0.43 26.12
N ASP B 370 -3.75 0.00 25.20
CA ASP B 370 -3.44 -1.10 24.30
C ASP B 370 -2.82 -0.65 22.98
N ILE B 371 -3.35 0.40 22.35
CA ILE B 371 -2.78 0.94 21.12
C ILE B 371 -2.56 2.42 21.31
N THR B 372 -1.35 2.89 20.97
CA THR B 372 -0.99 4.30 21.09
C THR B 372 -0.40 4.78 19.77
N VAL B 373 -0.87 5.92 19.29
CA VAL B 373 -0.39 6.51 18.05
C VAL B 373 0.22 7.87 18.36
N GLY B 374 1.42 8.12 17.86
CA GLY B 374 2.09 9.38 18.12
C GLY B 374 2.75 9.92 16.86
N SER B 375 3.06 11.22 16.91
CA SER B 375 3.68 11.93 15.80
C SER B 375 4.99 12.56 16.26
N MET B 376 5.99 12.52 15.39
CA MET B 376 7.33 13.02 15.70
C MET B 376 7.55 14.46 15.26
N ALA B 377 6.58 15.09 14.60
CA ALA B 377 6.80 16.42 14.04
C ALA B 377 6.38 17.54 14.96
N THR B 378 5.49 17.30 15.92
CA THR B 378 4.99 18.38 16.76
C THR B 378 6.07 18.88 17.72
N ALA B 379 6.74 17.98 18.42
CA ALA B 379 7.67 18.40 19.46
C ALA B 379 9.05 17.77 19.28
N LEU B 380 9.11 16.56 18.73
CA LEU B 380 10.40 15.89 18.57
C LEU B 380 11.27 16.59 17.54
N GLY B 381 10.67 17.14 16.48
CA GLY B 381 11.38 17.97 15.55
C GLY B 381 11.70 17.36 14.20
N SER B 382 11.10 16.23 13.83
CA SER B 382 11.37 15.61 12.54
C SER B 382 10.10 14.95 12.03
N THR B 383 10.04 14.76 10.72
CA THR B 383 8.85 14.21 10.09
C THR B 383 8.72 12.71 10.38
N GLY B 384 7.47 12.24 10.42
CA GLY B 384 7.16 10.84 10.62
C GLY B 384 6.19 10.64 11.76
N GLY B 385 5.90 9.36 12.03
CA GLY B 385 5.03 9.00 13.13
C GLY B 385 5.36 7.60 13.60
N PHE B 386 4.70 7.19 14.69
CA PHE B 386 4.96 5.87 15.24
C PHE B 386 3.71 5.31 15.91
N VAL B 387 3.68 3.98 16.03
CA VAL B 387 2.62 3.26 16.71
C VAL B 387 3.26 2.31 17.71
N LEU B 388 2.81 2.36 18.96
CA LEU B 388 3.41 1.61 20.05
C LEU B 388 2.51 0.43 20.44
N GLY B 389 3.14 -0.65 20.91
CA GLY B 389 2.37 -1.79 21.36
C GLY B 389 3.27 -2.96 21.71
N ASP B 390 2.69 -4.16 21.68
CA ASP B 390 3.39 -5.38 22.03
C ASP B 390 3.92 -6.06 20.76
N SER B 391 4.51 -7.25 20.95
CA SER B 391 5.22 -7.91 19.85
C SER B 391 4.26 -8.43 18.79
N VAL B 392 3.14 -9.03 19.21
CA VAL B 392 2.23 -9.65 18.25
C VAL B 392 1.62 -8.60 17.32
N MET B 393 1.20 -7.45 17.89
CA MET B 393 0.61 -6.40 17.06
C MET B 393 1.61 -5.86 16.04
N CYS B 394 2.85 -5.63 16.47
CA CYS B 394 3.87 -5.15 15.54
C CYS B 394 4.16 -6.18 14.45
N LEU B 395 4.23 -7.45 14.83
CA LEU B 395 4.45 -8.49 13.83
C LEU B 395 3.32 -8.53 12.81
N HIS B 396 2.08 -8.37 13.25
CA HIS B 396 0.97 -8.32 12.31
C HIS B 396 1.03 -7.07 11.44
N GLN B 397 1.40 -5.93 12.02
CA GLN B 397 1.48 -4.69 11.24
C GLN B 397 2.59 -4.74 10.20
N ARG B 398 3.61 -5.58 10.41
CA ARG B 398 4.69 -5.70 9.44
C ARG B 398 4.18 -6.09 8.06
N ILE B 399 3.05 -6.79 8.00
CA ILE B 399 2.53 -7.26 6.72
C ILE B 399 1.09 -6.82 6.45
N GLY B 400 0.32 -6.43 7.47
CA GLY B 400 -1.08 -6.09 7.29
C GLY B 400 -1.39 -4.62 7.14
N SER B 401 -0.38 -3.74 7.14
CA SER B 401 -0.59 -2.32 7.01
C SER B 401 -0.31 -1.90 5.57
N ASN B 402 -1.30 -1.25 4.94
CA ASN B 402 -1.14 -0.82 3.55
C ASN B 402 -0.05 0.26 3.43
N ALA B 403 -0.02 1.20 4.37
CA ALA B 403 0.98 2.26 4.30
C ALA B 403 2.40 1.73 4.50
N TYR B 404 2.57 0.75 5.39
CA TYR B 404 3.91 0.23 5.66
C TYR B 404 4.45 -0.56 4.47
N CYS B 405 3.61 -1.40 3.86
CA CYS B 405 4.10 -2.30 2.81
C CYS B 405 4.35 -1.56 1.50
N PHE B 406 3.47 -0.62 1.15
CA PHE B 406 3.49 0.00 -0.18
C PHE B 406 4.02 1.43 -0.13
N SER B 407 5.06 1.67 0.69
CA SER B 407 5.67 2.99 0.74
C SER B 407 7.16 2.84 1.01
N ALA B 408 7.91 3.87 0.65
CA ALA B 408 9.36 3.87 0.82
C ALA B 408 9.72 4.14 2.28
N CYS B 409 10.96 3.79 2.62
CA CYS B 409 11.45 3.96 3.98
C CYS B 409 11.75 5.42 4.28
N LEU B 410 11.74 5.75 5.57
CA LEU B 410 12.04 7.09 6.02
C LEU B 410 13.55 7.35 5.90
N PRO B 411 13.95 8.60 5.63
CA PRO B 411 15.39 8.92 5.57
C PRO B 411 16.09 8.67 6.89
N ALA B 412 17.42 8.78 6.86
CA ALA B 412 18.25 8.41 7.99
C ALA B 412 18.56 9.56 8.93
N TYR B 413 18.75 10.77 8.40
CA TYR B 413 19.13 11.90 9.25
C TYR B 413 18.01 12.23 10.24
N THR B 414 16.76 12.12 9.81
CA THR B 414 15.65 12.33 10.74
C THR B 414 15.68 11.31 11.87
N VAL B 415 15.97 10.05 11.54
CA VAL B 415 16.03 9.00 12.56
C VAL B 415 17.14 9.29 13.57
N THR B 416 18.33 9.66 13.08
CA THR B 416 19.44 9.95 13.97
C THR B 416 19.15 11.17 14.84
N SER B 417 18.54 12.21 14.25
CA SER B 417 18.21 13.40 15.03
C SER B 417 17.19 13.07 16.11
N VAL B 418 16.20 12.24 15.79
CA VAL B 418 15.19 11.88 16.78
C VAL B 418 15.83 11.08 17.92
N SER B 419 16.75 10.16 17.58
CA SER B 419 17.43 9.41 18.63
C SER B 419 18.24 10.33 19.53
N LYS B 420 18.96 11.29 18.94
CA LYS B 420 19.73 12.23 19.74
C LYS B 420 18.83 13.08 20.63
N VAL B 421 17.69 13.51 20.10
CA VAL B 421 16.74 14.28 20.90
C VAL B 421 16.21 13.46 22.06
N LEU B 422 15.92 12.18 21.82
CA LEU B 422 15.47 11.31 22.90
C LEU B 422 16.54 11.18 23.98
N LYS B 423 17.80 11.00 23.58
CA LYS B 423 18.88 10.91 24.56
C LYS B 423 19.00 12.20 25.37
N LEU B 424 18.94 13.35 24.69
CA LEU B 424 19.05 14.62 25.38
C LEU B 424 17.89 14.84 26.35
N MET B 425 16.67 14.49 25.93
CA MET B 425 15.52 14.64 26.82
C MET B 425 15.62 13.72 28.02
N ASP B 426 16.16 12.52 27.82
CA ASP B 426 16.40 11.62 28.94
C ASP B 426 17.44 12.21 29.90
N SER B 427 18.46 12.88 29.36
CA SER B 427 19.54 13.39 30.20
C SER B 427 19.06 14.49 31.14
N ASN B 428 18.36 15.49 30.61
CA ASN B 428 17.93 16.64 31.41
C ASN B 428 16.50 16.99 31.06
N ASN B 429 15.79 17.59 32.02
CA ASN B 429 14.36 17.84 31.93
C ASN B 429 14.01 19.26 32.36
N ASP B 430 14.74 20.25 31.84
CA ASP B 430 14.43 21.65 32.16
C ASP B 430 13.44 22.26 31.18
N ALA B 431 13.51 21.87 29.90
CA ALA B 431 12.62 22.45 28.89
C ALA B 431 11.16 22.14 29.20
N VAL B 432 10.88 20.92 29.66
CA VAL B 432 9.50 20.56 29.99
C VAL B 432 8.97 21.43 31.13
N GLN B 433 9.80 21.65 32.16
CA GLN B 433 9.38 22.49 33.27
C GLN B 433 9.12 23.92 32.81
N THR B 434 10.01 24.47 31.98
CA THR B 434 9.80 25.83 31.49
C THR B 434 8.53 25.92 30.66
N LEU B 435 8.29 24.93 29.80
CA LEU B 435 7.09 24.94 28.96
C LEU B 435 5.83 24.87 29.81
N GLN B 436 5.83 24.01 30.85
CA GLN B 436 4.66 23.91 31.72
C GLN B 436 4.42 25.20 32.47
N LYS B 437 5.49 25.84 32.96
CA LYS B 437 5.32 27.12 33.66
C LYS B 437 4.73 28.17 32.72
N LEU B 438 5.24 28.25 31.49
CA LEU B 438 4.74 29.23 30.54
C LEU B 438 3.27 28.97 30.20
N SER B 439 2.91 27.69 29.99
CA SER B 439 1.52 27.36 29.67
C SER B 439 0.59 27.74 30.82
N LYS B 440 0.98 27.41 32.06
CA LYS B 440 0.15 27.77 33.20
C LYS B 440 0.00 29.28 33.32
N SER B 441 1.10 30.03 33.11
CA SER B 441 1.02 31.48 33.19
C SER B 441 0.08 32.04 32.14
N LEU B 442 0.17 31.53 30.90
CA LEU B 442 -0.69 32.02 29.83
C LEU B 442 -2.16 31.72 30.12
N HIS B 443 -2.45 30.51 30.59
CA HIS B 443 -3.83 30.16 30.90
C HIS B 443 -4.38 31.01 32.05
N ASP B 444 -3.56 31.26 33.07
CA ASP B 444 -4.01 32.11 34.17
C ASP B 444 -4.17 33.56 33.73
N SER B 445 -3.39 34.00 32.74
CA SER B 445 -3.54 35.36 32.23
C SER B 445 -4.84 35.52 31.44
N PHE B 446 -5.15 34.54 30.59
CA PHE B 446 -6.35 34.64 29.78
C PHE B 446 -7.60 34.06 30.44
N ALA B 447 -7.49 33.54 31.66
CA ALA B 447 -8.65 32.91 32.29
C ALA B 447 -9.37 33.86 33.25
N SER B 448 -8.64 34.76 33.89
CA SER B 448 -9.18 35.59 34.97
C SER B 448 -9.31 37.05 34.57
N ASP B 449 -9.72 37.31 33.33
CA ASP B 449 -9.97 38.67 32.85
C ASP B 449 -11.47 38.89 32.74
N ASP B 450 -11.96 39.94 33.38
CA ASP B 450 -13.40 40.20 33.44
C ASP B 450 -13.91 41.05 32.29
N SER B 451 -13.02 41.73 31.57
CA SER B 451 -13.46 42.59 30.46
C SER B 451 -13.84 41.79 29.22
N LEU B 452 -13.39 40.54 29.11
CA LEU B 452 -13.68 39.69 27.96
C LEU B 452 -14.75 38.65 28.25
N ARG B 453 -15.46 38.77 29.37
CA ARG B 453 -16.44 37.76 29.73
C ARG B 453 -17.62 37.73 28.76
N SER B 454 -18.05 38.91 28.30
CA SER B 454 -19.23 39.00 27.45
C SER B 454 -18.94 38.71 25.98
N TYR B 455 -17.68 38.52 25.60
CA TYR B 455 -17.33 38.34 24.19
C TYR B 455 -16.79 36.96 23.90
N VAL B 456 -15.74 36.51 24.60
CA VAL B 456 -15.05 35.27 24.25
C VAL B 456 -14.96 34.38 25.48
N ILE B 457 -14.72 33.09 25.23
CA ILE B 457 -14.57 32.07 26.26
C ILE B 457 -13.36 31.20 25.92
N VAL B 458 -12.83 30.56 26.97
CA VAL B 458 -11.66 29.70 26.89
C VAL B 458 -12.12 28.26 27.01
N THR B 459 -11.67 27.40 26.09
CA THR B 459 -12.06 26.00 26.06
C THR B 459 -10.85 25.07 26.15
N SER B 460 -9.80 25.49 26.85
CA SER B 460 -8.56 24.73 26.93
C SER B 460 -8.23 24.41 28.39
N SER B 461 -7.67 23.23 28.61
CA SER B 461 -7.23 22.83 29.93
C SER B 461 -5.98 23.61 30.33
N PRO B 462 -5.79 23.86 31.63
CA PRO B 462 -4.58 24.58 32.06
C PRO B 462 -3.28 23.88 31.70
N VAL B 463 -3.28 22.56 31.63
CA VAL B 463 -2.04 21.82 31.32
C VAL B 463 -1.71 21.83 29.84
N SER B 464 -2.63 22.27 28.98
CA SER B 464 -2.38 22.28 27.55
C SER B 464 -1.42 23.41 27.18
N ALA B 465 -0.61 23.16 26.15
CA ALA B 465 0.36 24.13 25.67
C ALA B 465 -0.19 25.04 24.58
N VAL B 466 -1.44 24.83 24.16
CA VAL B 466 -2.08 25.65 23.14
C VAL B 466 -3.39 26.19 23.73
N LEU B 467 -3.61 27.49 23.56
CA LEU B 467 -4.79 28.15 24.09
C LEU B 467 -5.81 28.35 22.98
N HIS B 468 -7.02 27.87 23.19
CA HIS B 468 -8.11 27.98 22.23
C HIS B 468 -9.15 28.96 22.75
N LEU B 469 -9.56 29.91 21.90
CA LEU B 469 -10.56 30.90 22.25
C LEU B 469 -11.73 30.81 21.29
N GLN B 470 -12.94 30.88 21.82
CA GLN B 470 -14.16 30.83 21.03
C GLN B 470 -15.06 32.00 21.39
N LEU B 471 -16.09 32.21 20.58
CA LEU B 471 -17.05 33.28 20.82
C LEU B 471 -18.23 32.75 21.63
N THR B 472 -18.80 33.64 22.45
CA THR B 472 -19.97 33.28 23.22
C THR B 472 -21.18 33.08 22.29
N PRO B 473 -22.05 32.11 22.58
CA PRO B 473 -23.22 31.92 21.71
C PRO B 473 -24.14 33.12 21.63
N ALA B 474 -24.25 33.89 22.72
CA ALA B 474 -25.12 35.07 22.70
C ALA B 474 -24.61 36.10 21.70
N TYR B 475 -23.30 36.36 21.69
CA TYR B 475 -22.75 37.33 20.76
C TYR B 475 -22.89 36.86 19.31
N ARG B 476 -22.64 35.58 19.08
CA ARG B 476 -22.78 35.04 17.72
C ARG B 476 -24.21 35.13 17.23
N SER B 477 -25.18 34.83 18.10
CA SER B 477 -26.58 34.97 17.72
C SER B 477 -26.96 36.43 17.50
N ARG B 478 -26.38 37.34 18.29
CA ARG B 478 -26.70 38.75 18.14
C ARG B 478 -26.17 39.31 16.82
N LYS B 479 -24.95 38.93 16.43
CA LYS B 479 -24.32 39.50 15.25
C LYS B 479 -24.69 38.73 13.97
N PHE B 480 -24.36 37.45 13.92
CA PHE B 480 -24.53 36.67 12.70
C PHE B 480 -25.87 35.96 12.61
N GLY B 481 -26.59 35.80 13.72
CA GLY B 481 -27.92 35.24 13.70
C GLY B 481 -28.00 33.79 13.24
N TYR B 482 -27.11 32.94 13.76
CA TYR B 482 -27.16 31.53 13.45
C TYR B 482 -26.59 30.75 14.64
N THR B 483 -26.90 29.46 14.68
CA THR B 483 -26.55 28.59 15.79
C THR B 483 -25.84 27.36 15.27
N CYS B 484 -25.07 26.72 16.15
CA CYS B 484 -24.24 25.59 15.75
C CYS B 484 -25.09 24.42 15.24
N GLU B 485 -26.21 24.15 15.90
CA GLU B 485 -27.06 23.02 15.48
C GLU B 485 -27.61 23.24 14.08
N GLN B 486 -28.05 24.47 13.78
CA GLN B 486 -28.58 24.75 12.45
C GLN B 486 -27.51 24.57 11.38
N LEU B 487 -26.30 25.06 11.64
CA LEU B 487 -25.20 24.88 10.70
C LEU B 487 -24.88 23.39 10.49
N PHE B 488 -24.86 22.63 11.59
CA PHE B 488 -24.56 21.21 11.49
C PHE B 488 -25.61 20.48 10.66
N GLU B 489 -26.89 20.77 10.92
CA GLU B 489 -27.94 20.07 10.19
C GLU B 489 -27.98 20.49 8.72
N THR B 490 -27.70 21.77 8.44
CA THR B 490 -27.62 22.23 7.06
C THR B 490 -26.50 21.53 6.30
N MET B 491 -25.33 21.43 6.94
CA MET B 491 -24.21 20.74 6.29
C MET B 491 -24.50 19.26 6.10
N SER B 492 -25.16 18.63 7.08
CA SER B 492 -25.51 17.22 6.94
C SER B 492 -26.48 17.00 5.79
N ALA B 493 -27.50 17.86 5.68
CA ALA B 493 -28.44 17.74 4.58
C ALA B 493 -27.76 17.95 3.23
N LEU B 494 -26.88 18.95 3.13
CA LEU B 494 -26.18 19.19 1.88
C LEU B 494 -25.29 18.01 1.50
N GLN B 495 -24.61 17.42 2.49
CA GLN B 495 -23.78 16.25 2.20
C GLN B 495 -24.63 15.05 1.79
N LYS B 496 -25.79 14.87 2.43
CA LYS B 496 -26.65 13.74 2.09
C LYS B 496 -27.22 13.87 0.68
N LYS B 497 -27.64 15.07 0.28
CA LYS B 497 -28.19 15.27 -1.05
C LYS B 497 -27.13 15.32 -2.14
N SER B 498 -25.85 15.40 -1.76
CA SER B 498 -24.73 15.42 -2.71
C SER B 498 -24.85 16.60 -3.69
N GLN B 499 -24.89 17.80 -3.13
CA GLN B 499 -24.95 19.00 -3.94
C GLN B 499 -23.58 19.38 -4.48
N THR B 500 -23.56 19.98 -5.67
CA THR B 500 -22.30 20.38 -6.28
C THR B 500 -21.72 21.60 -5.60
N ASN B 501 -22.55 22.58 -5.27
CA ASN B 501 -22.12 23.82 -4.65
C ASN B 501 -22.54 23.84 -3.18
N LYS B 502 -21.57 24.09 -2.29
CA LYS B 502 -21.80 24.13 -0.85
C LYS B 502 -21.22 25.43 -0.31
N PHE B 503 -22.08 26.45 -0.18
CA PHE B 503 -21.67 27.76 0.30
C PHE B 503 -22.63 28.22 1.39
N ILE B 504 -22.08 28.68 2.51
CA ILE B 504 -22.87 29.18 3.63
C ILE B 504 -22.33 30.55 4.02
N GLU B 505 -23.23 31.52 4.16
CA GLU B 505 -22.86 32.92 4.35
C GLU B 505 -22.38 33.24 5.78
N PRO B 506 -23.15 32.93 6.83
CA PRO B 506 -22.70 33.32 8.18
C PRO B 506 -21.36 32.72 8.58
N TYR B 507 -21.07 31.50 8.15
CA TYR B 507 -19.77 30.91 8.44
C TYR B 507 -18.64 31.72 7.80
N GLU B 508 -18.83 32.13 6.54
CA GLU B 508 -17.83 32.96 5.88
C GLU B 508 -17.68 34.31 6.57
N GLU B 509 -18.79 34.90 7.02
CA GLU B 509 -18.72 36.17 7.72
C GLU B 509 -17.94 36.04 9.03
N GLU B 510 -18.18 34.97 9.78
CA GLU B 510 -17.45 34.76 11.03
C GLU B 510 -15.96 34.55 10.76
N GLU B 511 -15.63 33.77 9.73
CA GLU B 511 -14.23 33.58 9.39
C GLU B 511 -13.56 34.89 8.99
N LYS B 512 -14.28 35.73 8.23
CA LYS B 512 -13.73 37.03 7.85
C LYS B 512 -13.52 37.91 9.08
N PHE B 513 -14.45 37.86 10.04
CA PHE B 513 -14.28 38.64 11.26
C PHE B 513 -13.04 38.21 12.04
N LEU B 514 -12.85 36.89 12.18
CA LEU B 514 -11.68 36.40 12.89
C LEU B 514 -10.39 36.79 12.17
N GLN B 515 -10.38 36.68 10.84
CA GLN B 515 -9.21 37.10 10.07
C GLN B 515 -8.94 38.58 10.22
N SER B 516 -10.01 39.39 10.29
CA SER B 516 -9.84 40.82 10.52
C SER B 516 -9.20 41.09 11.88
N ILE B 517 -9.62 40.35 12.90
CA ILE B 517 -9.00 40.50 14.23
C ILE B 517 -7.51 40.17 14.15
N VAL B 518 -7.19 39.06 13.49
CA VAL B 518 -5.79 38.63 13.40
C VAL B 518 -4.95 39.67 12.66
N ASP B 519 -5.49 40.18 11.54
CA ASP B 519 -4.76 41.17 10.75
C ASP B 519 -4.57 42.47 11.53
N HIS B 520 -5.60 42.88 12.28
CA HIS B 520 -5.48 44.09 13.09
C HIS B 520 -4.37 43.93 14.13
N ALA B 521 -4.34 42.79 14.82
CA ALA B 521 -3.30 42.56 15.81
C ALA B 521 -1.92 42.57 15.17
N LEU B 522 -1.77 41.87 14.04
CA LEU B 522 -0.47 41.78 13.38
C LEU B 522 0.01 43.15 12.91
N ILE B 523 -0.89 43.95 12.32
CA ILE B 523 -0.49 45.25 11.80
C ILE B 523 -0.14 46.20 12.93
N ASN B 524 -0.97 46.25 13.98
CA ASN B 524 -0.78 47.26 15.02
C ASN B 524 0.38 46.92 15.95
N TYR B 525 0.57 45.65 16.30
CA TYR B 525 1.52 45.32 17.36
C TYR B 525 2.61 44.35 16.94
N ASN B 526 2.71 44.02 15.65
CA ASN B 526 3.78 43.16 15.13
C ASN B 526 3.82 41.82 15.85
N VAL B 527 2.65 41.26 16.14
CA VAL B 527 2.51 39.96 16.77
C VAL B 527 1.68 39.08 15.86
N LEU B 528 2.20 37.89 15.55
CA LEU B 528 1.54 36.95 14.66
C LEU B 528 0.89 35.85 15.47
N ILE B 529 -0.43 35.68 15.28
CA ILE B 529 -1.18 34.60 15.88
C ILE B 529 -1.97 33.91 14.78
N THR B 530 -2.34 32.66 15.03
CA THR B 530 -2.95 31.81 14.01
C THR B 530 -4.45 31.69 14.23
N ARG B 531 -5.12 31.19 13.21
CA ARG B 531 -6.54 30.90 13.23
C ARG B 531 -6.75 29.45 12.81
N ASN B 532 -7.71 28.78 13.44
CA ASN B 532 -7.97 27.37 13.13
C ASN B 532 -8.39 27.22 11.68
N THR B 533 -7.57 26.51 10.90
CA THR B 533 -7.82 26.29 9.49
C THR B 533 -8.47 24.91 9.32
N ILE B 534 -9.75 24.92 8.96
CA ILE B 534 -10.51 23.69 8.76
C ILE B 534 -11.28 23.78 7.45
N VAL B 535 -11.62 22.61 6.92
CA VAL B 535 -12.44 22.50 5.72
C VAL B 535 -13.78 21.92 6.15
N LEU B 536 -14.84 22.73 6.05
CA LEU B 536 -16.15 22.31 6.56
C LEU B 536 -16.77 21.20 5.73
N LYS B 537 -16.37 21.06 4.47
CA LYS B 537 -16.95 20.01 3.63
C LYS B 537 -16.58 18.62 4.14
N GLN B 538 -15.34 18.45 4.61
CA GLN B 538 -14.85 17.14 5.03
C GLN B 538 -15.28 16.77 6.44
N GLU B 539 -15.80 17.71 7.22
CA GLU B 539 -16.16 17.44 8.60
C GLU B 539 -17.50 16.72 8.68
N THR B 540 -17.59 15.79 9.63
CA THR B 540 -18.83 15.04 9.89
C THR B 540 -19.47 15.39 11.23
N LEU B 541 -18.70 15.89 12.18
CA LEU B 541 -19.17 16.24 13.51
C LEU B 541 -19.20 17.75 13.69
N PRO B 542 -20.04 18.25 14.60
CA PRO B 542 -20.15 19.71 14.77
C PRO B 542 -18.84 20.35 15.16
N ILE B 543 -18.62 21.57 14.66
CA ILE B 543 -17.41 22.33 14.93
C ILE B 543 -17.68 23.79 14.60
N VAL B 544 -16.95 24.68 15.27
CA VAL B 544 -17.11 26.12 15.07
C VAL B 544 -15.73 26.76 14.96
N PRO B 545 -15.65 27.90 14.26
CA PRO B 545 -14.35 28.60 14.15
C PRO B 545 -13.87 29.09 15.51
N SER B 546 -12.55 29.16 15.64
CA SER B 546 -11.92 29.56 16.89
C SER B 546 -10.55 30.15 16.60
N LEU B 547 -9.91 30.66 17.66
CA LEU B 547 -8.57 31.22 17.57
C LEU B 547 -7.62 30.40 18.43
N LYS B 548 -6.35 30.34 18.00
CA LYS B 548 -5.34 29.53 18.66
C LYS B 548 -4.10 30.35 18.94
N ILE B 549 -3.52 30.13 20.13
CA ILE B 549 -2.25 30.75 20.50
C ILE B 549 -1.32 29.64 21.00
N CYS B 550 -0.10 29.60 20.46
CA CYS B 550 0.86 28.56 20.78
C CYS B 550 1.99 29.12 21.64
N CYS B 551 2.79 28.21 22.20
CA CYS B 551 3.90 28.57 23.06
C CYS B 551 5.04 27.59 22.84
N ASN B 552 6.24 27.98 23.28
CA ASN B 552 7.41 27.13 23.21
C ASN B 552 8.36 27.49 24.35
N ALA B 553 9.28 26.57 24.64
CA ALA B 553 10.17 26.72 25.78
C ALA B 553 11.25 27.77 25.58
N ALA B 554 11.41 28.31 24.37
CA ALA B 554 12.50 29.24 24.10
C ALA B 554 12.16 30.69 24.38
N MET B 555 10.92 31.01 24.71
CA MET B 555 10.54 32.40 24.93
C MET B 555 10.85 32.83 26.36
N SER B 556 10.86 34.15 26.57
CA SER B 556 11.06 34.80 27.85
C SER B 556 9.72 35.28 28.41
N PRO B 557 9.57 35.26 29.74
CA PRO B 557 8.26 35.64 30.32
C PRO B 557 7.85 37.08 30.01
N GLU B 558 8.78 38.01 29.90
CA GLU B 558 8.43 39.40 29.70
C GLU B 558 7.74 39.62 28.35
N GLU B 559 8.29 39.02 27.30
CA GLU B 559 7.70 39.18 25.97
C GLU B 559 6.32 38.54 25.91
N LEU B 560 6.15 37.37 26.52
CA LEU B 560 4.83 36.74 26.54
C LEU B 560 3.83 37.57 27.33
N LYS B 561 4.27 38.15 28.45
CA LYS B 561 3.38 39.00 29.24
C LYS B 561 2.95 40.23 28.45
N ASN B 562 3.87 40.85 27.71
CA ASN B 562 3.51 41.99 26.87
C ASN B 562 2.57 41.58 25.75
N ALA B 563 2.84 40.43 25.11
CA ALA B 563 2.01 39.98 23.99
C ALA B 563 0.60 39.64 24.43
N CYS B 564 0.43 39.10 25.64
CA CYS B 564 -0.91 38.81 26.12
C CYS B 564 -1.75 40.07 26.23
N GLU B 565 -1.18 41.14 26.82
CA GLU B 565 -1.89 42.40 26.92
C GLU B 565 -2.14 43.00 25.53
N SER B 566 -1.18 42.87 24.62
CA SER B 566 -1.39 43.38 23.27
C SER B 566 -2.56 42.68 22.58
N VAL B 567 -2.63 41.34 22.71
CA VAL B 567 -3.71 40.60 22.07
C VAL B 567 -5.05 40.93 22.72
N LYS B 568 -5.07 41.11 24.05
CA LYS B 568 -6.30 41.51 24.71
C LYS B 568 -6.78 42.88 24.23
N GLN B 569 -5.85 43.83 24.09
CA GLN B 569 -6.21 45.15 23.59
C GLN B 569 -6.74 45.07 22.17
N SER B 570 -6.11 44.25 21.32
CA SER B 570 -6.59 44.10 19.96
C SER B 570 -7.98 43.50 19.92
N ILE B 571 -8.23 42.48 20.73
CA ILE B 571 -9.55 41.85 20.77
C ILE B 571 -10.61 42.85 21.23
N LEU B 572 -10.30 43.62 22.27
CA LEU B 572 -11.26 44.62 22.75
C LEU B 572 -11.51 45.70 21.70
N ALA B 573 -10.46 46.14 21.01
CA ALA B 573 -10.61 47.19 20.00
C ALA B 573 -11.43 46.72 18.82
N CYS B 574 -11.23 45.48 18.37
CA CYS B 574 -11.98 44.99 17.23
C CYS B 574 -13.47 44.88 17.52
N CYS B 575 -13.82 44.42 18.71
CA CYS B 575 -15.23 44.30 19.10
C CYS B 575 -15.77 45.64 19.58
N TYR C 7 24.03 -10.03 20.19
CA TYR C 7 23.95 -10.95 19.06
C TYR C 7 22.56 -10.95 18.44
N THR C 8 21.53 -10.83 19.29
CA THR C 8 20.15 -10.86 18.81
C THR C 8 19.78 -9.55 18.11
N ARG C 9 20.25 -8.42 18.63
CA ARG C 9 19.93 -7.12 18.06
C ARG C 9 20.88 -6.78 16.92
N VAL C 10 20.37 -6.02 15.95
CA VAL C 10 21.14 -5.62 14.77
C VAL C 10 22.23 -4.64 15.20
N PRO C 11 23.50 -4.93 14.90
CA PRO C 11 24.57 -4.03 15.34
C PRO C 11 24.60 -2.73 14.56
N LEU C 12 25.21 -1.72 15.17
CA LEU C 12 25.47 -0.43 14.53
C LEU C 12 26.86 -0.48 13.94
N CYS C 13 26.94 -0.41 12.61
CA CYS C 13 28.21 -0.62 11.91
C CYS C 13 28.94 0.70 11.72
N GLU C 14 30.19 0.74 12.15
CA GLU C 14 31.03 1.92 11.96
C GLU C 14 31.49 2.00 10.51
N PRO C 15 31.39 3.16 9.88
CA PRO C 15 31.79 3.26 8.47
C PRO C 15 33.28 3.04 8.28
N GLU C 16 33.63 2.47 7.13
CA GLU C 16 35.02 2.21 6.81
C GLU C 16 35.72 3.47 6.34
N GLU C 17 37.05 3.49 6.49
CA GLU C 17 37.88 4.59 6.05
C GLU C 17 38.52 4.21 4.72
N LEU C 18 38.22 4.98 3.68
CA LEU C 18 38.70 4.73 2.33
C LEU C 18 39.05 6.05 1.68
N PRO C 19 39.95 6.04 0.69
CA PRO C 19 40.25 7.26 -0.05
C PRO C 19 39.04 7.74 -0.85
N ASP C 20 39.09 9.03 -1.21
CA ASP C 20 37.94 9.65 -1.88
C ASP C 20 37.67 9.00 -3.24
N ASP C 21 38.73 8.72 -4.01
CA ASP C 21 38.54 8.14 -5.34
C ASP C 21 37.91 6.76 -5.26
N ILE C 22 38.34 5.95 -4.28
CA ILE C 22 37.76 4.62 -4.12
C ILE C 22 36.30 4.71 -3.74
N GLN C 23 35.95 5.66 -2.86
CA GLN C 23 34.54 5.85 -2.50
C GLN C 23 33.72 6.27 -3.70
N LYS C 24 34.25 7.18 -4.52
CA LYS C 24 33.54 7.61 -5.72
C LYS C 24 33.35 6.44 -6.68
N GLU C 25 34.36 5.59 -6.84
CA GLU C 25 34.23 4.41 -7.68
C GLU C 25 33.17 3.47 -7.12
N ASN C 26 33.12 3.31 -5.80
CA ASN C 26 32.11 2.46 -5.19
C ASN C 26 30.70 3.00 -5.43
N GLU C 27 30.53 4.31 -5.35
CA GLU C 27 29.20 4.91 -5.52
C GLU C 27 28.77 4.91 -6.99
N TYR C 28 29.55 5.58 -7.85
CA TYR C 28 29.19 5.75 -9.25
C TYR C 28 30.28 5.15 -10.13
N GLY C 29 29.86 4.45 -11.18
CA GLY C 29 30.79 3.86 -12.10
C GLY C 29 31.44 4.88 -13.01
N THR C 30 32.44 4.41 -13.76
CA THR C 30 33.19 5.25 -14.69
C THR C 30 33.06 4.70 -16.10
N LEU C 31 32.69 5.56 -17.04
CA LEU C 31 32.54 5.15 -18.43
C LEU C 31 33.90 4.78 -19.01
N ASP C 32 33.94 3.67 -19.75
CA ASP C 32 35.17 3.17 -20.36
C ASP C 32 35.37 3.64 -21.80
N SER C 33 34.36 3.44 -22.64
CA SER C 33 34.45 3.84 -24.04
C SER C 33 33.20 4.63 -24.43
N PRO C 34 33.35 5.57 -25.38
CA PRO C 34 32.18 6.37 -25.81
C PRO C 34 31.20 5.60 -26.68
N GLY C 35 31.49 4.35 -27.03
CA GLY C 35 30.63 3.55 -27.88
C GLY C 35 29.52 2.82 -27.18
N HIS C 36 29.34 3.04 -25.88
CA HIS C 36 28.30 2.37 -25.10
C HIS C 36 27.15 3.31 -24.77
N LEU C 37 26.80 4.19 -25.72
CA LEU C 37 25.73 5.16 -25.54
C LEU C 37 24.74 5.03 -26.69
N TYR C 38 23.45 5.10 -26.36
CA TYR C 38 22.39 5.00 -27.35
C TYR C 38 21.41 6.15 -27.17
N GLN C 39 20.92 6.68 -28.29
CA GLN C 39 19.92 7.74 -28.29
C GLN C 39 18.55 7.15 -28.56
N VAL C 40 17.54 7.64 -27.84
CA VAL C 40 16.18 7.12 -27.92
C VAL C 40 15.37 8.01 -28.85
N LYS C 41 14.68 7.39 -29.80
CA LYS C 41 13.82 8.09 -30.74
C LYS C 41 12.39 8.16 -30.22
N SER C 42 11.59 9.01 -30.85
CA SER C 42 10.20 9.22 -30.48
C SER C 42 9.29 8.70 -31.58
N ARG C 43 8.25 7.96 -31.19
CA ARG C 43 7.29 7.41 -32.14
C ARG C 43 6.25 8.47 -32.46
N HIS C 44 6.40 9.08 -33.64
CA HIS C 44 5.47 10.12 -34.06
C HIS C 44 4.11 9.55 -34.41
N GLY C 45 4.05 8.70 -35.43
CA GLY C 45 2.78 8.17 -35.91
C GLY C 45 2.68 6.66 -35.96
N LYS C 46 3.23 5.98 -34.95
CA LYS C 46 3.19 4.53 -34.92
C LYS C 46 2.42 4.06 -33.71
N PRO C 47 1.30 3.34 -33.88
CA PRO C 47 0.57 2.81 -32.74
C PRO C 47 1.21 1.55 -32.19
N LEU C 48 0.97 1.29 -30.91
CA LEU C 48 1.54 0.11 -30.26
C LEU C 48 0.79 -1.14 -30.67
N PRO C 49 1.44 -2.14 -31.26
CA PRO C 49 0.77 -3.42 -31.50
C PRO C 49 0.57 -4.17 -30.19
N GLU C 50 -0.39 -5.08 -30.20
CA GLU C 50 -0.67 -5.90 -29.03
C GLU C 50 0.53 -6.80 -28.75
N PRO C 51 1.06 -6.80 -27.53
CA PRO C 51 2.24 -7.62 -27.24
C PRO C 51 1.92 -9.11 -27.24
N VAL C 52 2.96 -9.90 -27.52
CA VAL C 52 2.86 -11.35 -27.55
C VAL C 52 3.65 -11.92 -26.37
N VAL C 53 3.08 -12.91 -25.70
CA VAL C 53 3.71 -13.55 -24.56
C VAL C 53 4.13 -14.96 -24.95
N ASP C 54 5.09 -15.50 -24.21
CA ASP C 54 5.62 -16.83 -24.46
C ASP C 54 5.34 -17.73 -23.26
N THR C 55 5.15 -19.01 -23.52
CA THR C 55 4.74 -19.96 -22.50
C THR C 55 5.62 -21.20 -22.52
N PRO C 56 5.79 -21.86 -21.38
CA PRO C 56 6.55 -23.10 -21.34
C PRO C 56 5.66 -24.30 -21.66
N PRO C 57 6.24 -25.48 -21.81
CA PRO C 57 5.42 -26.68 -22.05
C PRO C 57 4.50 -26.98 -20.88
N TYR C 58 3.63 -27.97 -21.09
CA TYR C 58 2.54 -28.24 -20.15
C TYR C 58 3.04 -28.85 -18.85
N TYR C 59 4.07 -29.70 -18.91
CA TYR C 59 4.46 -30.45 -17.72
C TYR C 59 4.94 -29.54 -16.60
N ILE C 60 5.48 -28.37 -16.93
CA ILE C 60 5.85 -27.40 -15.89
C ILE C 60 4.60 -26.95 -15.14
N SER C 61 3.54 -26.61 -15.87
CA SER C 61 2.30 -26.18 -15.23
C SER C 61 1.69 -27.31 -14.40
N LEU C 62 1.72 -28.53 -14.92
CA LEU C 62 1.16 -29.66 -14.16
C LEU C 62 1.94 -29.89 -12.88
N LEU C 63 3.27 -29.80 -12.94
CA LEU C 63 4.08 -29.97 -11.74
C LEU C 63 3.80 -28.86 -10.74
N THR C 64 3.62 -27.62 -11.22
CA THR C 64 3.29 -26.52 -10.32
C THR C 64 1.96 -26.78 -9.60
N TYR C 65 0.95 -27.23 -10.35
CA TYR C 65 -0.35 -27.51 -9.74
C TYR C 65 -0.23 -28.61 -8.70
N LEU C 66 0.51 -29.68 -9.01
CA LEU C 66 0.68 -30.77 -8.05
C LEU C 66 1.38 -30.30 -6.78
N ASN C 67 2.44 -29.49 -6.94
CA ASN C 67 3.15 -28.98 -5.77
C ASN C 67 2.25 -28.13 -4.90
N TYR C 68 1.46 -27.24 -5.52
CA TYR C 68 0.58 -26.39 -4.73
C TYR C 68 -0.48 -27.20 -4.01
N LEU C 69 -1.04 -28.23 -4.67
CA LEU C 69 -2.03 -29.08 -4.02
C LEU C 69 -1.43 -29.78 -2.80
N ILE C 70 -0.23 -30.35 -2.95
CA ILE C 70 0.42 -31.04 -1.84
C ILE C 70 0.66 -30.07 -0.69
N LEU C 71 1.16 -28.87 -1.00
CA LEU C 71 1.46 -27.90 0.05
C LEU C 71 0.20 -27.51 0.80
N ILE C 72 -0.89 -27.24 0.08
CA ILE C 72 -2.13 -26.82 0.73
C ILE C 72 -2.66 -27.92 1.64
N ILE C 73 -2.67 -29.16 1.14
CA ILE C 73 -3.21 -30.27 1.94
C ILE C 73 -2.39 -30.45 3.21
N LEU C 74 -1.06 -30.47 3.08
CA LEU C 74 -0.22 -30.67 4.26
C LEU C 74 -0.38 -29.53 5.25
N GLY C 75 -0.44 -28.29 4.77
CA GLY C 75 -0.61 -27.17 5.68
C GLY C 75 -1.91 -27.23 6.46
N HIS C 76 -3.01 -27.53 5.77
CA HIS C 76 -4.28 -27.61 6.46
C HIS C 76 -4.30 -28.75 7.48
N VAL C 77 -3.76 -29.91 7.12
CA VAL C 77 -3.74 -31.05 8.04
C VAL C 77 -2.92 -30.70 9.28
N HIS C 78 -1.75 -30.11 9.08
CA HIS C 78 -0.90 -29.75 10.23
C HIS C 78 -1.58 -28.71 11.11
N ASP C 79 -2.20 -27.70 10.50
CA ASP C 79 -2.88 -26.69 11.29
C ASP C 79 -3.96 -27.32 12.17
N PHE C 80 -4.81 -28.15 11.57
CA PHE C 80 -5.90 -28.77 12.33
C PHE C 80 -5.37 -29.64 13.46
N LEU C 81 -4.43 -30.55 13.14
CA LEU C 81 -3.94 -31.46 14.16
C LEU C 81 -3.23 -30.71 15.29
N GLY C 82 -2.38 -29.74 14.95
CA GLY C 82 -1.64 -29.02 15.97
C GLY C 82 -2.53 -28.20 16.87
N MET C 83 -3.50 -27.49 16.29
CA MET C 83 -4.34 -26.65 17.13
C MET C 83 -5.48 -27.43 17.78
N THR C 84 -5.65 -28.71 17.44
CA THR C 84 -6.61 -29.53 18.17
C THR C 84 -5.97 -30.32 19.31
N PHE C 85 -4.84 -30.97 19.07
CA PHE C 85 -4.27 -31.87 20.07
C PHE C 85 -3.31 -31.20 21.05
N GLN C 86 -3.01 -29.92 20.88
CA GLN C 86 -2.19 -29.21 21.85
C GLN C 86 -2.49 -27.72 21.77
N LYS C 87 -2.78 -27.10 22.91
CA LYS C 87 -3.16 -25.70 22.95
C LYS C 87 -2.16 -24.81 23.67
N ASN C 88 -1.18 -25.39 24.39
CA ASN C 88 -0.23 -24.56 25.11
C ASN C 88 0.72 -23.82 24.17
N LYS C 89 1.12 -24.45 23.08
CA LYS C 89 2.04 -23.80 22.15
C LYS C 89 1.33 -22.74 21.32
N HIS C 90 0.09 -22.98 20.92
CA HIS C 90 -0.67 -22.04 20.10
C HIS C 90 -1.56 -21.16 20.97
N LEU C 91 -0.92 -20.36 21.82
CA LEU C 91 -1.62 -19.46 22.72
C LEU C 91 -1.96 -18.12 22.09
N ASP C 92 -1.42 -17.81 20.92
CA ASP C 92 -1.66 -16.54 20.26
C ASP C 92 -2.83 -16.59 19.27
N LEU C 93 -3.44 -17.76 19.09
CA LEU C 93 -4.56 -17.90 18.16
C LEU C 93 -5.83 -18.36 18.84
N LEU C 94 -5.90 -18.29 20.17
CA LEU C 94 -7.04 -18.79 20.91
C LEU C 94 -7.57 -17.70 21.85
N GLU C 95 -8.86 -17.77 22.12
CA GLU C 95 -9.49 -16.80 23.01
C GLU C 95 -8.98 -16.99 24.44
N HIS C 96 -8.76 -15.88 25.13
CA HIS C 96 -8.24 -15.90 26.49
C HIS C 96 -8.99 -14.90 27.35
N ASP C 97 -9.50 -15.38 28.48
CA ASP C 97 -10.27 -14.60 29.47
C ASP C 97 -11.21 -13.60 28.80
N GLY C 98 -12.01 -14.11 27.85
CA GLY C 98 -13.05 -13.31 27.23
C GLY C 98 -12.58 -12.29 26.23
N LEU C 99 -11.35 -12.41 25.74
CA LEU C 99 -10.80 -11.48 24.75
C LEU C 99 -10.51 -12.22 23.45
N ALA C 100 -10.96 -11.66 22.33
CA ALA C 100 -10.71 -12.26 21.04
C ALA C 100 -9.24 -12.07 20.64
N PRO C 101 -8.70 -12.97 19.83
CA PRO C 101 -7.31 -12.81 19.37
C PRO C 101 -7.20 -11.66 18.38
N TRP C 102 -5.95 -11.23 18.16
CA TRP C 102 -5.70 -10.09 17.28
C TRP C 102 -6.11 -10.39 15.85
N PHE C 103 -5.76 -11.57 15.34
CA PHE C 103 -6.07 -11.96 13.96
C PHE C 103 -6.67 -13.36 13.95
N SER C 104 -6.99 -13.84 12.76
CA SER C 104 -7.75 -15.07 12.57
C SER C 104 -6.89 -16.16 11.96
N ASN C 105 -7.37 -17.40 12.09
CA ASN C 105 -6.67 -18.55 11.54
C ASN C 105 -6.68 -18.53 10.02
N PHE C 106 -7.86 -18.37 9.42
CA PHE C 106 -8.03 -18.60 7.99
C PHE C 106 -7.51 -17.42 7.17
N GLU C 107 -7.53 -16.21 7.74
CA GLU C 107 -7.14 -15.03 6.99
C GLU C 107 -5.63 -14.90 6.82
N SER C 108 -4.84 -15.58 7.63
CA SER C 108 -3.38 -15.50 7.58
C SER C 108 -2.76 -16.87 7.38
N PHE C 109 -3.41 -17.71 6.57
CA PHE C 109 -2.89 -19.06 6.34
C PHE C 109 -1.66 -19.03 5.43
N TYR C 110 -1.69 -18.24 4.36
CA TYR C 110 -0.61 -18.26 3.39
C TYR C 110 0.69 -17.72 3.98
N VAL C 111 0.61 -16.66 4.79
CA VAL C 111 1.82 -16.10 5.38
C VAL C 111 2.41 -17.05 6.42
N ARG C 112 1.56 -17.73 7.19
CA ARG C 112 2.04 -18.60 8.26
C ARG C 112 2.58 -19.92 7.73
N ARG C 113 1.98 -20.46 6.67
CA ARG C 113 2.28 -21.82 6.24
C ARG C 113 3.10 -21.91 4.97
N ILE C 114 3.13 -20.86 4.14
CA ILE C 114 3.83 -20.91 2.86
C ILE C 114 5.04 -19.99 2.84
N LYS C 115 4.91 -18.79 3.38
CA LYS C 115 5.97 -17.78 3.28
C LYS C 115 6.98 -17.84 4.42
N MET C 116 6.58 -18.37 5.58
CA MET C 116 7.50 -18.40 6.72
C MET C 116 8.64 -19.39 6.54
N ARG C 117 8.57 -20.27 5.54
CA ARG C 117 9.62 -21.25 5.33
C ARG C 117 10.81 -20.69 4.56
N ILE C 118 10.64 -19.56 3.87
CA ILE C 118 11.71 -18.96 3.07
C ILE C 118 11.87 -17.49 3.45
N ASP C 119 11.54 -17.17 4.70
CA ASP C 119 11.53 -15.77 5.12
C ASP C 119 12.90 -15.12 5.05
N ASP C 120 13.98 -15.91 4.96
CA ASP C 120 15.31 -15.33 4.83
C ASP C 120 15.54 -14.68 3.47
N CYS C 121 14.64 -14.90 2.50
CA CYS C 121 14.77 -14.27 1.19
C CYS C 121 14.15 -12.88 1.15
N PHE C 122 13.56 -12.41 2.24
CA PHE C 122 12.92 -11.11 2.29
C PHE C 122 13.44 -10.32 3.48
N SER C 123 13.43 -8.98 3.34
CA SER C 123 13.82 -8.06 4.41
C SER C 123 15.24 -8.31 4.87
N ARG C 124 16.19 -8.10 3.96
CA ARG C 124 17.60 -8.22 4.27
C ARG C 124 18.15 -6.87 4.72
N PRO C 125 18.67 -6.74 5.94
CA PRO C 125 19.22 -5.45 6.37
C PRO C 125 20.47 -5.09 5.59
N THR C 126 20.69 -3.78 5.43
CA THR C 126 21.83 -3.26 4.70
C THR C 126 22.42 -2.08 5.46
N THR C 127 23.43 -1.45 4.87
CA THR C 127 24.06 -0.29 5.46
C THR C 127 24.78 0.49 4.36
N GLY C 128 25.09 1.75 4.65
CA GLY C 128 25.79 2.60 3.70
C GLY C 128 24.86 3.08 2.59
N VAL C 129 25.47 3.80 1.65
CA VAL C 129 24.70 4.32 0.51
C VAL C 129 24.30 3.17 -0.41
N PRO C 130 23.09 3.17 -0.96
CA PRO C 130 22.67 2.10 -1.89
C PRO C 130 23.08 2.41 -3.33
N GLY C 131 24.40 2.43 -3.58
CA GLY C 131 24.91 2.75 -4.89
C GLY C 131 25.14 1.52 -5.76
N ARG C 132 26.24 1.53 -6.53
CA ARG C 132 26.54 0.40 -7.39
C ARG C 132 26.80 -0.87 -6.57
N PHE C 133 27.56 -0.74 -5.49
CA PHE C 133 27.83 -1.84 -4.57
C PHE C 133 27.18 -1.53 -3.22
N ILE C 134 26.38 -2.46 -2.72
CA ILE C 134 25.65 -2.27 -1.47
C ILE C 134 26.20 -3.23 -0.43
N ARG C 135 26.41 -2.73 0.78
CA ARG C 135 26.94 -3.53 1.86
C ARG C 135 25.81 -4.24 2.60
N CYS C 136 25.98 -5.54 2.84
CA CYS C 136 24.97 -6.35 3.52
C CYS C 136 25.58 -6.96 4.78
N ILE C 137 24.74 -7.06 5.81
CA ILE C 137 25.15 -7.58 7.11
C ILE C 137 24.87 -9.08 7.17
N ASP C 138 25.82 -9.83 7.73
CA ASP C 138 25.69 -11.27 7.83
C ASP C 138 24.75 -11.65 8.97
N ARG C 139 23.97 -12.72 8.76
CA ARG C 139 23.07 -13.22 9.78
C ARG C 139 22.93 -14.73 9.62
N ILE C 140 22.55 -15.38 10.71
CA ILE C 140 22.34 -16.82 10.75
C ILE C 140 20.93 -17.10 11.23
N SER C 141 20.18 -17.91 10.49
CA SER C 141 18.82 -18.23 10.85
C SER C 141 18.78 -19.37 11.85
N HIS C 142 17.83 -19.32 12.78
CA HIS C 142 17.64 -20.38 13.76
C HIS C 142 16.21 -20.91 13.66
N ASN C 143 16.03 -22.15 14.11
CA ASN C 143 14.76 -22.89 13.96
C ASN C 143 14.48 -22.93 12.46
N ILE C 144 13.28 -22.56 12.01
CA ILE C 144 13.00 -22.38 10.59
C ILE C 144 12.60 -20.91 10.39
N ASN C 145 13.60 -20.06 10.17
CA ASN C 145 13.41 -18.62 9.97
C ASN C 145 12.53 -18.02 11.07
N GLU C 146 12.74 -18.45 12.31
CA GLU C 146 12.02 -17.89 13.44
C GLU C 146 12.72 -16.65 13.99
N TYR C 147 13.99 -16.79 14.33
CA TYR C 147 14.81 -15.65 14.76
C TYR C 147 16.19 -15.78 14.12
N PHE C 148 16.96 -14.70 14.25
CA PHE C 148 18.26 -14.58 13.61
C PHE C 148 19.33 -14.14 14.60
N THR C 149 20.55 -14.59 14.36
CA THR C 149 21.71 -14.21 15.15
C THR C 149 22.66 -13.41 14.27
N TYR C 150 23.08 -12.26 14.74
CA TYR C 150 23.88 -11.32 13.97
C TYR C 150 25.31 -11.26 14.51
N SER C 151 26.27 -11.17 13.59
CA SER C 151 27.67 -11.01 13.93
C SER C 151 28.22 -9.77 13.23
N GLY C 152 29.36 -9.29 13.71
CA GLY C 152 29.96 -8.08 13.17
C GLY C 152 30.71 -8.31 11.88
N ALA C 153 30.00 -8.57 10.79
CA ALA C 153 30.62 -8.78 9.49
C ALA C 153 29.70 -8.24 8.41
N VAL C 154 30.27 -7.42 7.52
CA VAL C 154 29.53 -6.83 6.40
C VAL C 154 30.31 -7.09 5.12
N TYR C 155 29.59 -7.42 4.05
CA TYR C 155 30.24 -7.69 2.78
C TYR C 155 29.55 -6.96 1.65
N PRO C 156 30.29 -6.55 0.62
CA PRO C 156 29.67 -5.87 -0.52
C PRO C 156 29.03 -6.83 -1.50
N CYS C 157 28.02 -6.34 -2.20
CA CYS C 157 27.31 -7.12 -3.20
C CYS C 157 26.86 -6.20 -4.32
N MET C 158 26.73 -6.77 -5.52
CA MET C 158 26.24 -6.01 -6.67
C MET C 158 24.77 -5.66 -6.49
N ASN C 159 24.43 -4.41 -6.81
CA ASN C 159 23.10 -3.88 -6.56
C ASN C 159 22.23 -4.07 -7.80
N LEU C 160 21.17 -4.87 -7.66
CA LEU C 160 20.18 -5.05 -8.73
C LEU C 160 18.77 -5.10 -8.17
N SER C 161 18.55 -4.44 -7.02
CA SER C 161 17.24 -4.51 -6.37
C SER C 161 16.82 -3.16 -5.77
N SER C 162 17.41 -2.05 -6.22
CA SER C 162 17.15 -0.74 -5.65
C SER C 162 16.58 0.19 -6.71
N TYR C 163 15.70 1.09 -6.28
CA TYR C 163 15.07 2.06 -7.17
C TYR C 163 16.02 3.23 -7.37
N ASN C 164 17.05 2.99 -8.18
CA ASN C 164 18.05 4.00 -8.53
C ASN C 164 18.23 3.93 -10.04
N TYR C 165 17.45 4.72 -10.77
CA TYR C 165 17.46 4.64 -12.23
C TYR C 165 18.53 5.51 -12.87
N LEU C 166 18.81 6.69 -12.30
CA LEU C 166 19.77 7.61 -12.88
C LEU C 166 21.02 7.79 -12.03
N GLY C 167 21.18 6.99 -10.97
CA GLY C 167 22.36 7.05 -10.15
C GLY C 167 22.54 8.36 -9.39
N PHE C 168 21.47 8.88 -8.80
CA PHE C 168 21.53 10.11 -8.03
C PHE C 168 21.73 9.87 -6.54
N ALA C 169 21.81 8.62 -6.10
CA ALA C 169 22.04 8.29 -4.69
C ALA C 169 23.54 8.29 -4.43
N GLN C 170 24.08 9.50 -4.26
CA GLN C 170 25.51 9.68 -4.05
C GLN C 170 25.74 10.54 -2.81
N SER C 171 26.91 10.37 -2.20
CA SER C 171 27.28 11.11 -1.02
C SER C 171 28.25 12.25 -1.31
N LYS C 172 28.79 12.33 -2.52
CA LYS C 172 29.71 13.40 -2.91
C LYS C 172 29.27 13.96 -4.25
N GLY C 173 28.88 15.22 -4.28
CA GLY C 173 28.44 15.84 -5.50
C GLY C 173 27.74 17.15 -5.22
N GLN C 174 27.16 17.72 -6.27
CA GLN C 174 26.46 19.00 -6.14
C GLN C 174 25.23 18.88 -5.26
N CYS C 175 24.51 17.76 -5.36
CA CYS C 175 23.29 17.60 -4.57
C CYS C 175 23.59 17.56 -3.07
N THR C 176 24.65 16.84 -2.69
CA THR C 176 25.00 16.77 -1.27
C THR C 176 25.44 18.14 -0.74
N ASP C 177 26.22 18.87 -1.51
CA ASP C 177 26.63 20.22 -1.10
C ASP C 177 25.41 21.14 -0.96
N ALA C 178 24.48 21.04 -1.91
CA ALA C 178 23.26 21.85 -1.82
C ALA C 178 22.45 21.49 -0.59
N ALA C 179 22.33 20.20 -0.28
CA ALA C 179 21.60 19.78 0.91
C ALA C 179 22.26 20.29 2.18
N LEU C 180 23.59 20.21 2.24
CA LEU C 180 24.30 20.71 3.43
C LEU C 180 24.13 22.22 3.58
N GLU C 181 24.22 22.96 2.48
CA GLU C 181 24.01 24.40 2.54
C GLU C 181 22.59 24.73 2.98
N SER C 182 21.61 23.98 2.49
CA SER C 182 20.23 24.18 2.92
C SER C 182 20.06 23.91 4.40
N VAL C 183 20.71 22.86 4.91
CA VAL C 183 20.66 22.57 6.34
C VAL C 183 21.27 23.72 7.13
N ASP C 184 22.39 24.28 6.64
CA ASP C 184 23.00 25.42 7.31
C ASP C 184 22.08 26.62 7.33
N LYS C 185 21.39 26.88 6.21
CA LYS C 185 20.51 28.04 6.14
C LYS C 185 19.16 27.78 6.81
N TYR C 186 18.41 26.81 6.30
CA TYR C 186 17.14 26.41 6.88
C TYR C 186 17.35 25.19 7.78
N SER C 187 16.85 25.26 9.01
CA SER C 187 16.98 24.14 9.92
C SER C 187 16.06 22.99 9.47
N ILE C 188 16.17 21.86 10.16
CA ILE C 188 15.32 20.71 9.85
C ILE C 188 13.91 20.83 10.43
N GLN C 189 13.60 21.93 11.10
CA GLN C 189 12.29 22.12 11.70
C GLN C 189 11.27 22.57 10.67
N SER C 190 10.09 21.97 10.73
CA SER C 190 8.93 22.41 9.95
C SER C 190 7.88 22.94 10.90
N GLY C 191 7.39 24.15 10.63
CA GLY C 191 6.48 24.80 11.56
C GLY C 191 5.17 24.05 11.73
N GLY C 192 4.61 23.54 10.64
CA GLY C 192 3.35 22.84 10.69
C GLY C 192 2.70 22.74 9.34
N PRO C 193 1.37 22.77 9.30
CA PRO C 193 0.66 22.71 8.01
C PRO C 193 1.00 23.90 7.13
N ARG C 194 0.94 23.67 5.82
CA ARG C 194 1.28 24.72 4.86
C ARG C 194 0.34 25.92 4.96
N ALA C 195 -0.87 25.72 5.48
CA ALA C 195 -1.81 26.83 5.60
C ALA C 195 -1.46 27.75 6.76
N GLN C 196 -0.91 27.22 7.85
CA GLN C 196 -0.68 28.04 9.04
C GLN C 196 0.63 28.84 8.94
N ILE C 197 1.76 28.14 8.97
CA ILE C 197 3.06 28.81 8.97
C ILE C 197 4.05 28.12 8.05
N GLY C 198 3.70 26.92 7.58
CA GLY C 198 4.68 26.02 7.01
C GLY C 198 5.34 26.48 5.72
N THR C 199 4.65 27.29 4.92
CA THR C 199 5.15 27.62 3.59
C THR C 199 6.34 28.56 3.65
N THR C 200 7.28 28.37 2.72
CA THR C 200 8.43 29.23 2.54
C THR C 200 8.64 29.46 1.04
N ASP C 201 9.61 30.31 0.72
CA ASP C 201 9.89 30.62 -0.68
C ASP C 201 10.47 29.42 -1.43
N LEU C 202 11.16 28.51 -0.73
CA LEU C 202 11.71 27.33 -1.38
C LEU C 202 10.60 26.46 -1.96
N HIS C 203 9.49 26.33 -1.24
CA HIS C 203 8.35 25.57 -1.76
C HIS C 203 7.80 26.19 -3.04
N ILE C 204 7.68 27.52 -3.06
CA ILE C 204 7.20 28.21 -4.26
C ILE C 204 8.15 27.98 -5.42
N LYS C 205 9.46 28.08 -5.18
CA LYS C 205 10.43 27.85 -6.23
C LYS C 205 10.33 26.42 -6.77
N ALA C 206 10.20 25.44 -5.88
CA ALA C 206 10.09 24.06 -6.31
C ALA C 206 8.82 23.83 -7.12
N GLU C 207 7.70 24.41 -6.69
CA GLU C 207 6.45 24.26 -7.43
C GLU C 207 6.57 24.84 -8.82
N LYS C 208 7.14 26.05 -8.92
CA LYS C 208 7.31 26.67 -10.24
C LYS C 208 8.23 25.86 -11.12
N LEU C 209 9.32 25.33 -10.55
CA LEU C 209 10.26 24.52 -11.32
C LEU C 209 9.59 23.25 -11.83
N VAL C 210 8.80 22.59 -10.99
CA VAL C 210 8.10 21.38 -11.41
C VAL C 210 7.09 21.69 -12.51
N ALA C 211 6.33 22.79 -12.35
CA ALA C 211 5.35 23.16 -13.36
C ALA C 211 6.01 23.46 -14.69
N ARG C 212 7.15 24.14 -14.68
CA ARG C 212 7.86 24.42 -15.92
C ARG C 212 8.45 23.15 -16.53
N PHE C 213 8.94 22.24 -15.69
CA PHE C 213 9.56 21.01 -16.18
C PHE C 213 8.53 20.10 -16.86
N ILE C 214 7.39 19.90 -16.23
CA ILE C 214 6.40 18.98 -16.77
C ILE C 214 5.82 19.51 -18.07
N GLY C 215 5.52 20.80 -18.12
CA GLY C 215 4.88 21.41 -19.28
C GLY C 215 3.46 21.87 -19.05
N LYS C 216 2.86 21.53 -17.92
CA LYS C 216 1.51 21.98 -17.60
C LYS C 216 1.56 23.41 -17.07
N GLU C 217 0.45 23.89 -16.51
CA GLU C 217 0.37 25.28 -16.07
C GLU C 217 0.62 25.45 -14.57
N ASP C 218 0.21 24.49 -13.74
CA ASP C 218 0.44 24.61 -12.31
C ASP C 218 0.61 23.24 -11.69
N ALA C 219 1.22 23.21 -10.52
CA ALA C 219 1.51 21.96 -9.82
C ALA C 219 1.61 22.22 -8.33
N LEU C 220 1.48 21.13 -7.56
CA LEU C 220 1.60 21.16 -6.11
C LEU C 220 2.46 19.99 -5.66
N VAL C 221 3.11 20.16 -4.50
CA VAL C 221 4.05 19.18 -3.96
C VAL C 221 3.58 18.72 -2.59
N PHE C 222 3.90 17.47 -2.27
CA PHE C 222 3.52 16.85 -1.00
C PHE C 222 4.67 15.99 -0.51
N SER C 223 4.66 15.72 0.80
CA SER C 223 5.77 15.03 1.45
C SER C 223 5.78 13.54 1.15
N MET C 224 4.62 12.90 1.03
CA MET C 224 4.53 11.45 0.86
C MET C 224 3.76 11.13 -0.41
N GLY C 225 4.29 10.19 -1.20
CA GLY C 225 3.61 9.79 -2.42
C GLY C 225 2.32 9.03 -2.16
N TYR C 226 2.31 8.17 -1.15
CA TYR C 226 1.12 7.37 -0.85
C TYR C 226 -0.05 8.26 -0.45
N GLY C 227 0.21 9.26 0.41
CA GLY C 227 -0.85 10.16 0.83
C GLY C 227 -1.41 10.98 -0.32
N THR C 228 -0.62 11.19 -1.36
CA THR C 228 -1.11 11.95 -2.52
C THR C 228 -2.31 11.26 -3.16
N ASN C 229 -2.22 9.94 -3.35
CA ASN C 229 -3.37 9.20 -3.85
C ASN C 229 -4.40 8.98 -2.77
N ALA C 230 -3.96 8.82 -1.52
CA ALA C 230 -4.90 8.51 -0.44
C ALA C 230 -5.90 9.64 -0.23
N ASN C 231 -5.44 10.88 -0.28
CA ASN C 231 -6.25 12.04 0.07
C ASN C 231 -6.50 12.97 -1.11
N LEU C 232 -6.83 12.42 -2.27
CA LEU C 232 -7.06 13.24 -3.45
C LEU C 232 -8.46 13.08 -4.04
N PHE C 233 -8.96 11.85 -4.14
CA PHE C 233 -10.20 11.62 -4.88
C PHE C 233 -11.43 12.11 -4.13
N ASN C 234 -11.39 12.16 -2.81
CA ASN C 234 -12.55 12.61 -2.05
C ASN C 234 -12.81 14.10 -2.18
N ALA C 235 -11.87 14.86 -2.78
CA ALA C 235 -12.03 16.30 -2.89
C ALA C 235 -13.03 16.70 -3.97
N PHE C 236 -13.14 15.92 -5.05
CA PHE C 236 -13.99 16.31 -6.17
C PHE C 236 -14.81 15.13 -6.70
N LEU C 237 -15.08 14.14 -5.86
CA LEU C 237 -15.88 12.99 -6.27
C LEU C 237 -16.86 12.66 -5.14
N ASP C 238 -17.98 12.05 -5.52
CA ASP C 238 -19.02 11.68 -4.57
C ASP C 238 -19.71 10.42 -5.08
N LYS C 239 -20.89 10.13 -4.54
CA LYS C 239 -21.58 8.87 -4.81
C LYS C 239 -22.28 8.84 -6.16
N LYS C 240 -22.29 9.93 -6.90
CA LYS C 240 -22.97 10.01 -8.18
C LYS C 240 -21.99 10.19 -9.34
N CYS C 241 -20.83 9.54 -9.24
CA CYS C 241 -19.83 9.54 -10.30
C CYS C 241 -19.31 8.14 -10.51
N LEU C 242 -18.82 7.88 -11.73
CA LEU C 242 -18.31 6.57 -12.11
C LEU C 242 -16.82 6.65 -12.36
N VAL C 243 -16.09 5.64 -11.89
CA VAL C 243 -14.65 5.55 -12.06
C VAL C 243 -14.34 4.25 -12.81
N ILE C 244 -13.63 4.36 -13.92
CA ILE C 244 -13.20 3.21 -14.71
C ILE C 244 -11.68 3.15 -14.65
N SER C 245 -11.15 2.05 -14.12
CA SER C 245 -9.71 1.92 -13.92
C SER C 245 -9.25 0.54 -14.35
N ASP C 246 -7.97 0.44 -14.71
CA ASP C 246 -7.38 -0.83 -15.08
C ASP C 246 -7.29 -1.75 -13.87
N GLU C 247 -7.22 -3.05 -14.14
CA GLU C 247 -7.16 -4.03 -13.06
C GLU C 247 -5.79 -4.06 -12.38
N LEU C 248 -4.73 -3.69 -13.10
CA LEU C 248 -3.38 -3.71 -12.56
C LEU C 248 -3.01 -2.29 -12.13
N ASN C 249 -3.53 -1.87 -10.99
CA ASN C 249 -3.29 -0.55 -10.44
C ASN C 249 -2.71 -0.65 -9.04
N HIS C 250 -2.02 0.41 -8.63
CA HIS C 250 -1.38 0.44 -7.33
C HIS C 250 -2.44 0.51 -6.23
N THR C 251 -2.03 0.11 -5.02
CA THR C 251 -2.96 0.05 -3.90
C THR C 251 -3.40 1.43 -3.44
N SER C 252 -2.55 2.44 -3.61
CA SER C 252 -2.91 3.79 -3.17
C SER C 252 -4.11 4.33 -3.92
N ILE C 253 -4.16 4.09 -5.24
CA ILE C 253 -5.31 4.54 -6.03
C ILE C 253 -6.58 3.85 -5.56
N ARG C 254 -6.50 2.54 -5.30
CA ARG C 254 -7.67 1.82 -4.81
C ARG C 254 -8.13 2.36 -3.46
N THR C 255 -7.20 2.67 -2.57
CA THR C 255 -7.57 3.23 -1.27
C THR C 255 -8.23 4.59 -1.44
N GLY C 256 -7.71 5.43 -2.33
CA GLY C 256 -8.31 6.72 -2.57
C GLY C 256 -9.73 6.60 -3.13
N VAL C 257 -9.92 5.69 -4.08
CA VAL C 257 -11.25 5.49 -4.65
C VAL C 257 -12.21 4.96 -3.60
N ARG C 258 -11.75 4.02 -2.77
CA ARG C 258 -12.60 3.48 -1.72
C ARG C 258 -13.01 4.56 -0.73
N LEU C 259 -12.07 5.44 -0.36
CA LEU C 259 -12.41 6.54 0.52
C LEU C 259 -13.34 7.54 -0.15
N SER C 260 -13.26 7.67 -1.48
CA SER C 260 -14.15 8.58 -2.18
C SER C 260 -15.61 8.13 -2.09
N GLY C 261 -15.86 6.86 -2.40
CA GLY C 261 -17.20 6.31 -2.32
C GLY C 261 -17.95 6.21 -3.64
N ALA C 262 -17.29 6.48 -4.76
CA ALA C 262 -17.95 6.41 -6.06
C ALA C 262 -17.98 4.98 -6.58
N ALA C 263 -18.87 4.75 -7.54
CA ALA C 263 -18.99 3.44 -8.18
C ALA C 263 -17.73 3.12 -8.97
N VAL C 264 -17.34 1.84 -8.96
CA VAL C 264 -16.11 1.39 -9.57
C VAL C 264 -16.41 0.29 -10.57
N ARG C 265 -15.85 0.42 -11.78
CA ARG C 265 -15.87 -0.63 -12.78
C ARG C 265 -14.48 -0.76 -13.38
N THR C 266 -14.10 -1.98 -13.75
CA THR C 266 -12.76 -2.27 -14.24
C THR C 266 -12.83 -2.97 -15.58
N PHE C 267 -11.79 -2.76 -16.38
CA PHE C 267 -11.64 -3.40 -17.68
C PHE C 267 -10.34 -4.20 -17.72
N LYS C 268 -10.33 -5.23 -18.57
CA LYS C 268 -9.17 -6.10 -18.64
C LYS C 268 -7.95 -5.34 -19.15
N HIS C 269 -6.77 -5.79 -18.71
CA HIS C 269 -5.53 -5.12 -19.05
C HIS C 269 -5.31 -5.08 -20.56
N GLY C 270 -5.14 -3.87 -21.10
CA GLY C 270 -4.83 -3.69 -22.51
C GLY C 270 -5.93 -4.17 -23.45
N ASP C 271 -7.18 -3.84 -23.15
CA ASP C 271 -8.32 -4.23 -23.98
C ASP C 271 -9.12 -2.97 -24.30
N MET C 272 -8.90 -2.41 -25.50
CA MET C 272 -9.59 -1.18 -25.87
C MET C 272 -11.04 -1.44 -26.28
N VAL C 273 -11.32 -2.57 -26.92
CA VAL C 273 -12.68 -2.88 -27.32
C VAL C 273 -13.57 -3.07 -26.10
N GLY C 274 -13.07 -3.77 -25.08
CA GLY C 274 -13.83 -3.90 -23.85
C GLY C 274 -14.09 -2.57 -23.18
N LEU C 275 -13.09 -1.68 -23.19
CA LEU C 275 -13.28 -0.36 -22.62
C LEU C 275 -14.35 0.43 -23.36
N GLU C 276 -14.32 0.39 -24.69
CA GLU C 276 -15.33 1.09 -25.48
C GLU C 276 -16.73 0.54 -25.21
N LYS C 277 -16.85 -0.79 -25.16
CA LYS C 277 -18.16 -1.39 -24.88
C LYS C 277 -18.64 -1.02 -23.49
N LEU C 278 -17.74 -1.03 -22.50
CA LEU C 278 -18.13 -0.66 -21.15
C LEU C 278 -18.60 0.78 -21.07
N ILE C 279 -17.88 1.69 -21.74
CA ILE C 279 -18.29 3.10 -21.72
C ILE C 279 -19.64 3.28 -22.40
N ARG C 280 -19.84 2.64 -23.56
CA ARG C 280 -21.09 2.77 -24.28
C ARG C 280 -22.26 2.22 -23.47
N GLU C 281 -22.03 1.13 -22.72
CA GLU C 281 -23.09 0.59 -21.88
C GLU C 281 -23.39 1.49 -20.70
N GLN C 282 -22.34 1.96 -20.02
CA GLN C 282 -22.53 2.72 -18.78
C GLN C 282 -23.13 4.10 -19.03
N ILE C 283 -22.83 4.71 -20.18
CA ILE C 283 -23.42 6.01 -20.47
C ILE C 283 -24.93 5.89 -20.62
N VAL C 284 -25.40 4.79 -21.19
CA VAL C 284 -26.83 4.61 -21.42
C VAL C 284 -27.54 4.09 -20.17
N LEU C 285 -26.87 3.24 -19.38
CA LEU C 285 -27.55 2.60 -18.25
C LEU C 285 -27.96 3.62 -17.19
N GLY C 286 -27.05 4.47 -16.76
CA GLY C 286 -27.36 5.48 -15.77
C GLY C 286 -27.18 5.01 -14.34
N GLN C 287 -27.65 5.85 -13.42
CA GLN C 287 -27.49 5.58 -12.00
C GLN C 287 -28.38 4.43 -11.56
N PRO C 288 -27.97 3.69 -10.53
CA PRO C 288 -28.81 2.58 -10.04
C PRO C 288 -30.10 3.08 -9.41
N LYS C 289 -31.17 2.30 -9.61
CA LYS C 289 -32.46 2.49 -8.95
C LYS C 289 -33.19 3.75 -9.38
N THR C 290 -32.55 4.59 -10.19
CA THR C 290 -33.20 5.80 -10.66
C THR C 290 -33.00 6.08 -12.15
N ASN C 291 -31.95 5.53 -12.78
CA ASN C 291 -31.73 5.62 -14.23
C ASN C 291 -31.54 7.07 -14.69
N ARG C 292 -30.96 7.92 -13.84
CA ARG C 292 -30.56 9.25 -14.28
C ARG C 292 -29.14 9.23 -14.82
N PRO C 293 -28.78 10.18 -15.68
CA PRO C 293 -27.43 10.20 -16.24
C PRO C 293 -26.37 10.44 -15.19
N TRP C 294 -25.18 9.89 -15.44
CA TRP C 294 -24.05 10.08 -14.56
C TRP C 294 -23.60 11.55 -14.58
N LYS C 295 -23.03 11.99 -13.46
CA LYS C 295 -22.52 13.36 -13.38
C LYS C 295 -21.26 13.52 -14.21
N LYS C 296 -20.31 12.59 -14.07
CA LYS C 296 -19.06 12.67 -14.80
C LYS C 296 -18.41 11.29 -14.81
N ILE C 297 -17.45 11.12 -15.73
CA ILE C 297 -16.73 9.85 -15.87
C ILE C 297 -15.23 10.14 -15.89
N LEU C 298 -14.49 9.46 -15.02
CA LEU C 298 -13.05 9.60 -14.91
C LEU C 298 -12.39 8.26 -15.22
N ILE C 299 -11.27 8.31 -15.94
CA ILE C 299 -10.49 7.13 -16.29
C ILE C 299 -9.10 7.29 -15.69
N CYS C 300 -8.70 6.33 -14.88
CA CYS C 300 -7.40 6.33 -14.22
C CYS C 300 -6.47 5.33 -14.89
N ALA C 301 -5.23 5.75 -15.13
CA ALA C 301 -4.27 4.87 -15.79
C ALA C 301 -2.88 5.16 -15.26
N GLU C 302 -1.98 4.21 -15.49
CA GLU C 302 -0.58 4.32 -15.07
C GLU C 302 0.31 4.44 -16.31
N GLY C 303 1.39 5.20 -16.17
CA GLY C 303 2.33 5.37 -17.25
C GLY C 303 3.04 4.08 -17.62
N LEU C 304 3.77 3.51 -16.67
CA LEU C 304 4.46 2.25 -16.84
C LEU C 304 4.17 1.35 -15.64
N PHE C 305 3.87 0.08 -15.92
CA PHE C 305 3.55 -0.89 -14.88
C PHE C 305 4.83 -1.55 -14.40
N SER C 306 5.09 -1.49 -13.10
CA SER C 306 6.36 -1.98 -12.56
C SER C 306 6.46 -3.50 -12.63
N MET C 307 5.33 -4.21 -12.49
CA MET C 307 5.38 -5.67 -12.43
C MET C 307 5.78 -6.29 -13.77
N GLU C 308 5.35 -5.70 -14.89
CA GLU C 308 5.59 -6.27 -16.19
C GLU C 308 6.30 -5.35 -17.18
N GLY C 309 6.43 -4.06 -16.89
CA GLY C 309 7.10 -3.16 -17.80
C GLY C 309 6.38 -2.96 -19.12
N THR C 310 5.07 -2.77 -19.09
CA THR C 310 4.26 -2.57 -20.29
C THR C 310 3.77 -1.13 -20.34
N LEU C 311 3.78 -0.56 -21.54
CA LEU C 311 3.37 0.83 -21.74
C LEU C 311 1.90 0.90 -22.13
N CYS C 312 1.17 1.81 -21.50
CA CYS C 312 -0.24 2.01 -21.80
C CYS C 312 -0.41 2.68 -23.16
N ASN C 313 -1.56 2.43 -23.78
CA ASN C 313 -1.88 3.00 -25.09
C ASN C 313 -2.51 4.37 -24.87
N LEU C 314 -1.72 5.42 -25.06
CA LEU C 314 -2.16 6.79 -24.80
C LEU C 314 -3.02 7.37 -25.93
N PRO C 315 -2.62 7.26 -27.21
CA PRO C 315 -3.45 7.86 -28.27
C PRO C 315 -4.87 7.33 -28.31
N LYS C 316 -5.06 6.02 -28.09
CA LYS C 316 -6.40 5.47 -28.10
C LYS C 316 -7.23 6.00 -26.94
N LEU C 317 -6.62 6.13 -25.76
CA LEU C 317 -7.33 6.70 -24.62
C LEU C 317 -7.71 8.15 -24.89
N VAL C 318 -6.82 8.91 -25.51
CA VAL C 318 -7.12 10.30 -25.83
C VAL C 318 -8.28 10.38 -26.82
N GLU C 319 -8.26 9.53 -27.85
CA GLU C 319 -9.36 9.52 -28.82
C GLU C 319 -10.67 9.15 -28.16
N LEU C 320 -10.67 8.15 -27.28
CA LEU C 320 -11.90 7.74 -26.61
C LEU C 320 -12.43 8.85 -25.71
N LYS C 321 -11.56 9.49 -24.94
CA LYS C 321 -12.02 10.56 -24.06
C LYS C 321 -12.50 11.78 -24.84
N LYS C 322 -11.92 12.03 -26.01
CA LYS C 322 -12.42 13.11 -26.86
C LYS C 322 -13.77 12.76 -27.46
N LYS C 323 -13.98 11.49 -27.80
CA LYS C 323 -15.25 11.09 -28.43
C LYS C 323 -16.39 11.03 -27.43
N TYR C 324 -16.13 10.57 -26.20
CA TYR C 324 -17.19 10.35 -25.23
C TYR C 324 -17.20 11.35 -24.08
N LYS C 325 -16.33 12.36 -24.12
CA LYS C 325 -16.33 13.45 -23.14
C LYS C 325 -16.13 12.92 -21.71
N CYS C 326 -14.97 12.33 -21.49
CA CYS C 326 -14.56 11.83 -20.18
C CYS C 326 -13.34 12.62 -19.70
N TYR C 327 -12.84 12.23 -18.53
CA TYR C 327 -11.68 12.89 -17.93
C TYR C 327 -10.59 11.87 -17.68
N LEU C 328 -9.34 12.35 -17.62
CA LEU C 328 -8.17 11.46 -17.61
C LEU C 328 -7.25 11.78 -16.44
N PHE C 329 -6.87 10.73 -15.70
CA PHE C 329 -5.89 10.82 -14.63
C PHE C 329 -4.76 9.86 -14.94
N ILE C 330 -3.51 10.35 -14.89
CA ILE C 330 -2.35 9.55 -15.28
C ILE C 330 -1.35 9.54 -14.13
N ASP C 331 -0.86 8.35 -13.80
CA ASP C 331 0.20 8.15 -12.83
C ASP C 331 1.52 7.93 -13.56
N GLU C 332 2.57 8.60 -13.09
CA GLU C 332 3.87 8.57 -13.75
C GLU C 332 4.98 8.33 -12.72
N ALA C 333 4.79 7.35 -11.85
CA ALA C 333 5.78 7.06 -10.83
C ALA C 333 7.06 6.49 -11.44
N HIS C 334 6.93 5.58 -12.41
CA HIS C 334 8.07 4.89 -12.99
C HIS C 334 8.47 5.44 -14.36
N SER C 335 7.85 6.53 -14.81
CA SER C 335 8.11 7.04 -16.15
C SER C 335 8.74 8.43 -16.18
N ILE C 336 8.70 9.19 -15.09
CA ILE C 336 9.22 10.54 -15.09
C ILE C 336 10.73 10.50 -14.89
N GLY C 337 11.46 11.22 -15.73
CA GLY C 337 12.89 11.37 -15.58
C GLY C 337 13.73 10.20 -16.05
N ALA C 338 13.11 9.16 -16.60
CA ALA C 338 13.86 7.98 -17.05
C ALA C 338 13.47 7.50 -18.44
N MET C 339 12.40 8.02 -19.04
CA MET C 339 11.96 7.58 -20.35
C MET C 339 11.80 8.78 -21.27
N GLY C 340 11.87 8.50 -22.57
CA GLY C 340 11.76 9.53 -23.57
C GLY C 340 13.11 10.06 -24.01
N PRO C 341 13.14 10.78 -25.13
CA PRO C 341 14.40 11.34 -25.61
C PRO C 341 15.07 12.29 -24.63
N THR C 342 14.28 13.05 -23.86
CA THR C 342 14.83 13.99 -22.90
C THR C 342 14.55 13.61 -21.45
N GLY C 343 13.43 12.95 -21.18
CA GLY C 343 13.12 12.54 -19.83
C GLY C 343 11.82 13.14 -19.30
N ARG C 344 10.98 13.64 -20.21
CA ARG C 344 9.74 14.27 -19.78
C ARG C 344 8.68 13.25 -19.38
N GLY C 345 8.64 12.09 -20.05
CA GLY C 345 7.71 11.05 -19.70
C GLY C 345 7.10 10.44 -20.96
N VAL C 346 5.96 9.76 -20.76
CA VAL C 346 5.31 9.08 -21.87
C VAL C 346 4.76 10.07 -22.89
N CYS C 347 4.42 11.29 -22.45
CA CYS C 347 3.90 12.30 -23.37
C CYS C 347 4.93 12.65 -24.43
N GLU C 348 6.22 12.62 -24.08
CA GLU C 348 7.27 12.84 -25.07
C GLU C 348 7.48 11.63 -25.96
N ILE C 349 7.32 10.41 -25.41
CA ILE C 349 7.50 9.21 -26.22
C ILE C 349 6.42 9.13 -27.30
N PHE C 350 5.17 9.32 -26.92
CA PHE C 350 4.07 9.18 -27.87
C PHE C 350 3.82 10.44 -28.69
N GLY C 351 4.41 11.58 -28.31
CA GLY C 351 4.17 12.81 -29.02
C GLY C 351 2.87 13.51 -28.69
N VAL C 352 2.11 13.00 -27.72
CA VAL C 352 0.84 13.61 -27.36
C VAL C 352 1.10 14.91 -26.60
N ASP C 353 0.34 15.95 -26.94
CA ASP C 353 0.48 17.22 -26.26
C ASP C 353 0.06 17.08 -24.80
N PRO C 354 0.81 17.69 -23.87
CA PRO C 354 0.47 17.54 -22.45
C PRO C 354 -0.82 18.23 -22.04
N LYS C 355 -1.41 19.05 -22.91
CA LYS C 355 -2.65 19.74 -22.57
C LYS C 355 -3.87 18.81 -22.62
N ASP C 356 -3.75 17.66 -23.30
CA ASP C 356 -4.89 16.76 -23.42
C ASP C 356 -5.16 15.99 -22.13
N VAL C 357 -4.13 15.64 -21.37
CA VAL C 357 -4.31 14.91 -20.12
C VAL C 357 -4.82 15.87 -19.06
N ASP C 358 -5.83 15.45 -18.30
CA ASP C 358 -6.45 16.33 -17.32
C ASP C 358 -5.60 16.45 -16.06
N ILE C 359 -5.29 15.33 -15.43
CA ILE C 359 -4.53 15.34 -14.17
C ILE C 359 -3.32 14.43 -14.30
N LEU C 360 -2.15 14.93 -13.92
CA LEU C 360 -0.92 14.14 -13.95
C LEU C 360 -0.36 14.02 -12.53
N MET C 361 0.23 12.87 -12.22
CA MET C 361 0.89 12.68 -10.94
C MET C 361 2.33 12.24 -11.16
N GLY C 362 3.16 12.45 -10.13
CA GLY C 362 4.51 11.92 -10.17
C GLY C 362 5.10 11.81 -8.78
N THR C 363 6.16 11.02 -8.69
CA THR C 363 6.85 10.76 -7.42
C THR C 363 8.35 10.96 -7.62
N PHE C 364 8.98 11.63 -6.66
CA PHE C 364 10.40 11.95 -6.73
C PHE C 364 11.30 10.86 -6.15
N THR C 365 10.73 9.79 -5.61
CA THR C 365 11.54 8.78 -4.92
C THR C 365 12.33 7.91 -5.89
N LYS C 366 11.73 7.55 -7.03
CA LYS C 366 12.32 6.54 -7.90
C LYS C 366 13.59 7.03 -8.57
N SER C 367 13.57 8.23 -9.15
CA SER C 367 14.65 8.69 -10.02
C SER C 367 15.46 9.86 -9.47
N PHE C 368 14.90 10.68 -8.60
CA PHE C 368 15.58 11.88 -8.13
C PHE C 368 16.26 11.72 -6.78
N GLY C 369 16.17 10.54 -6.16
CA GLY C 369 16.83 10.30 -4.89
C GLY C 369 16.34 11.18 -3.75
N ALA C 370 15.02 11.30 -3.62
CA ALA C 370 14.43 12.12 -2.56
C ALA C 370 13.14 11.42 -2.10
N ALA C 371 12.32 12.16 -1.36
CA ALA C 371 11.04 11.64 -0.89
C ALA C 371 9.97 12.72 -1.06
N GLY C 372 8.93 12.41 -1.81
CA GLY C 372 7.87 13.37 -2.02
C GLY C 372 7.03 12.97 -3.22
N GLY C 373 6.11 13.86 -3.58
CA GLY C 373 5.25 13.64 -4.72
C GLY C 373 4.73 14.97 -5.24
N TYR C 374 4.18 14.94 -6.45
CA TYR C 374 3.66 16.14 -7.06
C TYR C 374 2.45 15.81 -7.92
N ILE C 375 1.57 16.80 -8.06
CA ILE C 375 0.38 16.72 -8.90
C ILE C 375 0.36 17.94 -9.82
N ALA C 376 0.08 17.71 -11.10
CA ALA C 376 0.11 18.76 -12.10
C ALA C 376 -1.21 18.85 -12.84
N ALA C 377 -1.67 20.09 -13.06
CA ALA C 377 -2.94 20.37 -13.71
C ALA C 377 -2.91 21.81 -14.20
N ASP C 378 -4.07 22.30 -14.65
CA ASP C 378 -4.20 23.65 -15.18
C ASP C 378 -4.30 24.67 -14.04
N GLN C 379 -4.67 25.90 -14.39
CA GLN C 379 -4.66 26.98 -13.41
C GLN C 379 -5.86 26.92 -12.46
N TRP C 380 -7.07 26.99 -13.01
CA TRP C 380 -8.26 27.05 -12.16
C TRP C 380 -8.48 25.75 -11.39
N ILE C 381 -8.12 24.62 -11.98
CA ILE C 381 -8.25 23.35 -11.26
C ILE C 381 -7.37 23.35 -10.02
N ILE C 382 -6.12 23.81 -10.16
CA ILE C 382 -5.23 23.89 -9.01
C ILE C 382 -5.72 24.94 -8.01
N ASP C 383 -6.26 26.05 -8.51
CA ASP C 383 -6.77 27.08 -7.62
C ASP C 383 -7.90 26.54 -6.74
N ARG C 384 -8.81 25.77 -7.33
CA ARG C 384 -9.89 25.17 -6.53
C ARG C 384 -9.36 24.07 -5.61
N LEU C 385 -8.44 23.25 -6.11
CA LEU C 385 -7.94 22.12 -5.32
C LEU C 385 -7.14 22.59 -4.12
N ARG C 386 -6.48 23.75 -4.21
CA ARG C 386 -5.71 24.26 -3.08
C ARG C 386 -6.63 24.54 -1.89
N LEU C 387 -7.81 25.10 -2.15
CA LEU C 387 -8.76 25.33 -1.07
C LEU C 387 -9.49 24.05 -0.66
N ASP C 388 -9.75 23.16 -1.62
CA ASP C 388 -10.57 21.98 -1.34
C ASP C 388 -9.77 20.79 -0.81
N LEU C 389 -8.45 20.85 -0.83
CA LEU C 389 -7.66 19.69 -0.42
C LEU C 389 -7.58 19.58 1.10
N THR C 390 -7.28 18.37 1.57
CA THR C 390 -7.18 18.06 2.99
C THR C 390 -5.74 18.04 3.49
N THR C 391 -4.81 17.51 2.70
CA THR C 391 -3.42 17.41 3.13
C THR C 391 -2.80 18.79 3.36
N VAL C 392 -3.28 19.81 2.64
CA VAL C 392 -2.66 21.12 2.71
C VAL C 392 -2.83 21.72 4.11
N SER C 393 -4.02 21.60 4.68
CA SER C 393 -4.34 22.27 5.94
C SER C 393 -4.45 21.33 7.13
N TYR C 394 -4.03 20.07 6.98
CA TYR C 394 -4.13 19.11 8.07
C TYR C 394 -2.87 18.30 8.32
N SER C 395 -1.91 18.28 7.39
CA SER C 395 -0.71 17.48 7.50
C SER C 395 0.51 18.38 7.62
N GLU C 396 1.69 17.74 7.64
CA GLU C 396 2.95 18.46 7.80
C GLU C 396 3.43 18.97 6.44
N SER C 397 4.68 19.44 6.39
CA SER C 397 5.26 19.98 5.17
C SER C 397 6.62 19.35 4.93
N MET C 398 7.02 19.32 3.67
CA MET C 398 8.27 18.67 3.28
C MET C 398 9.46 19.50 3.74
N PRO C 399 10.48 18.87 4.33
CA PRO C 399 11.60 19.63 4.90
C PRO C 399 12.51 20.21 3.83
N ALA C 400 13.39 21.11 4.28
CA ALA C 400 14.26 21.84 3.35
C ALA C 400 15.26 20.95 2.62
N PRO C 401 16.00 20.05 3.28
CA PRO C 401 17.03 19.29 2.54
C PRO C 401 16.49 18.48 1.38
N VAL C 402 15.31 17.88 1.53
CA VAL C 402 14.71 17.13 0.43
C VAL C 402 14.38 18.08 -0.72
N LEU C 403 13.88 19.26 -0.40
CA LEU C 403 13.59 20.26 -1.43
C LEU C 403 14.86 20.65 -2.17
N ALA C 404 15.95 20.87 -1.45
CA ALA C 404 17.21 21.24 -2.09
C ALA C 404 17.72 20.12 -2.99
N GLN C 405 17.65 18.87 -2.52
CA GLN C 405 18.08 17.75 -3.34
C GLN C 405 17.25 17.63 -4.61
N THR C 406 15.93 17.76 -4.48
CA THR C 406 15.06 17.66 -5.65
C THR C 406 15.33 18.79 -6.65
N ILE C 407 15.52 20.01 -6.13
CA ILE C 407 15.81 21.15 -7.01
C ILE C 407 17.12 20.93 -7.76
N SER C 408 18.15 20.48 -7.05
CA SER C 408 19.44 20.23 -7.70
C SER C 408 19.33 19.14 -8.76
N SER C 409 18.59 18.06 -8.45
CA SER C 409 18.43 16.99 -9.43
C SER C 409 17.69 17.48 -10.67
N LEU C 410 16.60 18.25 -10.47
CA LEU C 410 15.85 18.76 -11.61
C LEU C 410 16.69 19.70 -12.45
N GLN C 411 17.47 20.57 -11.81
CA GLN C 411 18.33 21.49 -12.55
C GLN C 411 19.40 20.73 -13.33
N THR C 412 19.96 19.67 -12.74
CA THR C 412 20.96 18.87 -13.44
C THR C 412 20.36 18.18 -14.65
N ILE C 413 19.16 17.61 -14.50
CA ILE C 413 18.53 16.93 -15.64
C ILE C 413 18.16 17.92 -16.73
N SER C 414 17.64 19.09 -16.34
CA SER C 414 17.25 20.08 -17.34
C SER C 414 18.46 20.57 -18.14
N GLY C 415 19.60 20.74 -17.48
CA GLY C 415 20.80 21.23 -18.12
C GLY C 415 21.22 22.62 -17.72
N GLU C 416 20.56 23.24 -16.74
CA GLU C 416 20.95 24.59 -16.32
C GLU C 416 22.34 24.59 -15.67
N ILE C 417 22.64 23.57 -14.87
CA ILE C 417 23.94 23.46 -14.21
C ILE C 417 24.54 22.11 -14.54
N CYS C 418 25.87 22.05 -14.47
CA CYS C 418 26.65 20.86 -14.79
C CYS C 418 26.27 20.34 -16.18
N PRO C 419 26.64 21.03 -17.25
CA PRO C 419 26.23 20.60 -18.59
C PRO C 419 26.85 19.26 -18.97
N GLY C 420 26.12 18.52 -19.79
CA GLY C 420 26.61 17.25 -20.29
C GLY C 420 26.57 16.10 -19.31
N GLN C 421 25.60 16.09 -18.40
CA GLN C 421 25.47 15.00 -17.43
C GLN C 421 24.15 14.25 -17.53
N GLY C 422 23.04 14.95 -17.75
CA GLY C 422 21.77 14.26 -17.86
C GLY C 422 21.68 13.36 -19.08
N THR C 423 22.13 13.87 -20.23
CA THR C 423 22.11 13.09 -21.45
C THR C 423 22.98 11.84 -21.32
N GLU C 424 24.14 11.99 -20.68
CA GLU C 424 25.04 10.86 -20.49
C GLU C 424 24.37 9.76 -19.68
N ARG C 425 23.70 10.13 -18.58
CA ARG C 425 23.02 9.14 -17.75
C ARG C 425 21.86 8.49 -18.50
N LEU C 426 21.08 9.29 -19.24
CA LEU C 426 19.95 8.71 -19.96
C LEU C 426 20.42 7.72 -21.03
N GLN C 427 21.47 8.08 -21.77
CA GLN C 427 21.98 7.16 -22.78
C GLN C 427 22.54 5.90 -22.14
N ARG C 428 23.24 6.03 -21.00
CA ARG C 428 23.78 4.85 -20.34
C ARG C 428 22.67 3.91 -19.88
N ILE C 429 21.61 4.45 -19.28
CA ILE C 429 20.56 3.57 -18.78
C ILE C 429 19.82 2.90 -19.94
N ALA C 430 19.57 3.65 -21.02
CA ALA C 430 18.91 3.05 -22.18
C ALA C 430 19.75 1.90 -22.75
N PHE C 431 21.05 2.15 -22.93
CA PHE C 431 21.92 1.12 -23.50
C PHE C 431 22.00 -0.09 -22.59
N ASN C 432 22.13 0.11 -21.28
CA ASN C 432 22.23 -1.01 -20.36
C ASN C 432 20.96 -1.86 -20.41
N SER C 433 19.79 -1.21 -20.36
CA SER C 433 18.54 -1.96 -20.38
C SER C 433 18.41 -2.78 -21.67
N ARG C 434 18.66 -2.13 -22.82
CA ARG C 434 18.52 -2.84 -24.08
C ARG C 434 19.51 -4.00 -24.19
N TYR C 435 20.76 -3.78 -23.77
CA TYR C 435 21.77 -4.82 -23.86
C TYR C 435 21.41 -6.01 -22.98
N LEU C 436 21.02 -5.77 -21.73
CA LEU C 436 20.67 -6.88 -20.86
C LEU C 436 19.46 -7.64 -21.39
N ARG C 437 18.44 -6.93 -21.86
CA ARG C 437 17.26 -7.60 -22.38
C ARG C 437 17.59 -8.46 -23.58
N LEU C 438 18.35 -7.92 -24.53
CA LEU C 438 18.69 -8.69 -25.72
C LEU C 438 19.54 -9.91 -25.38
N ALA C 439 20.51 -9.75 -24.48
CA ALA C 439 21.36 -10.89 -24.11
C ALA C 439 20.54 -11.97 -23.41
N LEU C 440 19.66 -11.58 -22.49
CA LEU C 440 18.85 -12.56 -21.78
C LEU C 440 17.92 -13.29 -22.74
N GLN C 441 17.35 -12.58 -23.71
CA GLN C 441 16.49 -13.24 -24.68
C GLN C 441 17.27 -14.16 -25.61
N ARG C 442 18.51 -13.80 -25.94
CA ARG C 442 19.31 -14.64 -26.82
C ARG C 442 19.84 -15.89 -26.11
N LEU C 443 20.06 -15.80 -24.80
CA LEU C 443 20.55 -16.98 -24.07
C LEU C 443 19.53 -18.11 -24.07
N GLY C 444 18.24 -17.78 -23.99
CA GLY C 444 17.21 -18.79 -24.01
C GLY C 444 16.18 -18.65 -22.89
N PHE C 445 16.18 -17.52 -22.20
CA PHE C 445 15.28 -17.29 -21.09
C PHE C 445 13.99 -16.66 -21.60
N ILE C 446 13.09 -16.29 -20.67
CA ILE C 446 11.84 -15.62 -21.00
C ILE C 446 11.87 -14.26 -20.30
N VAL C 447 11.69 -13.19 -21.07
CA VAL C 447 11.76 -11.83 -20.56
C VAL C 447 10.54 -11.05 -21.06
N TYR C 448 9.87 -10.35 -20.16
CA TYR C 448 8.72 -9.53 -20.49
C TYR C 448 9.14 -8.10 -20.77
N GLY C 449 8.18 -7.25 -21.11
CA GLY C 449 8.38 -5.83 -21.21
C GLY C 449 8.68 -5.37 -22.63
N VAL C 450 8.73 -4.04 -22.77
CA VAL C 450 9.04 -3.39 -24.03
C VAL C 450 10.56 -3.38 -24.23
N ALA C 451 11.00 -2.99 -25.43
CA ALA C 451 12.42 -3.10 -25.78
C ALA C 451 13.30 -2.31 -24.81
N ASP C 452 12.90 -1.10 -24.45
CA ASP C 452 13.67 -0.25 -23.55
C ASP C 452 12.86 0.05 -22.28
N SER C 453 12.93 -0.86 -21.32
CA SER C 453 12.25 -0.71 -20.04
C SER C 453 13.23 -1.01 -18.92
N PRO C 454 13.35 -0.15 -17.91
CA PRO C 454 14.31 -0.39 -16.83
C PRO C 454 14.04 -1.66 -16.02
N VAL C 455 12.81 -2.17 -16.02
CA VAL C 455 12.44 -3.32 -15.22
C VAL C 455 12.41 -4.56 -16.10
N ILE C 456 13.15 -5.59 -15.70
CA ILE C 456 13.21 -6.84 -16.45
C ILE C 456 12.69 -7.98 -15.59
N PRO C 457 11.50 -8.51 -15.87
CA PRO C 457 11.03 -9.68 -15.13
C PRO C 457 11.43 -10.99 -15.78
N LEU C 458 12.03 -11.90 -15.02
CA LEU C 458 12.44 -13.22 -15.49
C LEU C 458 11.56 -14.26 -14.81
N LEU C 459 11.01 -15.18 -15.60
CA LEU C 459 10.00 -16.10 -15.12
C LEU C 459 10.62 -17.35 -14.51
N LEU C 460 10.15 -17.72 -13.31
CA LEU C 460 10.56 -18.92 -12.59
C LEU C 460 9.28 -19.63 -12.19
N TYR C 461 8.79 -20.53 -13.05
CA TYR C 461 7.43 -21.04 -12.90
C TYR C 461 7.28 -21.91 -11.66
N CYS C 462 8.18 -22.86 -11.46
CA CYS C 462 8.06 -23.77 -10.32
C CYS C 462 8.31 -23.03 -9.01
N PRO C 463 7.64 -23.43 -7.93
CA PRO C 463 7.82 -22.74 -6.64
C PRO C 463 9.18 -22.99 -6.03
N SER C 464 9.62 -24.26 -6.00
CA SER C 464 10.89 -24.60 -5.37
C SER C 464 12.08 -23.95 -6.05
N LYS C 465 11.93 -23.54 -7.31
CA LYS C 465 13.01 -22.85 -8.00
C LYS C 465 13.17 -21.40 -7.57
N MET C 466 12.22 -20.85 -6.83
CA MET C 466 12.30 -19.45 -6.43
C MET C 466 13.28 -19.22 -5.28
N PRO C 467 13.21 -19.97 -4.16
CA PRO C 467 14.17 -19.73 -3.08
C PRO C 467 15.61 -20.04 -3.48
N ALA C 468 15.83 -21.28 -3.94
CA ALA C 468 17.19 -21.76 -4.19
C ALA C 468 17.97 -20.79 -5.08
N PHE C 469 17.37 -20.39 -6.20
CA PHE C 469 17.97 -19.41 -7.10
C PHE C 469 18.53 -18.24 -6.31
N SER C 470 17.67 -17.56 -5.56
CA SER C 470 18.10 -16.39 -4.78
C SER C 470 19.27 -16.75 -3.88
N ARG C 471 19.14 -17.88 -3.17
CA ARG C 471 20.22 -18.28 -2.26
C ARG C 471 21.52 -18.46 -3.01
N MET C 472 21.47 -19.07 -4.20
CA MET C 472 22.68 -19.22 -4.99
C MET C 472 23.28 -17.86 -5.32
N MET C 473 22.43 -16.90 -5.69
CA MET C 473 22.92 -15.57 -6.00
C MET C 473 23.51 -14.88 -4.77
N LEU C 474 23.14 -15.31 -3.56
CA LEU C 474 23.77 -14.75 -2.38
C LEU C 474 25.19 -15.29 -2.20
N GLN C 475 25.46 -16.49 -2.70
CA GLN C 475 26.80 -17.07 -2.61
C GLN C 475 27.74 -16.51 -3.67
N ARG C 476 27.22 -15.76 -4.65
CA ARG C 476 28.03 -15.20 -5.72
C ARG C 476 28.02 -13.67 -5.71
N ARG C 477 27.58 -13.06 -4.60
CA ARG C 477 27.63 -11.61 -4.41
C ARG C 477 26.74 -10.87 -5.41
N ILE C 478 25.49 -11.30 -5.52
CA ILE C 478 24.48 -10.63 -6.32
C ILE C 478 23.17 -10.61 -5.53
N ALA C 479 22.52 -9.46 -5.49
CA ALA C 479 21.26 -9.28 -4.76
C ALA C 479 20.11 -9.18 -5.75
N VAL C 480 19.06 -9.97 -5.51
CA VAL C 480 17.88 -10.01 -6.39
C VAL C 480 16.63 -9.98 -5.53
N VAL C 481 15.49 -9.73 -6.20
CA VAL C 481 14.18 -9.67 -5.56
C VAL C 481 13.24 -10.59 -6.33
N VAL C 482 12.50 -11.42 -5.59
CA VAL C 482 11.59 -12.40 -6.18
C VAL C 482 10.18 -12.17 -5.64
N VAL C 483 9.20 -12.35 -6.51
CA VAL C 483 7.79 -12.23 -6.14
C VAL C 483 7.03 -13.43 -6.67
N ALA C 484 5.94 -13.76 -5.99
CA ALA C 484 5.14 -14.94 -6.31
C ALA C 484 3.72 -14.73 -5.80
N TYR C 485 2.95 -15.82 -5.74
CA TYR C 485 1.57 -15.77 -5.28
C TYR C 485 1.53 -15.31 -3.82
N PRO C 486 0.49 -14.56 -3.42
CA PRO C 486 -0.65 -14.07 -4.21
C PRO C 486 -0.40 -12.74 -4.92
N ALA C 487 0.82 -12.21 -4.83
CA ALA C 487 1.12 -10.94 -5.48
C ALA C 487 1.00 -11.06 -7.00
N THR C 488 1.48 -12.17 -7.55
CA THR C 488 1.42 -12.47 -8.98
C THR C 488 0.50 -13.66 -9.22
N PRO C 489 0.09 -13.91 -10.47
CA PRO C 489 -0.70 -15.11 -10.77
C PRO C 489 -0.04 -16.39 -10.28
N LEU C 490 -0.84 -17.46 -10.16
CA LEU C 490 -0.34 -18.70 -9.57
C LEU C 490 0.81 -19.28 -10.38
N ILE C 491 0.66 -19.31 -11.71
CA ILE C 491 1.69 -19.91 -12.55
C ILE C 491 2.94 -19.03 -12.59
N GLU C 492 2.75 -17.71 -12.67
CA GLU C 492 3.86 -16.78 -12.89
C GLU C 492 4.46 -16.35 -11.56
N SER C 493 5.58 -16.97 -11.19
CA SER C 493 6.45 -16.48 -10.13
C SER C 493 7.74 -16.00 -10.78
N ARG C 494 8.18 -14.79 -10.42
CA ARG C 494 9.23 -14.16 -11.20
C ARG C 494 10.26 -13.51 -10.29
N VAL C 495 11.37 -13.11 -10.92
CA VAL C 495 12.45 -12.36 -10.30
C VAL C 495 12.63 -11.06 -11.08
N ARG C 496 12.72 -9.95 -10.37
CA ARG C 496 12.71 -8.63 -10.97
C ARG C 496 14.12 -8.05 -10.96
N PHE C 497 14.59 -7.62 -12.14
CA PHE C 497 15.86 -6.92 -12.26
C PHE C 497 15.58 -5.42 -12.47
N CYS C 498 16.17 -4.60 -11.62
CA CYS C 498 16.08 -3.14 -11.74
C CYS C 498 17.47 -2.62 -12.10
N MET C 499 17.59 -2.02 -13.28
CA MET C 499 18.87 -1.54 -13.77
C MET C 499 19.12 -0.11 -13.33
N SER C 500 20.39 0.26 -13.25
CA SER C 500 20.83 1.58 -12.85
C SER C 500 21.73 2.16 -13.94
N ALA C 501 21.84 3.49 -13.95
CA ALA C 501 22.73 4.15 -14.90
C ALA C 501 24.18 4.12 -14.45
N SER C 502 24.45 3.61 -13.25
CA SER C 502 25.80 3.55 -12.72
C SER C 502 26.54 2.26 -13.08
N LEU C 503 25.82 1.20 -13.42
CA LEU C 503 26.46 -0.07 -13.70
C LEU C 503 27.25 0.01 -15.00
N THR C 504 28.30 -0.81 -15.07
CA THR C 504 29.23 -0.83 -16.19
C THR C 504 29.05 -2.13 -16.97
N LYS C 505 29.46 -2.12 -18.24
CA LYS C 505 29.25 -3.27 -19.12
C LYS C 505 29.95 -4.53 -18.58
N GLU C 506 31.12 -4.36 -17.95
CA GLU C 506 31.82 -5.52 -17.40
C GLU C 506 31.03 -6.18 -16.29
N ASP C 507 30.37 -5.38 -15.44
CA ASP C 507 29.49 -5.93 -14.43
C ASP C 507 28.35 -6.70 -15.07
N ILE C 508 27.83 -6.19 -16.19
CA ILE C 508 26.75 -6.88 -16.89
C ILE C 508 27.25 -8.22 -17.44
N ASP C 509 28.47 -8.26 -17.96
CA ASP C 509 29.03 -9.53 -18.44
C ASP C 509 29.20 -10.53 -17.31
N TYR C 510 29.72 -10.07 -16.17
CA TYR C 510 29.86 -10.95 -15.00
C TYR C 510 28.51 -11.51 -14.57
N LEU C 511 27.50 -10.63 -14.50
CA LEU C 511 26.15 -11.08 -14.16
C LEU C 511 25.62 -12.07 -15.18
N LEU C 512 25.87 -11.81 -16.47
CA LEU C 512 25.36 -12.69 -17.51
C LEU C 512 25.97 -14.08 -17.40
N ARG C 513 27.28 -14.16 -17.17
CA ARG C 513 27.92 -15.46 -17.02
C ARG C 513 27.35 -16.23 -15.83
N HIS C 514 27.22 -15.54 -14.69
CA HIS C 514 26.73 -16.24 -13.49
C HIS C 514 25.28 -16.68 -13.65
N VAL C 515 24.43 -15.82 -14.23
CA VAL C 515 23.03 -16.18 -14.45
C VAL C 515 22.92 -17.32 -15.43
N SER C 516 23.73 -17.31 -16.49
CA SER C 516 23.69 -18.40 -17.46
C SER C 516 24.03 -19.73 -16.80
N GLU C 517 25.09 -19.76 -15.99
CA GLU C 517 25.46 -21.01 -15.33
C GLU C 517 24.39 -21.46 -14.34
N VAL C 518 23.84 -20.54 -13.56
CA VAL C 518 22.82 -20.92 -12.57
C VAL C 518 21.58 -21.45 -13.26
N GLY C 519 21.14 -20.77 -14.33
CA GLY C 519 19.97 -21.25 -15.06
C GLY C 519 20.20 -22.58 -15.73
N ASP C 520 21.43 -22.80 -16.23
CA ASP C 520 21.75 -24.11 -16.80
C ASP C 520 21.68 -25.20 -15.75
N LYS C 521 22.16 -24.91 -14.53
CA LYS C 521 22.07 -25.89 -13.45
C LYS C 521 20.63 -26.16 -13.06
N LEU C 522 19.80 -25.11 -12.98
CA LEU C 522 18.43 -25.23 -12.49
C LEU C 522 17.42 -25.52 -13.59
N ASN C 523 17.83 -25.62 -14.84
CA ASN C 523 16.95 -25.90 -15.97
C ASN C 523 15.85 -24.83 -16.08
N LEU C 524 16.28 -23.60 -16.31
CA LEU C 524 15.38 -22.46 -16.44
C LEU C 524 15.23 -21.96 -17.86
N LYS C 525 15.91 -22.57 -18.83
CA LYS C 525 15.85 -22.14 -20.22
C LYS C 525 14.67 -22.82 -20.91
N SER C 526 13.61 -22.06 -21.15
CA SER C 526 12.41 -22.58 -21.81
C SER C 526 11.90 -21.50 -22.77
N ASN C 527 12.32 -21.57 -24.03
CA ASN C 527 11.96 -20.61 -25.05
C ASN C 527 11.32 -21.35 -26.22
N SER C 528 10.19 -20.84 -26.69
CA SER C 528 9.40 -21.51 -27.72
C SER C 528 9.69 -20.99 -29.12
N GLY C 529 10.65 -20.08 -29.28
CA GLY C 529 10.97 -19.55 -30.59
C GLY C 529 10.13 -18.38 -31.04
N LYS C 530 9.13 -17.97 -30.25
CA LYS C 530 8.38 -16.77 -30.57
C LYS C 530 9.08 -15.50 -30.13
N SER C 531 10.13 -15.62 -29.31
CA SER C 531 10.86 -14.44 -28.86
C SER C 531 11.77 -13.89 -29.94
N SER C 532 12.33 -14.76 -30.78
CA SER C 532 13.21 -14.33 -31.85
C SER C 532 12.42 -13.67 -32.97
N TYR C 533 13.08 -12.77 -33.70
CA TYR C 533 12.44 -12.09 -34.82
C TYR C 533 12.37 -12.96 -36.07
N ASP C 534 13.20 -14.00 -36.17
CA ASP C 534 13.21 -14.89 -37.32
C ASP C 534 12.47 -16.20 -37.04
N GLY C 535 11.82 -16.33 -35.90
CA GLY C 535 11.00 -17.49 -35.61
C GLY C 535 11.72 -18.81 -35.50
N LYS C 536 12.84 -18.86 -34.78
CA LYS C 536 13.55 -20.10 -34.52
C LYS C 536 14.04 -20.12 -33.09
N ARG C 537 14.24 -21.33 -32.56
CA ARG C 537 14.76 -21.46 -31.21
C ARG C 537 16.20 -20.96 -31.15
N GLN C 538 16.55 -20.30 -30.04
CA GLN C 538 17.88 -19.73 -29.85
C GLN C 538 18.49 -20.34 -28.60
N ARG C 539 19.57 -21.10 -28.78
CA ARG C 539 20.38 -21.63 -27.69
C ARG C 539 21.84 -21.30 -28.04
N TRP C 540 22.27 -20.10 -27.67
CA TRP C 540 23.58 -19.61 -28.06
C TRP C 540 24.61 -19.90 -26.97
N ASP C 541 25.88 -19.76 -27.35
CA ASP C 541 26.97 -19.86 -26.40
C ASP C 541 27.20 -18.50 -25.74
N ILE C 542 27.70 -18.53 -24.50
CA ILE C 542 27.89 -17.30 -23.74
C ILE C 542 28.93 -16.41 -24.40
N GLU C 543 30.03 -17.00 -24.89
CA GLU C 543 31.08 -16.20 -25.50
C GLU C 543 30.59 -15.50 -26.77
N GLU C 544 29.84 -16.22 -27.61
CA GLU C 544 29.31 -15.61 -28.82
C GLU C 544 28.33 -14.50 -28.51
N VAL C 545 27.47 -14.70 -27.51
CA VAL C 545 26.54 -13.66 -27.09
C VAL C 545 27.30 -12.42 -26.64
N ILE C 546 28.31 -12.60 -25.80
CA ILE C 546 29.07 -11.46 -25.29
C ILE C 546 29.80 -10.76 -26.42
N ARG C 547 30.28 -11.51 -27.40
CA ARG C 547 31.05 -10.91 -28.49
C ARG C 547 30.16 -10.18 -29.50
N ARG C 548 28.93 -10.62 -29.70
CA ARG C 548 28.10 -10.07 -30.78
C ARG C 548 26.96 -9.16 -30.33
N THR C 549 26.43 -9.33 -29.13
CA THR C 549 25.27 -8.56 -28.70
C THR C 549 25.50 -7.05 -28.64
N PRO C 550 26.61 -6.53 -28.11
CA PRO C 550 26.73 -5.06 -27.97
C PRO C 550 26.61 -4.31 -29.30
N GLU C 551 27.11 -4.88 -30.40
CA GLU C 551 27.03 -4.19 -31.67
C GLU C 551 25.62 -4.21 -32.24
N ASP C 552 24.92 -5.34 -32.11
CA ASP C 552 23.57 -5.49 -32.64
C ASP C 552 22.51 -4.94 -31.71
N CYS C 553 22.89 -4.46 -30.52
CA CYS C 553 21.92 -3.92 -29.57
C CYS C 553 21.27 -2.65 -30.08
N LYS C 554 21.95 -1.90 -30.95
CA LYS C 554 21.41 -0.62 -31.40
C LYS C 554 20.25 -0.79 -32.36
N ASP C 555 20.32 -1.80 -33.24
CA ASP C 555 19.27 -2.00 -34.22
C ASP C 555 17.95 -2.37 -33.54
N ASP C 556 16.86 -1.80 -34.04
CA ASP C 556 15.53 -2.01 -33.48
C ASP C 556 14.76 -3.13 -34.17
N LYS C 557 15.38 -3.81 -35.16
CA LYS C 557 14.71 -4.89 -35.86
C LYS C 557 14.81 -6.22 -35.14
N TYR C 558 15.59 -6.31 -34.07
CA TYR C 558 15.78 -7.55 -33.34
C TYR C 558 14.83 -7.71 -32.16
N PHE C 559 13.94 -6.75 -31.94
CA PHE C 559 13.00 -6.78 -30.83
C PHE C 559 11.59 -6.98 -31.36
N VAL C 560 10.90 -8.01 -30.87
CA VAL C 560 9.53 -8.25 -31.30
C VAL C 560 8.59 -7.17 -30.77
N ASN C 561 8.83 -6.72 -29.55
CA ASN C 561 7.99 -5.68 -28.94
C ASN C 561 8.82 -4.72 -28.11
N HIS D 4 41.12 2.45 -12.27
CA HIS D 4 39.93 2.51 -11.43
C HIS D 4 39.74 1.22 -10.65
N LYS D 5 39.95 1.29 -9.34
CA LYS D 5 39.85 0.14 -8.45
C LYS D 5 38.79 0.40 -7.39
N SER D 6 37.97 -0.61 -7.12
CA SER D 6 36.92 -0.52 -6.11
C SER D 6 37.06 -1.68 -5.14
N SER D 7 36.62 -1.46 -3.90
CA SER D 7 36.74 -2.46 -2.84
C SER D 7 35.62 -3.49 -2.99
N MET D 8 35.75 -4.30 -4.03
CA MET D 8 34.82 -5.37 -4.33
C MET D 8 35.58 -6.66 -4.60
N VAL D 9 35.08 -7.76 -4.04
CA VAL D 9 35.68 -9.08 -4.21
C VAL D 9 34.86 -9.86 -5.22
N TYR D 10 35.54 -10.51 -6.16
CA TYR D 10 34.89 -11.26 -7.23
C TYR D 10 35.04 -12.75 -6.97
N ILE D 11 33.92 -13.47 -7.02
CA ILE D 11 33.91 -14.92 -6.77
C ILE D 11 34.20 -15.63 -8.09
N PRO D 12 35.23 -16.45 -8.17
CA PRO D 12 35.50 -17.18 -9.43
C PRO D 12 34.33 -18.06 -9.82
N THR D 13 34.10 -18.15 -11.14
CA THR D 13 33.02 -18.96 -11.67
C THR D 13 33.43 -20.43 -11.69
N THR D 14 32.52 -21.31 -11.27
CA THR D 14 32.80 -22.74 -11.38
C THR D 14 32.87 -23.14 -12.84
N LYS D 15 33.66 -24.19 -13.11
CA LYS D 15 34.00 -24.67 -14.45
C LYS D 15 34.85 -23.69 -15.24
N GLU D 16 35.31 -22.60 -14.61
CA GLU D 16 36.13 -21.58 -15.28
C GLU D 16 37.13 -21.06 -14.25
N ALA D 17 38.34 -21.61 -14.30
CA ALA D 17 39.43 -21.27 -13.38
C ALA D 17 39.09 -21.69 -11.95
N LYS D 18 37.99 -22.41 -11.76
CA LYS D 18 37.67 -23.04 -10.49
C LYS D 18 37.93 -24.54 -10.53
N ARG D 19 37.42 -25.22 -11.55
CA ARG D 19 37.70 -26.62 -11.80
C ARG D 19 38.84 -26.79 -12.82
N ARG D 20 39.64 -25.75 -13.02
CA ARG D 20 40.72 -25.79 -13.99
C ARG D 20 42.08 -25.72 -13.30
N ASN D 21 42.28 -24.70 -12.46
CA ASN D 21 43.58 -24.52 -11.83
C ASN D 21 43.71 -25.35 -10.55
N GLY D 22 42.72 -25.25 -9.65
CA GLY D 22 42.84 -25.93 -8.38
C GLY D 22 42.86 -27.44 -8.50
N LYS D 23 41.90 -28.01 -9.21
CA LYS D 23 41.81 -29.44 -9.41
C LYS D 23 41.27 -29.69 -10.82
N SER D 24 41.52 -30.89 -11.33
CA SER D 24 41.16 -31.23 -12.70
C SER D 24 40.33 -32.51 -12.77
N GLU D 25 39.46 -32.73 -11.79
CA GLU D 25 38.60 -33.90 -11.76
C GLU D 25 37.14 -33.46 -11.91
N GLY D 26 36.52 -33.87 -13.02
CA GLY D 26 35.14 -33.52 -13.29
C GLY D 26 34.35 -34.61 -13.99
N ILE D 27 34.81 -35.85 -13.90
CA ILE D 27 34.21 -36.95 -14.64
C ILE D 27 33.62 -37.96 -13.66
N LEU D 28 32.68 -38.77 -14.17
CA LEU D 28 32.00 -39.86 -13.47
C LEU D 28 31.06 -39.38 -12.38
N ASN D 29 30.87 -38.07 -12.21
CA ASN D 29 29.97 -37.55 -11.19
C ASN D 29 28.96 -36.54 -11.74
N THR D 30 29.09 -36.11 -12.99
CA THR D 30 28.17 -35.13 -13.54
C THR D 30 26.76 -35.70 -13.68
N ILE D 31 26.65 -36.97 -14.10
CA ILE D 31 25.35 -37.56 -14.35
C ILE D 31 24.55 -37.69 -13.06
N GLU D 32 25.19 -38.19 -12.00
CA GLU D 32 24.50 -38.33 -10.72
C GLU D 32 24.10 -36.98 -10.17
N GLU D 33 24.98 -35.98 -10.28
CA GLU D 33 24.66 -34.63 -9.83
C GLU D 33 23.47 -34.07 -10.57
N VAL D 34 23.43 -34.25 -11.90
CA VAL D 34 22.32 -33.75 -12.71
C VAL D 34 21.02 -34.43 -12.30
N VAL D 35 21.06 -35.76 -12.13
CA VAL D 35 19.85 -36.50 -11.77
C VAL D 35 19.33 -36.04 -10.40
N GLU D 36 20.24 -35.91 -9.42
CA GLU D 36 19.83 -35.48 -8.09
C GLU D 36 19.27 -34.07 -8.11
N LYS D 37 19.91 -33.16 -8.85
CA LYS D 37 19.43 -31.78 -8.90
C LYS D 37 18.05 -31.71 -9.54
N LEU D 38 17.84 -32.45 -10.63
CA LEU D 38 16.52 -32.46 -11.27
C LEU D 38 15.46 -33.00 -10.32
N TYR D 39 15.76 -34.13 -9.68
CA TYR D 39 14.78 -34.75 -8.78
C TYR D 39 14.44 -33.83 -7.61
N TRP D 40 15.45 -33.14 -7.06
CA TRP D 40 15.19 -32.28 -5.91
C TRP D 40 14.47 -30.99 -6.32
N THR D 41 14.85 -30.38 -7.43
CA THR D 41 14.26 -29.10 -7.81
C THR D 41 12.87 -29.24 -8.39
N TYR D 42 12.56 -30.35 -9.06
CA TYR D 42 11.25 -30.51 -9.66
C TYR D 42 10.20 -31.03 -8.69
N TYR D 43 10.57 -31.29 -7.44
CA TYR D 43 9.61 -31.69 -6.42
C TYR D 43 9.65 -30.70 -5.25
N ILE D 44 8.52 -30.57 -4.56
CA ILE D 44 8.38 -29.61 -3.48
C ILE D 44 9.03 -30.19 -2.23
N HIS D 45 10.21 -29.70 -1.90
CA HIS D 45 10.96 -30.19 -0.75
C HIS D 45 11.46 -29.11 0.18
N LEU D 46 11.86 -27.96 -0.35
CA LEU D 46 12.42 -26.90 0.50
C LEU D 46 11.43 -26.36 1.52
N PRO D 47 10.18 -26.04 1.17
CA PRO D 47 9.23 -25.55 2.20
C PRO D 47 8.79 -26.62 3.20
N PHE D 48 9.35 -27.83 3.15
CA PHE D 48 9.02 -28.86 4.11
C PHE D 48 10.03 -28.86 5.26
N TYR D 49 9.77 -29.71 6.27
CA TYR D 49 10.78 -29.87 7.38
C TYR D 49 11.20 -31.35 7.67
N LEU D 50 10.32 -32.19 8.21
CA LEU D 50 10.59 -33.64 8.41
C LEU D 50 9.41 -34.51 7.84
N MET D 51 8.54 -33.88 7.05
CA MET D 51 7.51 -34.63 6.30
C MET D 51 8.26 -34.85 5.00
N ALA D 52 9.40 -34.17 4.81
CA ALA D 52 10.27 -34.37 3.64
C ALA D 52 10.82 -35.80 3.69
N SER D 53 11.45 -36.19 4.79
CA SER D 53 11.85 -37.60 4.96
C SER D 53 10.65 -38.49 4.68
N PHE D 54 9.54 -38.19 5.34
CA PHE D 54 8.50 -39.23 5.07
C PHE D 54 8.18 -39.36 3.56
N ASP D 55 8.04 -38.26 2.80
CA ASP D 55 7.74 -38.30 1.34
C ASP D 55 8.85 -38.97 0.51
N SER D 56 10.13 -38.72 0.81
CA SER D 56 11.20 -39.43 0.07
C SER D 56 11.05 -40.93 0.32
N PHE D 57 10.79 -41.33 1.56
CA PHE D 57 10.56 -42.79 1.74
C PHE D 57 9.37 -43.25 0.88
N PHE D 58 8.23 -42.57 0.96
CA PHE D 58 7.09 -42.92 0.08
C PHE D 58 7.56 -43.17 -1.36
N LEU D 59 8.26 -42.20 -1.98
CA LEU D 59 8.63 -42.35 -3.42
C LEU D 59 9.57 -43.54 -3.62
N HIS D 60 10.57 -43.71 -2.76
CA HIS D 60 11.43 -44.92 -2.91
C HIS D 60 10.62 -46.22 -2.82
N VAL D 61 9.64 -46.29 -1.91
CA VAL D 61 8.78 -47.50 -1.81
C VAL D 61 7.98 -47.67 -3.10
N PHE D 62 7.31 -46.63 -3.60
CA PHE D 62 6.59 -46.81 -4.89
C PHE D 62 7.60 -47.43 -5.85
N PHE D 63 8.79 -46.83 -5.97
CA PHE D 63 9.76 -47.34 -6.96
C PHE D 63 9.96 -48.83 -6.74
N LEU D 64 10.46 -49.26 -5.58
CA LEU D 64 10.72 -50.72 -5.42
C LEU D 64 9.50 -51.55 -5.80
N THR D 65 8.33 -51.28 -5.19
CA THR D 65 7.17 -52.16 -5.46
C THR D 65 6.85 -52.20 -6.95
N ILE D 66 6.78 -51.05 -7.63
CA ILE D 66 6.36 -51.04 -9.07
C ILE D 66 7.41 -51.72 -9.92
N PHE D 67 8.68 -51.53 -9.58
CA PHE D 67 9.72 -52.23 -10.34
C PHE D 67 9.50 -53.73 -10.21
N SER D 68 9.37 -54.24 -8.99
CA SER D 68 9.28 -55.71 -8.80
C SER D 68 9.46 -56.41 -10.15
#